data_5H20
# 
_entry.id   5H20 
# 
_audit_conform.dict_name       mmcif_pdbx.dic 
_audit_conform.dict_version    5.380 
_audit_conform.dict_location   http://mmcif.pdb.org/dictionaries/ascii/mmcif_pdbx.dic 
# 
loop_
_database_2.database_id 
_database_2.database_code 
_database_2.pdbx_database_accession 
_database_2.pdbx_DOI 
PDB   5H20         pdb_00005h20 10.2210/pdb5h20/pdb 
WWPDB D_1300001863 ?            ?                   
# 
_pdbx_database_status.status_code                     REL 
_pdbx_database_status.status_code_sf                  REL 
_pdbx_database_status.status_code_mr                  ? 
_pdbx_database_status.entry_id                        5H20 
_pdbx_database_status.recvd_initial_deposition_date   2016-10-13 
_pdbx_database_status.SG_entry                        N 
_pdbx_database_status.deposit_site                    PDBJ 
_pdbx_database_status.process_site                    PDBJ 
_pdbx_database_status.status_code_cs                  ? 
_pdbx_database_status.methods_development_category    ? 
_pdbx_database_status.pdb_format_compatible           Y 
_pdbx_database_status.status_code_nmr_data            ? 
# 
loop_
_audit_author.name 
_audit_author.pdbx_ordinal 
_audit_author.identifier_ORCID 
'Lee, C.'  1 ? 
'Hong, M.' 2 ? 
# 
_citation.abstract                  ? 
_citation.abstract_id_CAS           ? 
_citation.book_id_ISBN              ? 
_citation.book_publisher            ? 
_citation.book_publisher_city       ? 
_citation.book_title                ? 
_citation.coordinate_linkage        ? 
_citation.country                   US 
_citation.database_id_Medline       ? 
_citation.details                   ? 
_citation.id                        primary 
_citation.journal_abbrev            'Biochem. Biophys. Res. Commun.' 
_citation.journal_id_ASTM           BBRCA9 
_citation.journal_id_CSD            0146 
_citation.journal_id_ISSN           1090-2104 
_citation.journal_full              ? 
_citation.journal_issue             ? 
_citation.journal_volume            483 
_citation.language                  ? 
_citation.page_first                264 
_citation.page_last                 270 
_citation.title                     
'Structural and functional analysis of BF2549, a PadR-like transcription factor from Bacteroides fragilis.' 
_citation.year                      2017 
_citation.database_id_CSD           ? 
_citation.pdbx_database_id_DOI      10.1016/j.bbrc.2016.12.155 
_citation.pdbx_database_id_PubMed   28027933 
_citation.unpublished_flag          ? 
# 
loop_
_citation_author.citation_id 
_citation_author.name 
_citation_author.ordinal 
_citation_author.identifier_ORCID 
primary 'Lee, C.'   1 ? 
primary 'Kim, M.I.' 2 ? 
primary 'Hong, M.'  3 ? 
# 
_cell.angle_alpha                  90.000 
_cell.angle_alpha_esd              ? 
_cell.angle_beta                   90.000 
_cell.angle_beta_esd               ? 
_cell.angle_gamma                  120.000 
_cell.angle_gamma_esd              ? 
_cell.entry_id                     5H20 
_cell.details                      ? 
_cell.formula_units_Z              ? 
_cell.length_a                     72.890 
_cell.length_a_esd                 ? 
_cell.length_b                     72.890 
_cell.length_b_esd                 ? 
_cell.length_c                     84.141 
_cell.length_c_esd                 ? 
_cell.volume                       ? 
_cell.volume_esd                   ? 
_cell.Z_PDB                        6 
_cell.reciprocal_angle_alpha       ? 
_cell.reciprocal_angle_beta        ? 
_cell.reciprocal_angle_gamma       ? 
_cell.reciprocal_angle_alpha_esd   ? 
_cell.reciprocal_angle_beta_esd    ? 
_cell.reciprocal_angle_gamma_esd   ? 
_cell.reciprocal_length_a          ? 
_cell.reciprocal_length_b          ? 
_cell.reciprocal_length_c          ? 
_cell.reciprocal_length_a_esd      ? 
_cell.reciprocal_length_b_esd      ? 
_cell.reciprocal_length_c_esd      ? 
_cell.pdbx_unique_axis             ? 
# 
_symmetry.entry_id                         5H20 
_symmetry.cell_setting                     ? 
_symmetry.Int_Tables_number                154 
_symmetry.space_group_name_Hall            ? 
_symmetry.space_group_name_H-M             'P 32 2 1' 
_symmetry.pdbx_full_space_group_name_H-M   ? 
# 
loop_
_entity.id 
_entity.type 
_entity.src_method 
_entity.pdbx_description 
_entity.formula_weight 
_entity.pdbx_number_of_molecules 
_entity.pdbx_ec 
_entity.pdbx_mutation 
_entity.pdbx_fragment 
_entity.details 
1 polymer     man 'Putative PadR-family transcriptional regulatory protein' 12862.837 1  ? ? ? ? 
2 non-polymer syn 'PHOSPHATE ION'                                           94.971    3  ? ? ? ? 
3 non-polymer man alpha-D-glucopyranose                                     180.156   1  ? ? ? ? 
4 non-polymer syn 'ISOPROPYL ALCOHOL'                                       60.095    2  ? ? ? ? 
5 water       nat water                                                     18.015    20 ? ? ? ? 
# 
_entity_poly.entity_id                      1 
_entity_poly.type                           'polypeptide(L)' 
_entity_poly.nstd_linkage                   no 
_entity_poly.nstd_monomer                   no 
_entity_poly.pdbx_seq_one_letter_code       
;MNVDNVKSQMRKGMLEYCIMLLLHKEPAYASDIIQKLKEARLIVVEGTLYPLLTRLKNDDLLSYEWVESTQGPPRKYYKL
TGKGESFLGELEASWKELNETVNHIANRESI
;
_entity_poly.pdbx_seq_one_letter_code_can   
;MNVDNVKSQMRKGMLEYCIMLLLHKEPAYASDIIQKLKEARLIVVEGTLYPLLTRLKNDDLLSYEWVESTQGPPRKYYKL
TGKGESFLGELEASWKELNETVNHIANRESI
;
_entity_poly.pdbx_strand_id                 A 
_entity_poly.pdbx_target_identifier         ? 
# 
loop_
_entity_poly_seq.entity_id 
_entity_poly_seq.num 
_entity_poly_seq.mon_id 
_entity_poly_seq.hetero 
1 1   MET n 
1 2   ASN n 
1 3   VAL n 
1 4   ASP n 
1 5   ASN n 
1 6   VAL n 
1 7   LYS n 
1 8   SER n 
1 9   GLN n 
1 10  MET n 
1 11  ARG n 
1 12  LYS n 
1 13  GLY n 
1 14  MET n 
1 15  LEU n 
1 16  GLU n 
1 17  TYR n 
1 18  CYS n 
1 19  ILE n 
1 20  MET n 
1 21  LEU n 
1 22  LEU n 
1 23  LEU n 
1 24  HIS n 
1 25  LYS n 
1 26  GLU n 
1 27  PRO n 
1 28  ALA n 
1 29  TYR n 
1 30  ALA n 
1 31  SER n 
1 32  ASP n 
1 33  ILE n 
1 34  ILE n 
1 35  GLN n 
1 36  LYS n 
1 37  LEU n 
1 38  LYS n 
1 39  GLU n 
1 40  ALA n 
1 41  ARG n 
1 42  LEU n 
1 43  ILE n 
1 44  VAL n 
1 45  VAL n 
1 46  GLU n 
1 47  GLY n 
1 48  THR n 
1 49  LEU n 
1 50  TYR n 
1 51  PRO n 
1 52  LEU n 
1 53  LEU n 
1 54  THR n 
1 55  ARG n 
1 56  LEU n 
1 57  LYS n 
1 58  ASN n 
1 59  ASP n 
1 60  ASP n 
1 61  LEU n 
1 62  LEU n 
1 63  SER n 
1 64  TYR n 
1 65  GLU n 
1 66  TRP n 
1 67  VAL n 
1 68  GLU n 
1 69  SER n 
1 70  THR n 
1 71  GLN n 
1 72  GLY n 
1 73  PRO n 
1 74  PRO n 
1 75  ARG n 
1 76  LYS n 
1 77  TYR n 
1 78  TYR n 
1 79  LYS n 
1 80  LEU n 
1 81  THR n 
1 82  GLY n 
1 83  LYS n 
1 84  GLY n 
1 85  GLU n 
1 86  SER n 
1 87  PHE n 
1 88  LEU n 
1 89  GLY n 
1 90  GLU n 
1 91  LEU n 
1 92  GLU n 
1 93  ALA n 
1 94  SER n 
1 95  TRP n 
1 96  LYS n 
1 97  GLU n 
1 98  LEU n 
1 99  ASN n 
1 100 GLU n 
1 101 THR n 
1 102 VAL n 
1 103 ASN n 
1 104 HIS n 
1 105 ILE n 
1 106 ALA n 
1 107 ASN n 
1 108 ARG n 
1 109 GLU n 
1 110 SER n 
1 111 ILE n 
# 
_entity_src_gen.entity_id                          1 
_entity_src_gen.pdbx_src_id                        1 
_entity_src_gen.pdbx_alt_source_flag               sample 
_entity_src_gen.pdbx_seq_type                      'Biological sequence' 
_entity_src_gen.pdbx_beg_seq_num                   1 
_entity_src_gen.pdbx_end_seq_num                   111 
_entity_src_gen.gene_src_common_name               ? 
_entity_src_gen.gene_src_genus                     ? 
_entity_src_gen.pdbx_gene_src_gene                 BF9343_2549 
_entity_src_gen.gene_src_species                   ? 
_entity_src_gen.gene_src_strain                    'ATCC 25285 / DSM 2151 / JCM 11019 / NCTC 9343' 
_entity_src_gen.gene_src_tissue                    ? 
_entity_src_gen.gene_src_tissue_fraction           ? 
_entity_src_gen.gene_src_details                   ? 
_entity_src_gen.pdbx_gene_src_fragment             ? 
_entity_src_gen.pdbx_gene_src_scientific_name      'Bacteroides fragilis' 
_entity_src_gen.pdbx_gene_src_ncbi_taxonomy_id     272559 
_entity_src_gen.pdbx_gene_src_variant              ? 
_entity_src_gen.pdbx_gene_src_cell_line            ? 
_entity_src_gen.pdbx_gene_src_atcc                 ? 
_entity_src_gen.pdbx_gene_src_organ                ? 
_entity_src_gen.pdbx_gene_src_organelle            ? 
_entity_src_gen.pdbx_gene_src_cell                 ? 
_entity_src_gen.pdbx_gene_src_cellular_location    ? 
_entity_src_gen.host_org_common_name               ? 
_entity_src_gen.pdbx_host_org_scientific_name      'Escherichia coli' 
_entity_src_gen.pdbx_host_org_ncbi_taxonomy_id     562 
_entity_src_gen.host_org_genus                     ? 
_entity_src_gen.pdbx_host_org_gene                 ? 
_entity_src_gen.pdbx_host_org_organ                ? 
_entity_src_gen.host_org_species                   ? 
_entity_src_gen.pdbx_host_org_tissue               ? 
_entity_src_gen.pdbx_host_org_tissue_fraction      ? 
_entity_src_gen.pdbx_host_org_strain               ? 
_entity_src_gen.pdbx_host_org_variant              ? 
_entity_src_gen.pdbx_host_org_cell_line            ? 
_entity_src_gen.pdbx_host_org_atcc                 ? 
_entity_src_gen.pdbx_host_org_culture_collection   ? 
_entity_src_gen.pdbx_host_org_cell                 ? 
_entity_src_gen.pdbx_host_org_organelle            ? 
_entity_src_gen.pdbx_host_org_cellular_location    ? 
_entity_src_gen.pdbx_host_org_vector_type          ? 
_entity_src_gen.pdbx_host_org_vector               ? 
_entity_src_gen.host_org_details                   ? 
_entity_src_gen.expression_system_id               ? 
_entity_src_gen.plasmid_name                       ? 
_entity_src_gen.plasmid_details                    ? 
_entity_src_gen.pdbx_description                   ? 
# 
_struct_ref.id                         1 
_struct_ref.db_name                    UNP 
_struct_ref.db_code                    Q5LC36_BACFN 
_struct_ref.pdbx_db_accession          Q5LC36 
_struct_ref.pdbx_db_isoform            ? 
_struct_ref.entity_id                  1 
_struct_ref.pdbx_seq_one_letter_code   
;MNVDNVKSQMRKGMLEYCIMLLLHKEPAYASDIIQKLKEARLIVVEGTLYPLLTRLKNDDLLSYEWVESTQGPPRKYYKL
TGKGESFLGELEASWKELNETVNHIANRESI
;
_struct_ref.pdbx_align_begin           1 
# 
_struct_ref_seq.align_id                      1 
_struct_ref_seq.ref_id                        1 
_struct_ref_seq.pdbx_PDB_id_code              5H20 
_struct_ref_seq.pdbx_strand_id                A 
_struct_ref_seq.seq_align_beg                 1 
_struct_ref_seq.pdbx_seq_align_beg_ins_code   ? 
_struct_ref_seq.seq_align_end                 111 
_struct_ref_seq.pdbx_seq_align_end_ins_code   ? 
_struct_ref_seq.pdbx_db_accession             Q5LC36 
_struct_ref_seq.db_align_beg                  1 
_struct_ref_seq.pdbx_db_align_beg_ins_code    ? 
_struct_ref_seq.db_align_end                  111 
_struct_ref_seq.pdbx_db_align_end_ins_code    ? 
_struct_ref_seq.pdbx_auth_seq_align_beg       1 
_struct_ref_seq.pdbx_auth_seq_align_end       111 
# 
loop_
_chem_comp.id 
_chem_comp.type 
_chem_comp.mon_nstd_flag 
_chem_comp.name 
_chem_comp.pdbx_synonyms 
_chem_comp.formula 
_chem_comp.formula_weight 
ALA 'L-peptide linking'           y ALANINE               ?                                     'C3 H7 N O2'     89.093  
ARG 'L-peptide linking'           y ARGININE              ?                                     'C6 H15 N4 O2 1' 175.209 
ASN 'L-peptide linking'           y ASPARAGINE            ?                                     'C4 H8 N2 O3'    132.118 
ASP 'L-peptide linking'           y 'ASPARTIC ACID'       ?                                     'C4 H7 N O4'     133.103 
CYS 'L-peptide linking'           y CYSTEINE              ?                                     'C3 H7 N O2 S'   121.158 
GLC 'D-saccharide, alpha linking' . alpha-D-glucopyranose 'alpha-D-glucose; D-glucose; glucose' 'C6 H12 O6'      180.156 
GLN 'L-peptide linking'           y GLUTAMINE             ?                                     'C5 H10 N2 O3'   146.144 
GLU 'L-peptide linking'           y 'GLUTAMIC ACID'       ?                                     'C5 H9 N O4'     147.129 
GLY 'peptide linking'             y GLYCINE               ?                                     'C2 H5 N O2'     75.067  
HIS 'L-peptide linking'           y HISTIDINE             ?                                     'C6 H10 N3 O2 1' 156.162 
HOH non-polymer                   . WATER                 ?                                     'H2 O'           18.015  
ILE 'L-peptide linking'           y ISOLEUCINE            ?                                     'C6 H13 N O2'    131.173 
IPA non-polymer                   . 'ISOPROPYL ALCOHOL'   2-PROPANOL                            'C3 H8 O'        60.095  
LEU 'L-peptide linking'           y LEUCINE               ?                                     'C6 H13 N O2'    131.173 
LYS 'L-peptide linking'           y LYSINE                ?                                     'C6 H15 N2 O2 1' 147.195 
MET 'L-peptide linking'           y METHIONINE            ?                                     'C5 H11 N O2 S'  149.211 
PHE 'L-peptide linking'           y PHENYLALANINE         ?                                     'C9 H11 N O2'    165.189 
PO4 non-polymer                   . 'PHOSPHATE ION'       ?                                     'O4 P -3'        94.971  
PRO 'L-peptide linking'           y PROLINE               ?                                     'C5 H9 N O2'     115.130 
SER 'L-peptide linking'           y SERINE                ?                                     'C3 H7 N O3'     105.093 
THR 'L-peptide linking'           y THREONINE             ?                                     'C4 H9 N O3'     119.119 
TRP 'L-peptide linking'           y TRYPTOPHAN            ?                                     'C11 H12 N2 O2'  204.225 
TYR 'L-peptide linking'           y TYROSINE              ?                                     'C9 H11 N O3'    181.189 
VAL 'L-peptide linking'           y VALINE                ?                                     'C5 H11 N O2'    117.146 
# 
_exptl.absorpt_coefficient_mu     ? 
_exptl.absorpt_correction_T_max   ? 
_exptl.absorpt_correction_T_min   ? 
_exptl.absorpt_correction_type    ? 
_exptl.absorpt_process_details    ? 
_exptl.entry_id                   5H20 
_exptl.crystals_number            1 
_exptl.details                    ? 
_exptl.method                     'X-RAY DIFFRACTION' 
_exptl.method_details             ? 
# 
_exptl_crystal.colour                      ? 
_exptl_crystal.density_diffrn              ? 
_exptl_crystal.density_Matthews            5.02 
_exptl_crystal.density_method              ? 
_exptl_crystal.density_percent_sol         ? 
_exptl_crystal.description                 ? 
_exptl_crystal.F_000                       ? 
_exptl_crystal.id                          1 
_exptl_crystal.preparation                 ? 
_exptl_crystal.size_max                    ? 
_exptl_crystal.size_mid                    ? 
_exptl_crystal.size_min                    ? 
_exptl_crystal.size_rad                    ? 
_exptl_crystal.colour_lustre               ? 
_exptl_crystal.colour_modifier             ? 
_exptl_crystal.colour_primary              ? 
_exptl_crystal.density_meas                ? 
_exptl_crystal.density_meas_esd            ? 
_exptl_crystal.density_meas_gt             ? 
_exptl_crystal.density_meas_lt             ? 
_exptl_crystal.density_meas_temp           ? 
_exptl_crystal.density_meas_temp_esd       ? 
_exptl_crystal.density_meas_temp_gt        ? 
_exptl_crystal.density_meas_temp_lt        ? 
_exptl_crystal.pdbx_crystal_image_url      ? 
_exptl_crystal.pdbx_crystal_image_format   ? 
_exptl_crystal.pdbx_mosaicity              ? 
_exptl_crystal.pdbx_mosaicity_esd          ? 
# 
_exptl_crystal_grow.apparatus       ? 
_exptl_crystal_grow.atmosphere      ? 
_exptl_crystal_grow.crystal_id      1 
_exptl_crystal_grow.details         ? 
_exptl_crystal_grow.method          'VAPOR DIFFUSION, SITTING DROP' 
_exptl_crystal_grow.method_ref      ? 
_exptl_crystal_grow.pH              ? 
_exptl_crystal_grow.pressure        ? 
_exptl_crystal_grow.pressure_esd    ? 
_exptl_crystal_grow.seeding         ? 
_exptl_crystal_grow.seeding_ref     ? 
_exptl_crystal_grow.temp            291.0 
_exptl_crystal_grow.temp_details    ? 
_exptl_crystal_grow.temp_esd        ? 
_exptl_crystal_grow.time            ? 
_exptl_crystal_grow.pdbx_details    '1.5 M Ammonium sulfate, 4 % Isopropanol' 
_exptl_crystal_grow.pdbx_pH_range   ? 
# 
_diffrn.ambient_environment    ? 
_diffrn.ambient_temp           ? 
_diffrn.ambient_temp_details   ? 
_diffrn.ambient_temp_esd       ? 
_diffrn.crystal_id             1 
_diffrn.crystal_support        ? 
_diffrn.crystal_treatment      ? 
_diffrn.details                ? 
_diffrn.id                     1 
_diffrn.ambient_pressure       ? 
_diffrn.ambient_pressure_esd   ? 
_diffrn.ambient_pressure_gt    ? 
_diffrn.ambient_pressure_lt    ? 
_diffrn.ambient_temp_gt        ? 
_diffrn.ambient_temp_lt        ? 
# 
_diffrn_detector.details                      ? 
_diffrn_detector.detector                     CCD 
_diffrn_detector.diffrn_id                    1 
_diffrn_detector.type                         'ADSC QUANTUM 1' 
_diffrn_detector.area_resol_mean              ? 
_diffrn_detector.dtime                        ? 
_diffrn_detector.pdbx_frames_total            ? 
_diffrn_detector.pdbx_collection_time_total   ? 
_diffrn_detector.pdbx_collection_date         2015-12-17 
# 
_diffrn_radiation.collimation                      ? 
_diffrn_radiation.diffrn_id                        1 
_diffrn_radiation.filter_edge                      ? 
_diffrn_radiation.inhomogeneity                    ? 
_diffrn_radiation.monochromator                    ? 
_diffrn_radiation.polarisn_norm                    ? 
_diffrn_radiation.polarisn_ratio                   ? 
_diffrn_radiation.probe                            ? 
_diffrn_radiation.type                             ? 
_diffrn_radiation.xray_symbol                      ? 
_diffrn_radiation.wavelength_id                    1 
_diffrn_radiation.pdbx_monochromatic_or_laue_m_l   M 
_diffrn_radiation.pdbx_wavelength_list             ? 
_diffrn_radiation.pdbx_wavelength                  ? 
_diffrn_radiation.pdbx_diffrn_protocol             'SINGLE WAVELENGTH' 
_diffrn_radiation.pdbx_analyzer                    ? 
_diffrn_radiation.pdbx_scattering_type             x-ray 
# 
_diffrn_radiation_wavelength.id           1 
_diffrn_radiation_wavelength.wavelength   1.00002 
_diffrn_radiation_wavelength.wt           1.0 
# 
_diffrn_source.current                     ? 
_diffrn_source.details                     ? 
_diffrn_source.diffrn_id                   1 
_diffrn_source.power                       ? 
_diffrn_source.size                        ? 
_diffrn_source.source                      SYNCHROTRON 
_diffrn_source.target                      ? 
_diffrn_source.type                        'PAL/PLS BEAMLINE 7A (6B, 6C1)' 
_diffrn_source.voltage                     ? 
_diffrn_source.take-off_angle              ? 
_diffrn_source.pdbx_wavelength_list        1.00002 
_diffrn_source.pdbx_wavelength             ? 
_diffrn_source.pdbx_synchrotron_beamline   '7A (6B, 6C1)' 
_diffrn_source.pdbx_synchrotron_site       PAL/PLS 
# 
_reflns.B_iso_Wilson_estimate            ? 
_reflns.entry_id                         5H20 
_reflns.data_reduction_details           ? 
_reflns.data_reduction_method            ? 
_reflns.d_resolution_high                2.400 
_reflns.d_resolution_low                 50.000 
_reflns.details                          ? 
_reflns.limit_h_max                      ? 
_reflns.limit_h_min                      ? 
_reflns.limit_k_max                      ? 
_reflns.limit_k_min                      ? 
_reflns.limit_l_max                      ? 
_reflns.limit_l_min                      ? 
_reflns.number_all                       ? 
_reflns.number_obs                       10398 
_reflns.observed_criterion               ? 
_reflns.observed_criterion_F_max         ? 
_reflns.observed_criterion_F_min         ? 
_reflns.observed_criterion_I_max         ? 
_reflns.observed_criterion_I_min         ? 
_reflns.observed_criterion_sigma_F       ? 
_reflns.observed_criterion_sigma_I       ? 
_reflns.percent_possible_obs             98.900 
_reflns.R_free_details                   ? 
_reflns.Rmerge_F_all                     ? 
_reflns.Rmerge_F_obs                     ? 
_reflns.Friedel_coverage                 ? 
_reflns.number_gt                        ? 
_reflns.threshold_expression             ? 
_reflns.pdbx_redundancy                  3.900 
_reflns.pdbx_Rmerge_I_obs                0.063 
_reflns.pdbx_Rmerge_I_all                ? 
_reflns.pdbx_Rsym_value                  ? 
_reflns.pdbx_netI_over_av_sigmaI         19.121 
_reflns.pdbx_netI_over_sigmaI            13.400 
_reflns.pdbx_res_netI_over_av_sigmaI_2   ? 
_reflns.pdbx_res_netI_over_sigmaI_2      ? 
_reflns.pdbx_chi_squared                 ? 
_reflns.pdbx_scaling_rejects             ? 
_reflns.pdbx_d_res_high_opt              ? 
_reflns.pdbx_d_res_low_opt               ? 
_reflns.pdbx_d_res_opt_method            ? 
_reflns.phase_calculation_details        ? 
_reflns.pdbx_Rrim_I_all                  ? 
_reflns.pdbx_Rpim_I_all                  ? 
_reflns.pdbx_d_opt                       ? 
_reflns.pdbx_number_measured_all         ? 
_reflns.pdbx_diffrn_id                   1 
_reflns.pdbx_ordinal                     1 
_reflns.pdbx_CC_half                     ? 
_reflns.pdbx_R_split                     ? 
# 
loop_
_reflns_shell.d_res_high 
_reflns_shell.d_res_low 
_reflns_shell.meanI_over_sigI_all 
_reflns_shell.meanI_over_sigI_obs 
_reflns_shell.number_measured_all 
_reflns_shell.number_measured_obs 
_reflns_shell.number_possible 
_reflns_shell.number_unique_all 
_reflns_shell.number_unique_obs 
_reflns_shell.percent_possible_all 
_reflns_shell.percent_possible_obs 
_reflns_shell.Rmerge_F_all 
_reflns_shell.Rmerge_F_obs 
_reflns_shell.Rmerge_I_all 
_reflns_shell.Rmerge_I_obs 
_reflns_shell.meanI_over_sigI_gt 
_reflns_shell.meanI_over_uI_all 
_reflns_shell.meanI_over_uI_gt 
_reflns_shell.number_measured_gt 
_reflns_shell.number_unique_gt 
_reflns_shell.percent_possible_gt 
_reflns_shell.Rmerge_F_gt 
_reflns_shell.Rmerge_I_gt 
_reflns_shell.pdbx_redundancy 
_reflns_shell.pdbx_Rsym_value 
_reflns_shell.pdbx_chi_squared 
_reflns_shell.pdbx_netI_over_sigmaI_all 
_reflns_shell.pdbx_netI_over_sigmaI_obs 
_reflns_shell.pdbx_Rrim_I_all 
_reflns_shell.pdbx_Rpim_I_all 
_reflns_shell.pdbx_rejects 
_reflns_shell.pdbx_ordinal 
_reflns_shell.pdbx_diffrn_id 
_reflns_shell.pdbx_CC_half 
_reflns_shell.pdbx_R_split 
2.400 2.440 ? ? ? ? ? ? ? 99.800  ? ? ? ? 0.392 ? ? ? ? ? ? ? ? 3.900 ? ? ? ? ? ? ? 1  1 0.925 ? 
2.440 2.490 ? ? ? ? ? ? ? 100.000 ? ? ? ? 0.332 ? ? ? ? ? ? ? ? 3.900 ? ? ? ? ? ? ? 2  1 0.960 ? 
2.490 2.530 ? ? ? ? ? ? ? 100.000 ? ? ? ? 0.302 ? ? ? ? ? ? ? ? 3.900 ? ? ? ? ? ? ? 3  1 0.939 ? 
2.530 2.590 ? ? ? ? ? ? ? 100.000 ? ? ? ? 0.224 ? ? ? ? ? ? ? ? 4.000 ? ? ? ? ? ? ? 4  1 0.977 ? 
2.590 2.640 ? ? ? ? ? ? ? 100.000 ? ? ? ? 0.219 ? ? ? ? ? ? ? ? 3.900 ? ? ? ? ? ? ? 5  1 0.976 ? 
2.640 2.700 ? ? ? ? ? ? ? 99.800  ? ? ? ? 0.195 ? ? ? ? ? ? ? ? 4.000 ? ? ? ? ? ? ? 6  1 0.977 ? 
2.700 2.770 ? ? ? ? ? ? ? 100.000 ? ? ? ? 0.170 ? ? ? ? ? ? ? ? 3.900 ? ? ? ? ? ? ? 7  1 0.970 ? 
2.770 2.850 ? ? ? ? ? ? ? 100.000 ? ? ? ? 0.139 ? ? ? ? ? ? ? ? 4.000 ? ? ? ? ? ? ? 8  1 0.976 ? 
2.850 2.930 ? ? ? ? ? ? ? 100.000 ? ? ? ? 0.130 ? ? ? ? ? ? ? ? 3.900 ? ? ? ? ? ? ? 9  1 0.986 ? 
2.930 3.020 ? ? ? ? ? ? ? 100.000 ? ? ? ? 0.112 ? ? ? ? ? ? ? ? 3.900 ? ? ? ? ? ? ? 10 1 0.984 ? 
3.020 3.130 ? ? ? ? ? ? ? 99.800  ? ? ? ? 0.102 ? ? ? ? ? ? ? ? 3.900 ? ? ? ? ? ? ? 11 1 0.979 ? 
3.130 3.260 ? ? ? ? ? ? ? 100.000 ? ? ? ? 0.095 ? ? ? ? ? ? ? ? 3.900 ? ? ? ? ? ? ? 12 1 0.982 ? 
3.260 3.410 ? ? ? ? ? ? ? 99.800  ? ? ? ? 0.081 ? ? ? ? ? ? ? ? 3.900 ? ? ? ? ? ? ? 13 1 0.991 ? 
3.410 3.580 ? ? ? ? ? ? ? 100.000 ? ? ? ? 0.075 ? ? ? ? ? ? ? ? 3.900 ? ? ? ? ? ? ? 14 1 0.988 ? 
3.580 3.810 ? ? ? ? ? ? ? 99.600  ? ? ? ? 0.059 ? ? ? ? ? ? ? ? 3.800 ? ? ? ? ? ? ? 15 1 0.994 ? 
3.810 4.100 ? ? ? ? ? ? ? 99.500  ? ? ? ? 0.052 ? ? ? ? ? ? ? ? 3.800 ? ? ? ? ? ? ? 16 1 0.995 ? 
4.100 4.520 ? ? ? ? ? ? ? 99.400  ? ? ? ? 0.047 ? ? ? ? ? ? ? ? 3.800 ? ? ? ? ? ? ? 17 1 0.995 ? 
4.520 5.170 ? ? ? ? ? ? ? 98.700  ? ? ? ? 0.045 ? ? ? ? ? ? ? ? 3.800 ? ? ? ? ? ? ? 18 1 0.993 ? 
5.170 6.510 ? ? ? ? ? ? ? 98.200  ? ? ? ? 0.043 ? ? ? ? ? ? ? ? 3.700 ? ? ? ? ? ? ? 19 1 0.993 ? 
2.5   2.55  ? ? ? ? ? ? ? 99.8    ? ? ? ? 0.063 ? ? ? ? ? ? ? ? 3.900 ? ? ? ? ? ? ? 20 1 0.977 ? 
# 
_refine.aniso_B[1][1]                            0.6500 
_refine.aniso_B[1][2]                            0.3200 
_refine.aniso_B[1][3]                            0.0000 
_refine.aniso_B[2][2]                            0.6500 
_refine.aniso_B[2][3]                            -0.0000 
_refine.aniso_B[3][3]                            -2.1000 
_refine.B_iso_max                                221.010 
_refine.B_iso_mean                               76 
_refine.B_iso_min                                45.080 
_refine.correlation_coeff_Fo_to_Fc               0.9030 
_refine.correlation_coeff_Fo_to_Fc_free          0.9160 
_refine.details                                  'U VALUES: WITH TLS ADDED' 
_refine.diff_density_max                         ? 
_refine.diff_density_max_esd                     ? 
_refine.diff_density_min                         ? 
_refine.diff_density_min_esd                     ? 
_refine.diff_density_rms                         ? 
_refine.diff_density_rms_esd                     ? 
_refine.entry_id                                 5H20 
_refine.pdbx_refine_id                           'X-RAY DIFFRACTION' 
_refine.ls_abs_structure_details                 ? 
_refine.ls_abs_structure_Flack                   ? 
_refine.ls_abs_structure_Flack_esd               ? 
_refine.ls_abs_structure_Rogers                  ? 
_refine.ls_abs_structure_Rogers_esd              ? 
_refine.ls_d_res_high                            2.5000 
_refine.ls_d_res_low                             50 
_refine.ls_extinction_coef                       ? 
_refine.ls_extinction_coef_esd                   ? 
_refine.ls_extinction_expression                 ? 
_refine.ls_extinction_method                     ? 
_refine.ls_goodness_of_fit_all                   ? 
_refine.ls_goodness_of_fit_all_esd               ? 
_refine.ls_goodness_of_fit_obs                   ? 
_refine.ls_goodness_of_fit_obs_esd               ? 
_refine.ls_hydrogen_treatment                    ? 
_refine.ls_matrix_type                           ? 
_refine.ls_number_constraints                    ? 
_refine.ls_number_parameters                     ? 
_refine.ls_number_reflns_all                     ? 
_refine.ls_number_reflns_obs                     8721 
_refine.ls_number_reflns_R_free                  472 
_refine.ls_number_reflns_R_work                  ? 
_refine.ls_number_restraints                     ? 
_refine.ls_percent_reflns_obs                    98.7200 
_refine.ls_percent_reflns_R_free                 5.1000 
_refine.ls_R_factor_all                          ? 
_refine.ls_R_factor_obs                          0.2648 
_refine.ls_R_factor_R_free                       0.2749 
_refine.ls_R_factor_R_free_error                 ? 
_refine.ls_R_factor_R_free_error_details         ? 
_refine.ls_R_factor_R_work                       0.2643 
_refine.ls_R_Fsqd_factor_obs                     ? 
_refine.ls_R_I_factor_obs                        ? 
_refine.ls_redundancy_reflns_all                 ? 
_refine.ls_redundancy_reflns_obs                 ? 
_refine.ls_restrained_S_all                      ? 
_refine.ls_restrained_S_obs                      ? 
_refine.ls_shift_over_esd_max                    ? 
_refine.ls_shift_over_esd_mean                   ? 
_refine.ls_structure_factor_coef                 ? 
_refine.ls_weighting_details                     ? 
_refine.ls_weighting_scheme                      ? 
_refine.ls_wR_factor_all                         ? 
_refine.ls_wR_factor_obs                         ? 
_refine.ls_wR_factor_R_free                      ? 
_refine.ls_wR_factor_R_work                      ? 
_refine.occupancy_max                            ? 
_refine.occupancy_min                            ? 
_refine.solvent_model_details                    ? 
_refine.solvent_model_param_bsol                 ? 
_refine.solvent_model_param_ksol                 ? 
_refine.ls_R_factor_gt                           ? 
_refine.ls_goodness_of_fit_gt                    ? 
_refine.ls_goodness_of_fit_ref                   ? 
_refine.ls_shift_over_su_max                     ? 
_refine.ls_shift_over_su_max_lt                  ? 
_refine.ls_shift_over_su_mean                    ? 
_refine.ls_shift_over_su_mean_lt                 ? 
_refine.pdbx_ls_sigma_I                          ? 
_refine.pdbx_ls_sigma_F                          0.000 
_refine.pdbx_ls_sigma_Fsqd                       ? 
_refine.pdbx_data_cutoff_high_absF               ? 
_refine.pdbx_data_cutoff_high_rms_absF           ? 
_refine.pdbx_data_cutoff_low_absF                ? 
_refine.pdbx_isotropic_thermal_model             ? 
_refine.pdbx_ls_cross_valid_method               THROUGHOUT 
_refine.pdbx_method_to_determine_struct          'MOLECULAR REPLACEMENT' 
_refine.pdbx_starting_model                      4ejo 
_refine.pdbx_stereochemistry_target_values       ? 
_refine.pdbx_R_Free_selection_details            RANDOM 
_refine.pdbx_stereochem_target_val_spec_case     ? 
_refine.pdbx_overall_ESU_R                       0.2840 
_refine.pdbx_overall_ESU_R_Free                  0.2260 
_refine.pdbx_solvent_vdw_probe_radii             1.2000 
_refine.pdbx_solvent_ion_probe_radii             0.8000 
_refine.pdbx_solvent_shrinkage_radii             0.8000 
_refine.pdbx_real_space_R                        ? 
_refine.pdbx_density_correlation                 ? 
_refine.pdbx_pd_number_of_powder_patterns        ? 
_refine.pdbx_pd_number_of_points                 ? 
_refine.pdbx_pd_meas_number_of_points            ? 
_refine.pdbx_pd_proc_ls_prof_R_factor            ? 
_refine.pdbx_pd_proc_ls_prof_wR_factor           ? 
_refine.pdbx_pd_Marquardt_correlation_coeff      ? 
_refine.pdbx_pd_Fsqrd_R_factor                   ? 
_refine.pdbx_pd_ls_matrix_band_width             ? 
_refine.pdbx_overall_phase_error                 ? 
_refine.pdbx_overall_SU_R_free_Cruickshank_DPI   ? 
_refine.pdbx_overall_SU_R_free_Blow_DPI          ? 
_refine.pdbx_overall_SU_R_Blow_DPI               ? 
_refine.pdbx_TLS_residual_ADP_flag               ? 
_refine.pdbx_diffrn_id                           1 
_refine.overall_SU_B                             8.9330 
_refine.overall_SU_ML                            0.1100 
_refine.overall_SU_R_Cruickshank_DPI             ? 
_refine.overall_SU_R_free                        ? 
_refine.overall_FOM_free_R_set                   ? 
_refine.overall_FOM_work_R_set                   ? 
_refine.pdbx_average_fsc_overall                 ? 
_refine.pdbx_average_fsc_work                    ? 
_refine.pdbx_average_fsc_free                    ? 
# 
_refine_hist.cycle_id                         final 
_refine_hist.pdbx_refine_id                   'X-RAY DIFFRACTION' 
_refine_hist.d_res_high                       2.5000 
_refine_hist.d_res_low                        50 
_refine_hist.pdbx_number_atoms_ligand         35 
_refine_hist.number_atoms_solvent             20 
_refine_hist.number_atoms_total               888 
_refine_hist.pdbx_number_residues_total       103 
_refine_hist.pdbx_B_iso_mean_ligand           76.88 
_refine_hist.pdbx_B_iso_mean_solvent          66.59 
_refine_hist.pdbx_number_atoms_protein        833 
_refine_hist.pdbx_number_atoms_nucleic_acid   0 
# 
loop_
_refine_ls_restr.pdbx_refine_id 
_refine_ls_restr.criterion 
_refine_ls_restr.dev_ideal 
_refine_ls_restr.dev_ideal_target 
_refine_ls_restr.number 
_refine_ls_restr.rejects 
_refine_ls_restr.type 
_refine_ls_restr.weight 
_refine_ls_restr.pdbx_restraint_function 
'X-RAY DIFFRACTION' ? 0.009  0.019  895  ? r_bond_refined_d       ? ? 
'X-RAY DIFFRACTION' ? 1.483  2.027  1210 ? r_angle_refined_deg    ? ? 
'X-RAY DIFFRACTION' ? 6.040  5.000  106  ? r_dihedral_angle_1_deg ? ? 
'X-RAY DIFFRACTION' ? 39.304 24.474 38   ? r_dihedral_angle_2_deg ? ? 
'X-RAY DIFFRACTION' ? 20.444 15.000 171  ? r_dihedral_angle_3_deg ? ? 
'X-RAY DIFFRACTION' ? 18.993 15.000 5    ? r_dihedral_angle_4_deg ? ? 
'X-RAY DIFFRACTION' ? 0.082  0.200  137  ? r_chiral_restr         ? ? 
'X-RAY DIFFRACTION' ? 0.005  0.021  632  ? r_gen_planes_refined   ? ? 
'X-RAY DIFFRACTION' ? 0.810  2.080  415  ? r_mcbond_it            ? ? 
'X-RAY DIFFRACTION' ? 1.490  3.111  518  ? r_mcangle_it           ? ? 
'X-RAY DIFFRACTION' ? 0.773  2.422  479  ? r_scbond_it            ? ? 
# 
_refine_ls_shell.pdbx_refine_id                   'X-RAY DIFFRACTION' 
_refine_ls_shell.d_res_high                       2.5000 
_refine_ls_shell.d_res_low                        2.5650 
_refine_ls_shell.number_reflns_all                675 
_refine_ls_shell.number_reflns_obs                ? 
_refine_ls_shell.number_reflns_R_free             45 
_refine_ls_shell.number_reflns_R_work             630 
_refine_ls_shell.percent_reflns_obs               100.0000 
_refine_ls_shell.percent_reflns_R_free            ? 
_refine_ls_shell.R_factor_all                     ? 
_refine_ls_shell.R_factor_obs                     ? 
_refine_ls_shell.R_factor_R_free                  0.2530 
_refine_ls_shell.R_factor_R_free_error            ? 
_refine_ls_shell.R_factor_R_work                  0.2530 
_refine_ls_shell.redundancy_reflns_all            ? 
_refine_ls_shell.redundancy_reflns_obs            ? 
_refine_ls_shell.wR_factor_all                    ? 
_refine_ls_shell.wR_factor_obs                    ? 
_refine_ls_shell.wR_factor_R_free                 ? 
_refine_ls_shell.wR_factor_R_work                 ? 
_refine_ls_shell.pdbx_total_number_of_bins_used   20 
_refine_ls_shell.pdbx_phase_error                 ? 
_refine_ls_shell.pdbx_fsc_work                    ? 
_refine_ls_shell.pdbx_fsc_free                    ? 
# 
_struct.entry_id                     5H20 
_struct.title                        'X-ray structure of PadR-like Transcription factor from bacteroid fragilis' 
_struct.pdbx_model_details           ? 
_struct.pdbx_formula_weight          ? 
_struct.pdbx_formula_weight_method   ? 
_struct.pdbx_model_type_details      ? 
_struct.pdbx_CASP_flag               N 
# 
_struct_keywords.entry_id        5H20 
_struct_keywords.text            'bacteroid fragilis, transcription factor, PadR, TRANSCRIPTION REGULATOR' 
_struct_keywords.pdbx_keywords   'TRANSCRIPTION REGULATOR' 
# 
loop_
_struct_asym.id 
_struct_asym.pdbx_blank_PDB_chainid_flag 
_struct_asym.pdbx_modified 
_struct_asym.entity_id 
_struct_asym.details 
A N N 1 ? 
B N N 2 ? 
C N N 2 ? 
D N N 2 ? 
E N N 3 ? 
F N N 4 ? 
G N N 4 ? 
H N N 5 ? 
# 
loop_
_struct_conf.conf_type_id 
_struct_conf.id 
_struct_conf.pdbx_PDB_helix_id 
_struct_conf.beg_label_comp_id 
_struct_conf.beg_label_asym_id 
_struct_conf.beg_label_seq_id 
_struct_conf.pdbx_beg_PDB_ins_code 
_struct_conf.end_label_comp_id 
_struct_conf.end_label_asym_id 
_struct_conf.end_label_seq_id 
_struct_conf.pdbx_end_PDB_ins_code 
_struct_conf.beg_auth_comp_id 
_struct_conf.beg_auth_asym_id 
_struct_conf.beg_auth_seq_id 
_struct_conf.end_auth_comp_id 
_struct_conf.end_auth_asym_id 
_struct_conf.end_auth_seq_id 
_struct_conf.pdbx_PDB_helix_class 
_struct_conf.details 
_struct_conf.pdbx_PDB_helix_length 
HELX_P HELX_P1 AA1 ASP A 4   ? HIS A 24  ? ASP A 4   HIS A 24  1 ? 21 
HELX_P HELX_P2 AA2 TYR A 29  ? ALA A 40  ? TYR A 29  ALA A 40  1 ? 12 
HELX_P HELX_P3 AA3 VAL A 45  ? ASP A 59  ? VAL A 45  ASP A 59  1 ? 15 
HELX_P HELX_P4 AA4 THR A 81  ? LEU A 98  ? THR A 81  LEU A 98  1 ? 18 
HELX_P HELX_P5 AA5 GLU A 100 ? ALA A 106 ? GLU A 100 ALA A 106 1 ? 7  
# 
_struct_conf_type.id          HELX_P 
_struct_conf_type.criteria    ? 
_struct_conf_type.reference   ? 
# 
_struct_sheet.id               AA1 
_struct_sheet.type             ? 
_struct_sheet.number_strands   2 
_struct_sheet.details          ? 
# 
_struct_sheet_order.sheet_id     AA1 
_struct_sheet_order.range_id_1   1 
_struct_sheet_order.range_id_2   2 
_struct_sheet_order.offset       ? 
_struct_sheet_order.sense        anti-parallel 
# 
loop_
_struct_sheet_range.sheet_id 
_struct_sheet_range.id 
_struct_sheet_range.beg_label_comp_id 
_struct_sheet_range.beg_label_asym_id 
_struct_sheet_range.beg_label_seq_id 
_struct_sheet_range.pdbx_beg_PDB_ins_code 
_struct_sheet_range.end_label_comp_id 
_struct_sheet_range.end_label_asym_id 
_struct_sheet_range.end_label_seq_id 
_struct_sheet_range.pdbx_end_PDB_ins_code 
_struct_sheet_range.beg_auth_comp_id 
_struct_sheet_range.beg_auth_asym_id 
_struct_sheet_range.beg_auth_seq_id 
_struct_sheet_range.end_auth_comp_id 
_struct_sheet_range.end_auth_asym_id 
_struct_sheet_range.end_auth_seq_id 
AA1 1 LEU A 62 ? VAL A 67 ? LEU A 62 VAL A 67 
AA1 2 ARG A 75 ? LEU A 80 ? ARG A 75 LEU A 80 
# 
_pdbx_struct_sheet_hbond.sheet_id                AA1 
_pdbx_struct_sheet_hbond.range_id_1              1 
_pdbx_struct_sheet_hbond.range_id_2              2 
_pdbx_struct_sheet_hbond.range_1_label_atom_id   N 
_pdbx_struct_sheet_hbond.range_1_label_comp_id   VAL 
_pdbx_struct_sheet_hbond.range_1_label_asym_id   A 
_pdbx_struct_sheet_hbond.range_1_label_seq_id    67 
_pdbx_struct_sheet_hbond.range_1_PDB_ins_code    ? 
_pdbx_struct_sheet_hbond.range_1_auth_atom_id    N 
_pdbx_struct_sheet_hbond.range_1_auth_comp_id    VAL 
_pdbx_struct_sheet_hbond.range_1_auth_asym_id    A 
_pdbx_struct_sheet_hbond.range_1_auth_seq_id     67 
_pdbx_struct_sheet_hbond.range_2_label_atom_id   O 
_pdbx_struct_sheet_hbond.range_2_label_comp_id   ARG 
_pdbx_struct_sheet_hbond.range_2_label_asym_id   A 
_pdbx_struct_sheet_hbond.range_2_label_seq_id    75 
_pdbx_struct_sheet_hbond.range_2_PDB_ins_code    ? 
_pdbx_struct_sheet_hbond.range_2_auth_atom_id    O 
_pdbx_struct_sheet_hbond.range_2_auth_comp_id    ARG 
_pdbx_struct_sheet_hbond.range_2_auth_asym_id    A 
_pdbx_struct_sheet_hbond.range_2_auth_seq_id     75 
# 
_atom_sites.entry_id                    5H20 
_atom_sites.fract_transf_matrix[1][1]   -0.00307957 
_atom_sites.fract_transf_matrix[1][2]   -0.01328538 
_atom_sites.fract_transf_matrix[1][3]   0.00806029 
_atom_sites.fract_transf_matrix[2][1]   0.00829052 
_atom_sites.fract_transf_matrix[2][2]   -0.00344881 
_atom_sites.fract_transf_matrix[2][3]   0.01305030 
_atom_sites.fract_transf_matrix[3][1]   -0.00796150 
_atom_sites.fract_transf_matrix[3][2]   0.00585237 
_atom_sites.fract_transf_matrix[3][3]   0.00660435 
_atom_sites.fract_transf_vector[1]      0.439636 
_atom_sites.fract_transf_vector[2]      -0.133662 
_atom_sites.fract_transf_vector[3]      0.072109 
# 
loop_
_atom_type.symbol 
C 
N 
O 
P 
S 
# 
loop_
_atom_site.group_PDB 
_atom_site.id 
_atom_site.type_symbol 
_atom_site.label_atom_id 
_atom_site.label_alt_id 
_atom_site.label_comp_id 
_atom_site.label_asym_id 
_atom_site.label_entity_id 
_atom_site.label_seq_id 
_atom_site.pdbx_PDB_ins_code 
_atom_site.Cartn_x 
_atom_site.Cartn_y 
_atom_site.Cartn_z 
_atom_site.occupancy 
_atom_site.B_iso_or_equiv 
_atom_site.pdbx_formal_charge 
_atom_site.auth_seq_id 
_atom_site.auth_comp_id 
_atom_site.auth_asym_id 
_atom_site.auth_atom_id 
_atom_site.pdbx_PDB_model_num 
ATOM   1   N N   . ASP A 1 4   ? -5.358  15.789  14.077  1.00 68.78  ? 4   ASP A N   1 
ATOM   2   C CA  . ASP A 1 4   ? -4.620  16.684  13.134  1.00 68.50  ? 4   ASP A CA  1 
ATOM   3   C C   . ASP A 1 4   ? -3.390  15.988  12.527  1.00 66.51  ? 4   ASP A C   1 
ATOM   4   O O   . ASP A 1 4   ? -3.505  15.367  11.467  1.00 68.42  ? 4   ASP A O   1 
ATOM   5   C CB  . ASP A 1 4   ? -4.248  18.013  13.814  1.00 69.90  ? 4   ASP A CB  1 
ATOM   6   N N   . ASN A 1 5   ? -2.237  16.084  13.197  1.00 106.47 ? 5   ASN A N   1 
ATOM   7   C CA  . ASN A 1 5   ? -0.995  15.471  12.727  1.00 95.57  ? 5   ASN A CA  1 
ATOM   8   C C   . ASN A 1 5   ? -0.969  13.958  12.960  1.00 83.22  ? 5   ASN A C   1 
ATOM   9   O O   . ASN A 1 5   ? -0.681  13.201  12.032  1.00 79.24  ? 5   ASN A O   1 
ATOM   10  C CB  . ASN A 1 5   ? 0.234   16.153  13.343  1.00 100.53 ? 5   ASN A CB  1 
ATOM   11  C CG  . ASN A 1 5   ? 1.473   16.054  12.455  1.00 103.20 ? 5   ASN A CG  1 
ATOM   12  O OD1 . ASN A 1 5   ? 1.951   14.960  12.135  1.00 97.00  ? 5   ASN A OD1 1 
ATOM   13  N ND2 . ASN A 1 5   ? 2.010   17.210  12.067  1.00 113.05 ? 5   ASN A ND2 1 
ATOM   14  N N   . VAL A 1 6   ? -1.276  13.534  14.190  1.00 77.16  ? 6   VAL A N   1 
ATOM   15  C CA  . VAL A 1 6   ? -1.366  12.108  14.561  1.00 69.62  ? 6   VAL A CA  1 
ATOM   16  C C   . VAL A 1 6   ? -2.419  11.355  13.728  1.00 65.34  ? 6   VAL A C   1 
ATOM   17  O O   . VAL A 1 6   ? -2.148  10.272  13.210  1.00 61.66  ? 6   VAL A O   1 
ATOM   18  C CB  . VAL A 1 6   ? -1.639  11.903  16.076  1.00 71.99  ? 6   VAL A CB  1 
ATOM   19  C CG1 . VAL A 1 6   ? -1.643  10.420  16.438  1.00 71.13  ? 6   VAL A CG1 1 
ATOM   20  C CG2 . VAL A 1 6   ? -0.602  12.630  16.922  1.00 75.40  ? 6   VAL A CG2 1 
ATOM   21  N N   . LYS A 1 7   ? -3.609  11.937  13.596  1.00 66.48  ? 7   LYS A N   1 
ATOM   22  C CA  . LYS A 1 7   ? -4.677  11.351  12.780  1.00 64.86  ? 7   LYS A CA  1 
ATOM   23  C C   . LYS A 1 7   ? -4.248  11.172  11.313  1.00 61.98  ? 7   LYS A C   1 
ATOM   24  O O   . LYS A 1 7   ? -4.486  10.123  10.714  1.00 59.06  ? 7   LYS A O   1 
ATOM   25  C CB  . LYS A 1 7   ? -5.939  12.205  12.863  1.00 70.04  ? 7   LYS A CB  1 
ATOM   26  C CG  . LYS A 1 7   ? -6.727  12.058  14.149  1.00 73.44  ? 7   LYS A CG  1 
ATOM   27  C CD  . LYS A 1 7   ? -7.902  13.028  14.154  1.00 80.34  ? 7   LYS A CD  1 
ATOM   28  C CE  . LYS A 1 7   ? -9.046  12.503  14.992  1.00 85.19  ? 7   LYS A CE  1 
ATOM   29  N NZ  . LYS A 1 7   ? -10.344 13.074  14.520  1.00 94.37  ? 7   LYS A NZ  1 
ATOM   30  N N   . SER A 1 8   ? -3.600  12.194  10.761  1.00 63.90  ? 8   SER A N   1 
ATOM   31  C CA  . SER A 1 8   ? -3.099  12.169  9.382   1.00 64.83  ? 8   SER A CA  1 
ATOM   32  C C   . SER A 1 8   ? -2.074  11.057  9.113   1.00 59.96  ? 8   SER A C   1 
ATOM   33  O O   . SER A 1 8   ? -2.210  10.332  8.118   1.00 59.10  ? 8   SER A O   1 
ATOM   34  C CB  . SER A 1 8   ? -2.509  13.527  8.995   1.00 71.31  ? 8   SER A CB  1 
ATOM   35  O OG  . SER A 1 8   ? -2.114  13.535  7.636   1.00 75.58  ? 8   SER A OG  1 
ATOM   36  N N   . GLN A 1 9   ? -1.069  10.927  9.990   1.00 58.09  ? 9   GLN A N   1 
ATOM   37  C CA  A GLN A 1 9   ? -0.005  9.931   9.806   0.50 56.75  ? 9   GLN A CA  1 
ATOM   38  C CA  B GLN A 1 9   ? -0.005  9.933   9.801   0.50 56.50  ? 9   GLN A CA  1 
ATOM   39  C C   . GLN A 1 9   ? -0.537  8.509   9.968   1.00 53.49  ? 9   GLN A C   1 
ATOM   40  O O   . GLN A 1 9   ? -0.147  7.601   9.207   1.00 54.12  ? 9   GLN A O   1 
ATOM   41  C CB  A GLN A 1 9   ? 1.239   10.215  10.678  0.50 59.03  ? 9   GLN A CB  1 
ATOM   42  C CB  B GLN A 1 9   ? 1.198   10.204  10.717  0.50 58.30  ? 9   GLN A CB  1 
ATOM   43  C CG  A GLN A 1 9   ? 1.031   10.309  12.185  0.50 59.44  ? 9   GLN A CG  1 
ATOM   44  C CG  B GLN A 1 9   ? 2.085   11.364  10.269  0.50 63.54  ? 9   GLN A CG  1 
ATOM   45  C CD  A GLN A 1 9   ? 1.455   9.052   12.926  0.50 59.99  ? 9   GLN A CD  1 
ATOM   46  C CD  B GLN A 1 9   ? 2.995   11.017  9.096   0.50 66.26  ? 9   GLN A CD  1 
ATOM   47  O OE1 A GLN A 1 9   ? 1.259   8.945   14.128  0.50 62.18  ? 9   GLN A OE1 1 
ATOM   48  O OE1 B GLN A 1 9   ? 3.273   11.858  8.241   0.50 71.71  ? 9   GLN A OE1 1 
ATOM   49  N NE2 A GLN A 1 9   ? 2.038   8.098   12.209  0.50 59.96  ? 9   GLN A NE2 1 
ATOM   50  N NE2 B GLN A 1 9   ? 3.470   9.776   9.055   0.50 64.05  ? 9   GLN A NE2 1 
ATOM   51  N N   . MET A 1 10  ? -1.436  8.327   10.938  1.00 52.22  ? 10  MET A N   1 
ATOM   52  C CA  . MET A 1 10  ? -2.071  7.030   11.216  1.00 51.57  ? 10  MET A CA  1 
ATOM   53  C C   . MET A 1 10  ? -2.980  6.554   10.069  1.00 51.39  ? 10  MET A C   1 
ATOM   54  O O   . MET A 1 10  ? -3.046  5.361   9.786   1.00 51.69  ? 10  MET A O   1 
ATOM   55  C CB  . MET A 1 10  ? -2.840  7.050   12.553  1.00 53.45  ? 10  MET A CB  1 
ATOM   56  C CG  . MET A 1 10  ? -1.951  7.009   13.793  1.00 55.17  ? 10  MET A CG  1 
ATOM   57  S SD  . MET A 1 10  ? -2.785  6.672   15.366  1.00 62.32  ? 10  MET A SD  1 
ATOM   58  C CE  . MET A 1 10  ? -3.133  4.923   15.214  1.00 67.42  ? 10  MET A CE  1 
ATOM   59  N N   . ARG A 1 11  ? -3.670  7.496   9.426   1.00 51.38  ? 11  ARG A N   1 
ATOM   60  C CA  . ARG A 1 11  ? -4.520  7.204   8.267   1.00 52.88  ? 11  ARG A CA  1 
ATOM   61  C C   . ARG A 1 11  ? -3.708  6.896   7.012   1.00 51.86  ? 11  ARG A C   1 
ATOM   62  O O   . ARG A 1 11  ? -4.089  6.014   6.236   1.00 54.15  ? 11  ARG A O   1 
ATOM   63  C CB  . ARG A 1 11  ? -5.508  8.352   8.005   1.00 56.09  ? 11  ARG A CB  1 
ATOM   64  C CG  . ARG A 1 11  ? -6.653  8.414   8.995   1.00 58.72  ? 11  ARG A CG  1 
ATOM   65  C CD  . ARG A 1 11  ? -7.412  9.730   8.903   1.00 63.99  ? 11  ARG A CD  1 
ATOM   66  N NE  . ARG A 1 11  ? -8.534  9.734   9.834   1.00 68.26  ? 11  ARG A NE  1 
ATOM   67  C CZ  . ARG A 1 11  ? -9.179  10.820  10.268  1.00 74.16  ? 11  ARG A CZ  1 
ATOM   68  N NH1 . ARG A 1 11  ? -8.827  12.040  9.877   1.00 77.17  ? 11  ARG A NH1 1 
ATOM   69  N NH2 . ARG A 1 11  ? -10.189 10.688  11.114  1.00 78.69  ? 11  ARG A NH2 1 
ATOM   70  N N   . LYS A 1 12  ? -2.609  7.634   6.809   1.00 50.57  ? 12  LYS A N   1 
ATOM   71  C CA  . LYS A 1 12  ? -1.616  7.315   5.756   1.00 51.20  ? 12  LYS A CA  1 
ATOM   72  C C   . LYS A 1 12  ? -1.072  5.907   5.963   1.00 48.29  ? 12  LYS A C   1 
ATOM   73  O O   . LYS A 1 12  ? -0.918  5.163   4.996   1.00 50.33  ? 12  LYS A O   1 
ATOM   74  C CB  . LYS A 1 12  ? -0.438  8.308   5.743   1.00 53.24  ? 12  LYS A CB  1 
ATOM   75  C CG  . LYS A 1 12  ? -0.779  9.700   5.247   1.00 59.56  ? 12  LYS A CG  1 
ATOM   76  C CD  . LYS A 1 12  ? 0.455   10.583  5.108   1.00 65.29  ? 12  LYS A CD  1 
ATOM   77  C CE  . LYS A 1 12  ? 0.050   12.050  4.977   1.00 73.25  ? 12  LYS A CE  1 
ATOM   78  N NZ  . LYS A 1 12  ? 1.195   12.936  4.617   1.00 82.27  ? 12  LYS A NZ  1 
ATOM   79  N N   . GLY A 1 13  ? -0.796  5.572   7.228   1.00 45.54  ? 13  GLY A N   1 
ATOM   80  C CA  . GLY A 1 13  ? -0.288  4.260   7.643   1.00 46.36  ? 13  GLY A CA  1 
ATOM   81  C C   . GLY A 1 13  ? -1.227  3.135   7.265   1.00 47.60  ? 13  GLY A C   1 
ATOM   82  O O   . GLY A 1 13  ? -0.802  2.137   6.669   1.00 49.96  ? 13  GLY A O   1 
ATOM   83  N N   . MET A 1 14  ? -2.506  3.312   7.588   1.00 47.22  ? 14  MET A N   1 
ATOM   84  C CA  . MET A 1 14  ? -3.532  2.328   7.221   1.00 50.97  ? 14  MET A CA  1 
ATOM   85  C C   . MET A 1 14  ? -3.571  2.076   5.702   1.00 50.59  ? 14  MET A C   1 
ATOM   86  O O   . MET A 1 14  ? -3.513  0.924   5.263   1.00 53.42  ? 14  MET A O   1 
ATOM   87  C CB  . MET A 1 14  ? -4.907  2.707   7.770   1.00 53.45  ? 14  MET A CB  1 
ATOM   88  C CG  . MET A 1 14  ? -5.013  2.743   9.295   1.00 55.83  ? 14  MET A CG  1 
ATOM   89  S SD  . MET A 1 14  ? -4.801  1.138   10.103  1.00 65.09  ? 14  MET A SD  1 
ATOM   90  C CE  . MET A 1 14  ? -6.334  0.327   9.644   1.00 72.54  ? 14  MET A CE  1 
ATOM   91  N N   . LEU A 1 15  ? -3.632  3.161   4.929   1.00 59.05  ? 15  LEU A N   1 
ATOM   92  C CA  . LEU A 1 15  ? -3.614  3.112   3.461   1.00 56.80  ? 15  LEU A CA  1 
ATOM   93  C C   . LEU A 1 15  ? -2.309  2.500   2.921   1.00 54.29  ? 15  LEU A C   1 
ATOM   94  O O   . LEU A 1 15  ? -2.353  1.667   2.016   1.00 53.85  ? 15  LEU A O   1 
ATOM   95  C CB  . LEU A 1 15  ? -3.888  4.503   2.868   1.00 56.71  ? 15  LEU A CB  1 
ATOM   96  C CG  . LEU A 1 15  ? -5.327  5.058   2.965   1.00 59.82  ? 15  LEU A CG  1 
ATOM   97  C CD1 . LEU A 1 15  ? -5.362  6.574   3.044   1.00 60.43  ? 15  LEU A CD1 1 
ATOM   98  C CD2 . LEU A 1 15  ? -6.177  4.585   1.798   1.00 61.31  ? 15  LEU A CD2 1 
ATOM   99  N N   . GLU A 1 16  ? -1.165  2.882   3.502   1.00 52.82  ? 16  GLU A N   1 
ATOM   100 C CA  . GLU A 1 16  ? 0.144   2.307   3.128   1.00 51.80  ? 16  GLU A CA  1 
ATOM   101 C C   . GLU A 1 16  ? 0.228   0.800   3.346   1.00 52.96  ? 16  GLU A C   1 
ATOM   102 O O   . GLU A 1 16  ? 0.815   0.087   2.528   1.00 52.77  ? 16  GLU A O   1 
ATOM   103 C CB  . GLU A 1 16  ? 1.295   2.995   3.859   1.00 51.41  ? 16  GLU A CB  1 
ATOM   104 C CG  . GLU A 1 16  ? 1.716   4.319   3.237   1.00 50.61  ? 16  GLU A CG  1 
ATOM   105 C CD  . GLU A 1 16  ? 2.498   5.192   4.194   1.00 51.46  ? 16  GLU A CD  1 
ATOM   106 O OE1 . GLU A 1 16  ? 2.428   4.968   5.434   1.00 52.40  ? 16  GLU A OE1 1 
ATOM   107 O OE2 . GLU A 1 16  ? 3.165   6.125   3.712   1.00 51.92  ? 16  GLU A OE2 1 
ATOM   108 N N   . TYR A 1 17  ? -0.355  0.340   4.453   1.00 54.82  ? 17  TYR A N   1 
ATOM   109 C CA  . TYR A 1 17  ? -0.444  -1.073  4.797   1.00 57.57  ? 17  TYR A CA  1 
ATOM   110 C C   . TYR A 1 17  ? -1.357  -1.807  3.822   1.00 58.53  ? 17  TYR A C   1 
ATOM   111 O O   . TYR A 1 17  ? -1.064  -2.932  3.429   1.00 60.04  ? 17  TYR A O   1 
ATOM   112 C CB  . TYR A 1 17  ? -0.944  -1.232  6.240   1.00 60.11  ? 17  TYR A CB  1 
ATOM   113 C CG  . TYR A 1 17  ? -1.240  -2.646  6.673   1.00 64.27  ? 17  TYR A CG  1 
ATOM   114 C CD1 . TYR A 1 17  ? -0.249  -3.448  7.248   1.00 66.54  ? 17  TYR A CD1 1 
ATOM   115 C CD2 . TYR A 1 17  ? -2.525  -3.183  6.537   1.00 67.29  ? 17  TYR A CD2 1 
ATOM   116 C CE1 . TYR A 1 17  ? -0.527  -4.750  7.661   1.00 71.56  ? 17  TYR A CE1 1 
ATOM   117 C CE2 . TYR A 1 17  ? -2.812  -4.479  6.951   1.00 72.40  ? 17  TYR A CE2 1 
ATOM   118 C CZ  . TYR A 1 17  ? -1.809  -5.257  7.511   1.00 74.50  ? 17  TYR A CZ  1 
ATOM   119 O OH  . TYR A 1 17  ? -2.096  -6.533  7.919   1.00 80.59  ? 17  TYR A OH  1 
ATOM   120 N N   . CYS A 1 18  ? -2.452  -1.152  3.451   1.00 58.43  ? 18  CYS A N   1 
ATOM   121 C CA  . CYS A 1 18  ? -3.422  -1.674  2.499   1.00 60.33  ? 18  CYS A CA  1 
ATOM   122 C C   . CYS A 1 18  ? -2.829  -1.849  1.089   1.00 58.28  ? 18  CYS A C   1 
ATOM   123 O O   . CYS A 1 18  ? -3.089  -2.859  0.424   1.00 59.79  ? 18  CYS A O   1 
ATOM   124 C CB  . CYS A 1 18  ? -4.641  -0.751  2.465   1.00 61.44  ? 18  CYS A CB  1 
ATOM   125 S SG  . CYS A 1 18  ? -5.994  -1.372  1.456   1.00 65.71  ? 18  CYS A SG  1 
ATOM   126 N N   . ILE A 1 19  ? -2.032  -0.869  0.653   1.00 55.21  ? 19  ILE A N   1 
ATOM   127 C CA  . ILE A 1 19  ? -1.300  -0.931  -0.618  1.00 53.96  ? 19  ILE A CA  1 
ATOM   128 C C   . ILE A 1 19  ? -0.321  -2.129  -0.628  1.00 54.84  ? 19  ILE A C   1 
ATOM   129 O O   . ILE A 1 19  ? -0.310  -2.925  -1.589  1.00 55.11  ? 19  ILE A O   1 
ATOM   130 C CB  . ILE A 1 19  ? -0.533  0.386   -0.915  1.00 52.07  ? 19  ILE A CB  1 
ATOM   131 C CG1 . ILE A 1 19  ? -1.486  1.559   -1.130  1.00 52.24  ? 19  ILE A CG1 1 
ATOM   132 C CG2 . ILE A 1 19  ? 0.361   0.242   -2.144  1.00 51.75  ? 19  ILE A CG2 1 
ATOM   133 C CD1 . ILE A 1 19  ? -0.826  2.915   -0.956  1.00 51.54  ? 19  ILE A CD1 1 
ATOM   134 N N   . MET A 1 20  ? 0.476   -2.249  0.443   1.00 55.07  ? 20  MET A N   1 
ATOM   135 C CA  . MET A 1 20  ? 1.443   -3.348  0.580   1.00 56.68  ? 20  MET A CA  1 
ATOM   136 C C   . MET A 1 20  ? 0.735   -4.698  0.622   1.00 60.09  ? 20  MET A C   1 
ATOM   137 O O   . MET A 1 20  ? 1.199   -5.662  -0.010  1.00 61.75  ? 20  MET A O   1 
ATOM   138 C CB  . MET A 1 20  ? 2.329   -3.163  1.805   1.00 57.05  ? 20  MET A CB  1 
ATOM   139 C CG  . MET A 1 20  ? 3.312   -2.018  1.674   1.00 55.02  ? 20  MET A CG  1 
ATOM   140 S SD  . MET A 1 20  ? 4.493   -1.987  3.031   1.00 57.36  ? 20  MET A SD  1 
ATOM   141 C CE  . MET A 1 20  ? 3.548   -1.111  4.280   1.00 56.55  ? 20  MET A CE  1 
ATOM   142 N N   . LEU A 1 21  ? -0.390  -4.749  1.344   1.00 61.63  ? 21  LEU A N   1 
ATOM   143 C CA  . LEU A 1 21  ? -1.283  -5.915  1.343   1.00 65.98  ? 21  LEU A CA  1 
ATOM   144 C C   . LEU A 1 21  ? -1.744  -6.311  -0.058  1.00 66.17  ? 21  LEU A C   1 
ATOM   145 O O   . LEU A 1 21  ? -1.579  -7.466  -0.451  1.00 69.13  ? 21  LEU A O   1 
ATOM   146 C CB  . LEU A 1 21  ? -2.509  -5.704  2.248   1.00 68.14  ? 21  LEU A CB  1 
ATOM   147 C CG  . LEU A 1 21  ? -2.681  -6.581  3.486   1.00 73.30  ? 21  LEU A CG  1 
ATOM   148 C CD1 . LEU A 1 21  ? -4.070  -6.353  4.057   1.00 76.18  ? 21  LEU A CD1 1 
ATOM   149 C CD2 . LEU A 1 21  ? -2.495  -8.066  3.189   1.00 77.78  ? 21  LEU A CD2 1 
ATOM   150 N N   . LEU A 1 22  ? -2.303  -5.352  -0.802  1.00 63.80  ? 22  LEU A N   1 
ATOM   151 C CA  . LEU A 1 22  ? -2.804  -5.590  -2.167  1.00 64.32  ? 22  LEU A CA  1 
ATOM   152 C C   . LEU A 1 22  ? -1.709  -5.972  -3.168  1.00 63.42  ? 22  LEU A C   1 
ATOM   153 O O   . LEU A 1 22  ? -1.964  -6.740  -4.092  1.00 65.41  ? 22  LEU A O   1 
ATOM   154 C CB  . LEU A 1 22  ? -3.646  -4.405  -2.675  1.00 62.46  ? 22  LEU A CB  1 
ATOM   155 C CG  . LEU A 1 22  ? -5.008  -4.119  -2.001  1.00 64.71  ? 22  LEU A CG  1 
ATOM   156 C CD1 . LEU A 1 22  ? -5.462  -2.687  -2.257  1.00 62.66  ? 22  LEU A CD1 1 
ATOM   157 C CD2 . LEU A 1 22  ? -6.100  -5.094  -2.423  1.00 69.23  ? 22  LEU A CD2 1 
ATOM   158 N N   . LEU A 1 23  ? -0.492  -5.477  -2.955  1.00 61.49  ? 23  LEU A N   1 
ATOM   159 C CA  . LEU A 1 23  ? 0.635   -5.765  -3.853  1.00 61.42  ? 23  LEU A CA  1 
ATOM   160 C C   . LEU A 1 23  ? 1.407   -7.055  -3.550  1.00 65.09  ? 23  LEU A C   1 
ATOM   161 O O   . LEU A 1 23  ? 2.208   -7.505  -4.372  1.00 65.75  ? 23  LEU A O   1 
ATOM   162 C CB  . LEU A 1 23  ? 1.583   -4.559  -3.937  1.00 58.15  ? 23  LEU A CB  1 
ATOM   163 C CG  . LEU A 1 23  ? 1.089   -3.391  -4.797  1.00 56.23  ? 23  LEU A CG  1 
ATOM   164 C CD1 . LEU A 1 23  ? 1.945   -2.172  -4.538  1.00 54.67  ? 23  LEU A CD1 1 
ATOM   165 C CD2 . LEU A 1 23  ? 1.071   -3.693  -6.297  1.00 57.19  ? 23  LEU A CD2 1 
ATOM   166 N N   . HIS A 1 24  ? 1.142   -7.652  -2.383  1.00 68.45  ? 24  HIS A N   1 
ATOM   167 C CA  . HIS A 1 24  ? 1.936   -8.778  -1.880  1.00 72.95  ? 24  HIS A CA  1 
ATOM   168 C C   . HIS A 1 24  ? 1.839   -10.042 -2.731  1.00 77.32  ? 24  HIS A C   1 
ATOM   169 O O   . HIS A 1 24  ? 2.825   -10.770 -2.852  1.00 80.03  ? 24  HIS A O   1 
ATOM   170 C CB  . HIS A 1 24  ? 1.662   -9.042  -0.388  1.00 75.70  ? 24  HIS A CB  1 
ATOM   171 C CG  . HIS A 1 24  ? 0.914   -10.307 -0.095  1.00 81.48  ? 24  HIS A CG  1 
ATOM   172 N ND1 . HIS A 1 24  ? 1.546   -11.515 0.117   1.00 86.69  ? 24  HIS A ND1 1 
ATOM   173 C CD2 . HIS A 1 24  ? -0.412  -10.547 0.042   1.00 83.82  ? 24  HIS A CD2 1 
ATOM   174 C CE1 . HIS A 1 24  ? 0.642   -12.448 0.359   1.00 91.96  ? 24  HIS A CE1 1 
ATOM   175 N NE2 . HIS A 1 24  ? -0.553  -11.888 0.318   1.00 90.50  ? 24  HIS A NE2 1 
ATOM   176 N N   . LYS A 1 25  ? 0.670   -10.297 -3.320  1.00 78.90  ? 25  LYS A N   1 
ATOM   177 C CA  . LYS A 1 25  ? 0.521   -11.457 -4.199  1.00 83.78  ? 25  LYS A CA  1 
ATOM   178 C C   . LYS A 1 25  ? 0.728   -11.093 -5.665  1.00 81.51  ? 25  LYS A C   1 
ATOM   179 O O   . LYS A 1 25  ? 1.450   -11.793 -6.381  1.00 83.53  ? 25  LYS A O   1 
ATOM   180 C CB  . LYS A 1 25  ? -0.818  -12.161 -3.981  1.00 88.36  ? 25  LYS A CB  1 
ATOM   181 C CG  . LYS A 1 25  ? -0.739  -13.674 -4.112  1.00 95.08  ? 25  LYS A CG  1 
ATOM   182 C CD  . LYS A 1 25  ? -1.788  -14.340 -3.240  1.00 100.97 ? 25  LYS A CD  1 
ATOM   183 C CE  . LYS A 1 25  ? -1.596  -15.845 -3.164  1.00 108.88 ? 25  LYS A CE  1 
ATOM   184 N NZ  . LYS A 1 25  ? -2.585  -16.458 -2.235  1.00 115.58 ? 25  LYS A NZ  1 
ATOM   185 N N   . GLU A 1 26  ? 0.107   -9.995  -6.096  1.00 77.98  ? 26  GLU A N   1 
ATOM   186 C CA  . GLU A 1 26  ? 0.174   -9.565  -7.484  1.00 76.60  ? 26  GLU A CA  1 
ATOM   187 C C   . GLU A 1 26  ? 0.799   -8.180  -7.633  1.00 71.90  ? 26  GLU A C   1 
ATOM   188 O O   . GLU A 1 26  ? 0.410   -7.256  -6.910  1.00 69.91  ? 26  GLU A O   1 
ATOM   189 C CB  . GLU A 1 26  ? -1.220  -9.574  -8.117  1.00 78.32  ? 26  GLU A CB  1 
ATOM   190 C CG  . GLU A 1 26  ? -1.674  -10.931 -8.643  1.00 84.03  ? 26  GLU A CG  1 
ATOM   191 C CD  . GLU A 1 26  ? -3.060  -10.897 -9.281  1.00 86.40  ? 26  GLU A CD  1 
ATOM   192 O OE1 . GLU A 1 26  ? -3.672  -9.797  -9.381  1.00 83.84  ? 26  GLU A OE1 1 
ATOM   193 O OE2 . GLU A 1 26  ? -3.542  -11.983 -9.695  1.00 91.14  ? 26  GLU A OE2 1 
ATOM   194 N N   . PRO A 1 27  ? 1.762   -8.029  -8.578  1.00 71.05  ? 27  PRO A N   1 
ATOM   195 C CA  . PRO A 1 27  ? 2.158   -6.686  -9.000  1.00 67.68  ? 27  PRO A CA  1 
ATOM   196 C C   . PRO A 1 27  ? 0.988   -6.005  -9.717  1.00 66.77  ? 27  PRO A C   1 
ATOM   197 O O   . PRO A 1 27  ? 0.090   -6.694  -10.207 1.00 69.17  ? 27  PRO A O   1 
ATOM   198 C CB  . PRO A 1 27  ? 3.318   -6.943  -9.964  1.00 69.41  ? 27  PRO A CB  1 
ATOM   199 C CG  . PRO A 1 27  ? 3.105   -8.337  -10.472 1.00 72.68  ? 27  PRO A CG  1 
ATOM   200 C CD  . PRO A 1 27  ? 2.516   -9.077  -9.303  1.00 74.14  ? 27  PRO A CD  1 
ATOM   201 N N   . ALA A 1 28  ? 0.982   -4.673  -9.755  1.00 64.20  ? 28  ALA A N   1 
ATOM   202 C CA  . ALA A 1 28  ? -0.174  -3.931  -10.268 1.00 63.55  ? 28  ALA A CA  1 
ATOM   203 C C   . ALA A 1 28  ? 0.131   -2.485  -10.643 1.00 61.76  ? 28  ALA A C   1 
ATOM   204 O O   . ALA A 1 28  ? 1.033   -1.865  -10.076 1.00 60.17  ? 28  ALA A O   1 
ATOM   205 C CB  . ALA A 1 28  ? -1.317  -3.972  -9.256  1.00 63.85  ? 28  ALA A CB  1 
ATOM   206 N N   . TYR A 1 29  ? -0.623  -1.981  -11.621 1.00 62.56  ? 29  TYR A N   1 
ATOM   207 C CA  . TYR A 1 29  ? -0.706  -0.558  -11.916 1.00 62.36  ? 29  TYR A CA  1 
ATOM   208 C C   . TYR A 1 29  ? -1.527  0.092   -10.803 1.00 61.39  ? 29  TYR A C   1 
ATOM   209 O O   . TYR A 1 29  ? -2.377  -0.565  -10.174 1.00 61.40  ? 29  TYR A O   1 
ATOM   210 C CB  . TYR A 1 29  ? -1.386  -0.307  -13.276 1.00 65.21  ? 29  TYR A CB  1 
ATOM   211 C CG  . TYR A 1 29  ? -0.724  -0.945  -14.503 1.00 66.74  ? 29  TYR A CG  1 
ATOM   212 C CD1 . TYR A 1 29  ? 0.475   -0.439  -15.031 1.00 67.50  ? 29  TYR A CD1 1 
ATOM   213 C CD2 . TYR A 1 29  ? -1.319  -2.030  -15.150 1.00 68.44  ? 29  TYR A CD2 1 
ATOM   214 C CE1 . TYR A 1 29  ? 1.065   -1.013  -16.154 1.00 69.80  ? 29  TYR A CE1 1 
ATOM   215 C CE2 . TYR A 1 29  ? -0.732  -2.612  -16.273 1.00 70.43  ? 29  TYR A CE2 1 
ATOM   216 C CZ  . TYR A 1 29  ? 0.453   -2.094  -16.771 1.00 70.98  ? 29  TYR A CZ  1 
ATOM   217 O OH  . TYR A 1 29  ? 1.037   -2.669  -17.871 1.00 73.83  ? 29  TYR A OH  1 
ATOM   218 N N   . ALA A 1 30  ? -1.271  1.375   -10.550 1.00 60.85  ? 30  ALA A N   1 
ATOM   219 C CA  . ALA A 1 30  ? -2.088  2.172   -9.636  1.00 60.28  ? 30  ALA A CA  1 
ATOM   220 C C   . ALA A 1 30  ? -3.606  2.019   -9.870  1.00 62.01  ? 30  ALA A C   1 
ATOM   221 O O   . ALA A 1 30  ? -4.369  1.884   -8.914  1.00 61.73  ? 30  ALA A O   1 
ATOM   222 C CB  . ALA A 1 30  ? -1.671  3.637   -9.690  1.00 61.10  ? 30  ALA A CB  1 
ATOM   223 N N   . SER A 1 31  ? -4.012  2.029   -11.141 1.00 64.52  ? 31  SER A N   1 
ATOM   224 C CA  . SER A 1 31  ? -5.385  1.743   -11.580 1.00 67.20  ? 31  SER A CA  1 
ATOM   225 C C   . SER A 1 31  ? -5.917  0.366   -11.171 1.00 67.23  ? 31  SER A C   1 
ATOM   226 O O   . SER A 1 31  ? -7.124  0.213   -10.992 1.00 70.42  ? 31  SER A O   1 
ATOM   227 C CB  . SER A 1 31  ? -5.511  1.904   -13.099 1.00 70.06  ? 31  SER A CB  1 
ATOM   228 O OG  . SER A 1 31  ? -4.533  1.106   -13.770 1.00 69.67  ? 31  SER A OG  1 
ATOM   229 N N   . ASP A 1 32  ? -5.039  -0.635  -11.048 1.00 65.32  ? 32  ASP A N   1 
ATOM   230 C CA  . ASP A 1 32  ? -5.467  -1.950  -10.547 1.00 66.01  ? 32  ASP A CA  1 
ATOM   231 C C   . ASP A 1 32  ? -5.729  -1.875  -9.051  1.00 64.53  ? 32  ASP A C   1 
ATOM   232 O O   . ASP A 1 32  ? -6.664  -2.499  -8.558  1.00 67.01  ? 32  ASP A O   1 
ATOM   233 C CB  . ASP A 1 32  ? -4.437  -3.057  -10.834 1.00 65.19  ? 32  ASP A CB  1 
ATOM   234 C CG  . ASP A 1 32  ? -4.113  -3.198  -12.308 1.00 66.62  ? 32  ASP A CG  1 
ATOM   235 O OD1 . ASP A 1 32  ? -5.056  -3.139  -13.127 1.00 69.65  ? 32  ASP A OD1 1 
ATOM   236 O OD2 . ASP A 1 32  ? -2.913  -3.388  -12.648 1.00 65.29  ? 32  ASP A OD2 1 
ATOM   237 N N   . ILE A 1 33  ? -4.879  -1.128  -8.346  1.00 61.31  ? 33  ILE A N   1 
ATOM   238 C CA  . ILE A 1 33  ? -5.005  -0.909  -6.908  1.00 60.36  ? 33  ILE A CA  1 
ATOM   239 C C   . ILE A 1 33  ? -6.319  -0.186  -6.611  1.00 62.27  ? 33  ILE A C   1 
ATOM   240 O O   . ILE A 1 33  ? -7.095  -0.655  -5.776  1.00 63.69  ? 33  ILE A O   1 
ATOM   241 C CB  . ILE A 1 33  ? -3.789  -0.160  -6.296  1.00 57.40  ? 33  ILE A CB  1 
ATOM   242 C CG1 . ILE A 1 33  ? -2.541  -1.044  -6.364  1.00 56.42  ? 33  ILE A CG1 1 
ATOM   243 C CG2 . ILE A 1 33  ? -4.067  0.244   -4.841  1.00 57.03  ? 33  ILE A CG2 1 
ATOM   244 C CD1 . ILE A 1 33  ? -1.233  -0.301  -6.171  1.00 54.84  ? 33  ILE A CD1 1 
ATOM   245 N N   . ILE A 1 34  ? -6.561  0.917   -7.331  1.00 62.76  ? 34  ILE A N   1 
ATOM   246 C CA  . ILE A 1 34  ? -7.806  1.696   -7.234  1.00 65.88  ? 34  ILE A CA  1 
ATOM   247 C C   . ILE A 1 34  ? -9.023  0.786   -7.460  1.00 69.97  ? 34  ILE A C   1 
ATOM   248 O O   . ILE A 1 34  ? -9.995  0.856   -6.696  1.00 72.75  ? 34  ILE A O   1 
ATOM   249 C CB  . ILE A 1 34  ? -7.807  2.938   -8.184  1.00 66.69  ? 34  ILE A CB  1 
ATOM   250 C CG1 . ILE A 1 34  ? -6.770  3.971   -7.711  1.00 63.97  ? 34  ILE A CG1 1 
ATOM   251 C CG2 . ILE A 1 34  ? -9.205  3.582   -8.297  1.00 70.52  ? 34  ILE A CG2 1 
ATOM   252 C CD1 . ILE A 1 34  ? -6.288  4.944   -8.802  1.00 65.40  ? 34  ILE A CD1 1 
ATOM   253 N N   . GLN A 1 35  ? -8.930  -0.082  -8.469  1.00 70.79  ? 35  GLN A N   1 
ATOM   254 C CA  . GLN A 1 35  ? -10.006 -1.003  -8.837  1.00 75.71  ? 35  GLN A CA  1 
ATOM   255 C C   . GLN A 1 35  ? -10.277 -2.075  -7.775  1.00 77.23  ? 35  GLN A C   1 
ATOM   256 O O   . GLN A 1 35  ? -11.436 -2.412  -7.517  1.00 81.79  ? 35  GLN A O   1 
ATOM   257 C CB  . GLN A 1 35  ? -9.704  -1.661  -10.186 1.00 76.55  ? 35  GLN A CB  1 
ATOM   258 C CG  . GLN A 1 35  ? -10.835 -1.545  -11.193 1.00 81.89  ? 35  GLN A CG  1 
ATOM   259 C CD  . GLN A 1 35  ? -11.904 -2.613  -11.034 1.00 87.21  ? 35  GLN A CD  1 
ATOM   260 O OE1 . GLN A 1 35  ? -13.008 -2.331  -10.570 1.00 91.26  ? 35  GLN A OE1 1 
ATOM   261 N NE2 . GLN A 1 35  ? -11.581 -3.847  -11.436 1.00 88.34  ? 35  GLN A NE2 1 
ATOM   262 N N   . LYS A 1 36  ? -9.210  -2.608  -7.174  1.00 73.39  ? 36  LYS A N   1 
ATOM   263 C CA  . LYS A 1 36  ? -9.327  -3.637  -6.125  1.00 73.11  ? 36  LYS A CA  1 
ATOM   264 C C   . LYS A 1 36  ? -9.889  -3.060  -4.833  1.00 72.01  ? 36  LYS A C   1 
ATOM   265 O O   . LYS A 1 36  ? -10.598 -3.750  -4.088  1.00 74.29  ? 36  LYS A O   1 
ATOM   266 C CB  . LYS A 1 36  ? -7.984  -4.323  -5.876  1.00 70.71  ? 36  LYS A CB  1 
ATOM   267 C CG  . LYS A 1 36  ? -7.624  -5.341  -6.949  1.00 73.39  ? 36  LYS A CG  1 
ATOM   268 C CD  . LYS A 1 36  ? -6.220  -5.870  -6.758  1.00 71.40  ? 36  LYS A CD  1 
ATOM   269 C CE  . LYS A 1 36  ? -5.864  -6.878  -7.839  1.00 74.97  ? 36  LYS A CE  1 
ATOM   270 N NZ  . LYS A 1 36  ? -4.624  -7.602  -7.467  1.00 73.80  ? 36  LYS A NZ  1 
ATOM   271 N N   . LEU A 1 37  ? -9.562  -1.792  -4.590  1.00 69.30  ? 37  LEU A N   1 
ATOM   272 C CA  . LEU A 1 37  ? -10.160 -1.002  -3.539  1.00 69.01  ? 37  LEU A CA  1 
ATOM   273 C C   . LEU A 1 37  ? -11.665 -0.793  -3.780  1.00 73.04  ? 37  LEU A C   1 
ATOM   274 O O   . LEU A 1 37  ? -12.451 -0.880  -2.836  1.00 74.44  ? 37  LEU A O   1 
ATOM   275 C CB  . LEU A 1 37  ? -9.414  0.335   -3.380  1.00 66.26  ? 37  LEU A CB  1 
ATOM   276 C CG  . LEU A 1 37  ? -8.015  0.304   -2.733  1.00 62.77  ? 37  LEU A CG  1 
ATOM   277 C CD1 . LEU A 1 37  ? -7.214  1.537   -3.102  1.00 61.10  ? 37  LEU A CD1 1 
ATOM   278 C CD2 . LEU A 1 37  ? -8.068  0.157   -1.220  1.00 62.71  ? 37  LEU A CD2 1 
ATOM   279 N N   . LYS A 1 38  ? -12.051 -0.531  -5.036  1.00 75.23  ? 38  LYS A N   1 
ATOM   280 C CA  . LYS A 1 38  ? -13.457 -0.342  -5.434  1.00 79.71  ? 38  LYS A CA  1 
ATOM   281 C C   . LYS A 1 38  ? -14.310 -1.575  -5.120  1.00 82.91  ? 38  LYS A C   1 
ATOM   282 O O   . LYS A 1 38  ? -15.426 -1.448  -4.592  1.00 86.12  ? 38  LYS A O   1 
ATOM   283 C CB  . LYS A 1 38  ? -13.556 0.041   -6.922  1.00 82.78  ? 38  LYS A CB  1 
ATOM   284 C CG  . LYS A 1 38  ? -14.959 0.335   -7.450  1.00 88.73  ? 38  LYS A CG  1 
ATOM   285 C CD  . LYS A 1 38  ? -15.381 1.768   -7.178  1.00 89.37  ? 38  LYS A CD  1 
ATOM   286 C CE  . LYS A 1 38  ? -16.745 2.067   -7.782  1.00 96.16  ? 38  LYS A CE  1 
ATOM   287 N NZ  . LYS A 1 38  ? -17.237 3.398   -7.336  1.00 97.02  ? 38  LYS A NZ  1 
ATOM   288 N N   . GLU A 1 39  ? -13.763 -2.749  -5.437  1.00 82.58  ? 39  GLU A N   1 
ATOM   289 C CA  . GLU A 1 39  ? -14.341 -4.053  -5.106  1.00 85.74  ? 39  GLU A CA  1 
ATOM   290 C C   . GLU A 1 39  ? -14.479 -4.279  -3.601  1.00 84.64  ? 39  GLU A C   1 
ATOM   291 O O   . GLU A 1 39  ? -15.360 -5.018  -3.169  1.00 88.62  ? 39  GLU A O   1 
ATOM   292 C CB  . GLU A 1 39  ? -13.488 -5.175  -5.711  1.00 85.73  ? 39  GLU A CB  1 
ATOM   293 C CG  . GLU A 1 39  ? -13.755 -5.449  -7.184  1.00 90.01  ? 39  GLU A CG  1 
ATOM   294 C CD  . GLU A 1 39  ? -12.631 -6.220  -7.860  1.00 89.56  ? 39  GLU A CD  1 
ATOM   295 O OE1 . GLU A 1 39  ? -12.173 -7.258  -7.320  1.00 89.13  ? 39  GLU A OE1 1 
ATOM   296 O OE2 . GLU A 1 39  ? -12.203 -5.787  -8.949  1.00 90.18  ? 39  GLU A OE2 1 
ATOM   297 N N   . ALA A 1 40  ? -13.592 -3.656  -2.820  1.00 80.06  ? 40  ALA A N   1 
ATOM   298 C CA  . ALA A 1 40  ? -13.626 -3.718  -1.352  1.00 79.68  ? 40  ALA A CA  1 
ATOM   299 C C   . ALA A 1 40  ? -14.534 -2.642  -0.740  1.00 81.18  ? 40  ALA A C   1 
ATOM   300 O O   . ALA A 1 40  ? -14.530 -2.432  0.486   1.00 81.50  ? 40  ALA A O   1 
ATOM   301 C CB  . ALA A 1 40  ? -12.216 -3.615  -0.781  1.00 75.32  ? 40  ALA A CB  1 
ATOM   302 N N   . ARG A 1 41  ? -15.331 -1.993  -1.601  1.00 82.93  ? 41  ARG A N   1 
ATOM   303 C CA  . ARG A 1 41  ? -16.234 -0.879  -1.247  1.00 84.64  ? 41  ARG A CA  1 
ATOM   304 C C   . ARG A 1 41  ? -15.493 0.367   -0.737  1.00 80.65  ? 41  ARG A C   1 
ATOM   305 O O   . ARG A 1 41  ? -16.030 1.142   0.070   1.00 82.14  ? 41  ARG A O   1 
ATOM   306 C CB  . ARG A 1 41  ? -17.357 -1.316  -0.286  1.00 89.54  ? 41  ARG A CB  1 
ATOM   307 C CG  . ARG A 1 41  ? -18.146 -2.528  -0.757  1.00 94.45  ? 41  ARG A CG  1 
ATOM   308 C CD  . ARG A 1 41  ? -19.534 -2.592  -0.135  1.00 100.55 ? 41  ARG A CD  1 
ATOM   309 N NE  . ARG A 1 41  ? -20.442 -1.572  -0.671  1.00 103.35 ? 41  ARG A NE  1 
ATOM   310 C CZ  . ARG A 1 41  ? -21.066 -1.636  -1.850  1.00 106.79 ? 41  ARG A CZ  1 
ATOM   311 N NH1 . ARG A 1 41  ? -20.893 -2.676  -2.666  1.00 107.99 ? 41  ARG A NH1 1 
ATOM   312 N NH2 . ARG A 1 41  ? -21.864 -0.641  -2.219  1.00 109.69 ? 41  ARG A NH2 1 
ATOM   313 N N   . LEU A 1 42  ? -14.262 0.545   -1.228  1.00 76.01  ? 42  LEU A N   1 
ATOM   314 C CA  . LEU A 1 42  ? -13.398 1.677   -0.885  1.00 72.47  ? 42  LEU A CA  1 
ATOM   315 C C   . LEU A 1 42  ? -13.091 2.531   -2.113  1.00 71.62  ? 42  LEU A C   1 
ATOM   316 O O   . LEU A 1 42  ? -12.678 2.014   -3.151  1.00 71.22  ? 42  LEU A O   1 
ATOM   317 C CB  . LEU A 1 42  ? -12.093 1.174   -0.250  1.00 68.80  ? 42  LEU A CB  1 
ATOM   318 C CG  . LEU A 1 42  ? -11.786 1.155   1.259   1.00 68.78  ? 42  LEU A CG  1 
ATOM   319 C CD1 . LEU A 1 42  ? -13.004 1.252   2.196   1.00 72.80  ? 42  LEU A CD1 1 
ATOM   320 C CD2 . LEU A 1 42  ? -10.904 -0.029  1.632   1.00 67.05  ? 42  LEU A CD2 1 
ATOM   321 N N   . ILE A 1 43  ? -13.326 3.833   -1.990  1.00 72.41  ? 43  ILE A N   1 
ATOM   322 C CA  . ILE A 1 43  ? -12.940 4.804   -3.007  1.00 72.46  ? 43  ILE A CA  1 
ATOM   323 C C   . ILE A 1 43  ? -11.710 5.531   -2.467  1.00 69.09  ? 43  ILE A C   1 
ATOM   324 O O   . ILE A 1 43  ? -11.749 6.133   -1.391  1.00 69.32  ? 43  ILE A O   1 
ATOM   325 C CB  . ILE A 1 43  ? -14.081 5.796   -3.358  1.00 76.92  ? 43  ILE A CB  1 
ATOM   326 C CG1 . ILE A 1 43  ? -15.249 5.052   -4.024  1.00 80.90  ? 43  ILE A CG1 1 
ATOM   327 C CG2 . ILE A 1 43  ? -13.574 6.912   -4.278  1.00 77.67  ? 43  ILE A CG2 1 
ATOM   328 C CD1 . ILE A 1 43  ? -16.563 5.811   -4.052  1.00 86.00  ? 43  ILE A CD1 1 
ATOM   329 N N   . VAL A 1 44  ? -10.612 5.411   -3.200  1.00 66.66  ? 44  VAL A N   1 
ATOM   330 C CA  . VAL A 1 44  ? -9.385  6.161   -2.929  1.00 64.20  ? 44  VAL A CA  1 
ATOM   331 C C   . VAL A 1 44  ? -8.988  6.757   -4.279  1.00 65.18  ? 44  VAL A C   1 
ATOM   332 O O   . VAL A 1 44  ? -8.783  6.024   -5.257  1.00 65.37  ? 44  VAL A O   1 
ATOM   333 C CB  . VAL A 1 44  ? -8.234  5.273   -2.364  1.00 60.79  ? 44  VAL A CB  1 
ATOM   334 C CG1 . VAL A 1 44  ? -7.022  6.125   -2.002  1.00 59.34  ? 44  VAL A CG1 1 
ATOM   335 C CG2 . VAL A 1 44  ? -8.677  4.462   -1.150  1.00 60.54  ? 44  VAL A CG2 1 
ATOM   336 N N   . VAL A 1 45  ? -8.915  8.082   -4.328  1.00 66.60  ? 45  VAL A N   1 
ATOM   337 C CA  . VAL A 1 45  ? -8.586  8.811   -5.555  1.00 68.84  ? 45  VAL A CA  1 
ATOM   338 C C   . VAL A 1 45  ? -7.073  8.886   -5.791  1.00 66.38  ? 45  VAL A C   1 
ATOM   339 O O   . VAL A 1 45  ? -6.275  8.592   -4.885  1.00 62.95  ? 45  VAL A O   1 
ATOM   340 C CB  . VAL A 1 45  ? -9.243  10.228  -5.618  1.00 73.27  ? 45  VAL A CB  1 
ATOM   341 C CG1 . VAL A 1 45  ? -10.753 10.117  -5.781  1.00 76.68  ? 45  VAL A CG1 1 
ATOM   342 C CG2 . VAL A 1 45  ? -8.873  11.100  -4.420  1.00 72.60  ? 45  VAL A CG2 1 
ATOM   343 N N   . GLU A 1 46  ? -6.706  9.271   -7.015  1.00 68.79  ? 46  GLU A N   1 
ATOM   344 C CA  . GLU A 1 46  ? -5.314  9.435   -7.445  1.00 67.81  ? 46  GLU A CA  1 
ATOM   345 C C   . GLU A 1 46  ? -4.539  10.398  -6.547  1.00 66.81  ? 46  GLU A C   1 
ATOM   346 O O   . GLU A 1 46  ? -3.431  10.085  -6.127  1.00 64.00  ? 46  GLU A O   1 
ATOM   347 C CB  . GLU A 1 46  ? -5.247  9.883   -8.913  1.00 72.78  ? 46  GLU A CB  1 
ATOM   348 C CG  . GLU A 1 46  ? -5.836  8.879   -9.903  1.00 74.65  ? 46  GLU A CG  1 
ATOM   349 C CD  . GLU A 1 46  ? -5.746  9.308   -11.369 1.00 80.78  ? 46  GLU A CD  1 
ATOM   350 O OE1 . GLU A 1 46  ? -5.596  10.517  -11.670 1.00 84.64  ? 46  GLU A OE1 1 
ATOM   351 O OE2 . GLU A 1 46  ? -5.846  8.412   -12.238 1.00 82.49  ? 46  GLU A OE2 1 
ATOM   352 N N   . GLY A 1 47  ? -5.145  11.547  -6.234  1.00 69.68  ? 47  GLY A N   1 
ATOM   353 C CA  . GLY A 1 47  ? -4.580  12.522  -5.290  1.00 69.77  ? 47  GLY A CA  1 
ATOM   354 C C   . GLY A 1 47  ? -4.151  11.944  -3.943  1.00 65.48  ? 47  GLY A C   1 
ATOM   355 O O   . GLY A 1 47  ? -3.191  12.435  -3.338  1.00 65.38  ? 47  GLY A O   1 
ATOM   356 N N   . THR A 1 48  ? -4.861  10.909  -3.481  1.00 62.77  ? 48  THR A N   1 
ATOM   357 C CA  . THR A 1 48  ? -4.553  10.225  -2.219  1.00 59.85  ? 48  THR A CA  1 
ATOM   358 C C   . THR A 1 48  ? -3.525  9.092   -2.445  1.00 56.59  ? 48  THR A C   1 
ATOM   359 O O   . THR A 1 48  ? -2.515  9.014   -1.743  1.00 55.34  ? 48  THR A O   1 
ATOM   360 C CB  . THR A 1 48  ? -5.834  9.669   -1.536  1.00 60.00  ? 48  THR A CB  1 
ATOM   361 O OG1 . THR A 1 48  ? -6.822  10.709  -1.387  1.00 63.70  ? 48  THR A OG1 1 
ATOM   362 C CG2 . THR A 1 48  ? -5.528  9.078   -0.168  1.00 58.47  ? 48  THR A CG2 1 
ATOM   363 N N   . LEU A 1 49  ? -3.788  8.241   -3.440  1.00 55.76  ? 49  LEU A N   1 
ATOM   364 C CA  . LEU A 1 49  ? -2.983  7.056   -3.719  1.00 53.37  ? 49  LEU A CA  1 
ATOM   365 C C   . LEU A 1 49  ? -1.549  7.367   -4.201  1.00 53.24  ? 49  LEU A C   1 
ATOM   366 O O   . LEU A 1 49  ? -0.586  6.790   -3.694  1.00 51.02  ? 49  LEU A O   1 
ATOM   367 C CB  . LEU A 1 49  ? -3.699  6.167   -4.748  1.00 54.09  ? 49  LEU A CB  1 
ATOM   368 C CG  . LEU A 1 49  ? -3.565  4.634   -4.849  1.00 52.51  ? 49  LEU A CG  1 
ATOM   369 C CD1 . LEU A 1 49  ? -3.238  4.228   -6.277  1.00 53.99  ? 49  LEU A CD1 1 
ATOM   370 C CD2 . LEU A 1 49  ? -2.557  4.008   -3.903  1.00 50.19  ? 49  LEU A CD2 1 
ATOM   371 N N   . TYR A 1 50  ? -1.423  8.285   -5.160  1.00 56.06  ? 50  TYR A N   1 
ATOM   372 C CA  . TYR A 1 50  ? -0.139  8.561   -5.830  1.00 57.23  ? 50  TYR A CA  1 
ATOM   373 C C   . TYR A 1 50  ? 1.013   8.961   -4.879  1.00 56.71  ? 50  TYR A C   1 
ATOM   374 O O   . TYR A 1 50  ? 2.100   8.374   -4.999  1.00 55.81  ? 50  TYR A O   1 
ATOM   375 C CB  . TYR A 1 50  ? -0.304  9.556   -6.997  1.00 61.65  ? 50  TYR A CB  1 
ATOM   376 C CG  . TYR A 1 50  ? -1.028  9.016   -8.230  1.00 63.76  ? 50  TYR A CG  1 
ATOM   377 C CD1 . TYR A 1 50  ? -1.630  7.739   -8.234  1.00 61.59  ? 50  TYR A CD1 1 
ATOM   378 C CD2 . TYR A 1 50  ? -1.128  9.788   -9.397  1.00 68.93  ? 50  TYR A CD2 1 
ATOM   379 C CE1 . TYR A 1 50  ? -2.288  7.251   -9.355  1.00 64.29  ? 50  TYR A CE1 1 
ATOM   380 C CE2 . TYR A 1 50  ? -1.791  9.301   -10.526 1.00 71.91  ? 50  TYR A CE2 1 
ATOM   381 C CZ  . TYR A 1 50  ? -2.371  8.030   -10.493 1.00 69.50  ? 50  TYR A CZ  1 
ATOM   382 O OH  . TYR A 1 50  ? -3.037  7.520   -11.585 1.00 73.11  ? 50  TYR A OH  1 
ATOM   383 N N   . PRO A 1 51  ? 0.787   9.923   -3.934  1.00 57.92  ? 51  PRO A N   1 
ATOM   384 C CA  . PRO A 1 51  ? 1.880   10.282  -3.016  1.00 58.44  ? 51  PRO A CA  1 
ATOM   385 C C   . PRO A 1 51  ? 2.323   9.169   -2.066  1.00 55.92  ? 51  PRO A C   1 
ATOM   386 O O   . PRO A 1 51  ? 3.474   9.172   -1.630  1.00 56.60  ? 51  PRO A O   1 
ATOM   387 C CB  . PRO A 1 51  ? 1.309   11.462  -2.210  1.00 61.04  ? 51  PRO A CB  1 
ATOM   388 C CG  . PRO A 1 51  ? 0.210   12.013  -3.055  1.00 62.76  ? 51  PRO A CG  1 
ATOM   389 C CD  . PRO A 1 51  ? -0.383  10.807  -3.724  1.00 59.99  ? 51  PRO A CD  1 
ATOM   390 N N   . LEU A 1 52  ? 1.430   8.235   -1.746  1.00 53.93  ? 52  LEU A N   1 
ATOM   391 C CA  . LEU A 1 52  ? 1.772   7.112   -0.862  1.00 52.44  ? 52  LEU A CA  1 
ATOM   392 C C   . LEU A 1 52  ? 2.614   6.058   -1.587  1.00 51.34  ? 52  LEU A C   1 
ATOM   393 O O   . LEU A 1 52  ? 3.600   5.535   -1.024  1.00 51.52  ? 52  LEU A O   1 
ATOM   394 C CB  . LEU A 1 52  ? 0.507   6.500   -0.266  1.00 51.59  ? 52  LEU A CB  1 
ATOM   395 C CG  . LEU A 1 52  ? -0.097  7.016   1.052   1.00 53.30  ? 52  LEU A CG  1 
ATOM   396 C CD1 . LEU A 1 52  ? 0.213   8.459   1.450   1.00 55.94  ? 52  LEU A CD1 1 
ATOM   397 C CD2 . LEU A 1 52  ? -1.584  6.747   1.053   1.00 53.13  ? 52  LEU A CD2 1 
ATOM   398 N N   . LEU A 1 53  ? 2.241   5.770   -2.837  1.00 50.84  ? 53  LEU A N   1 
ATOM   399 C CA  . LEU A 1 53  ? 3.034   4.922   -3.711  1.00 50.74  ? 53  LEU A CA  1 
ATOM   400 C C   . LEU A 1 53  ? 4.464   5.459   -3.827  1.00 52.40  ? 53  LEU A C   1 
ATOM   401 O O   . LEU A 1 53  ? 5.429   4.704   -3.652  1.00 52.04  ? 53  LEU A O   1 
ATOM   402 C CB  . LEU A 1 53  ? 2.389   4.822   -5.100  1.00 51.47  ? 53  LEU A CB  1 
ATOM   403 C CG  . LEU A 1 53  ? 0.985   4.239   -5.223  1.00 50.77  ? 53  LEU A CG  1 
ATOM   404 C CD1 . LEU A 1 53  ? 0.535   4.371   -6.673  1.00 53.12  ? 53  LEU A CD1 1 
ATOM   405 C CD2 . LEU A 1 53  ? 0.953   2.791   -4.751  1.00 49.17  ? 53  LEU A CD2 1 
ATOM   406 N N   . THR A 1 54  ? 4.566   6.766   -4.094  1.00 54.67  ? 54  THR A N   1 
ATOM   407 C CA  . THR A 1 54  ? 5.836   7.484   -4.183  1.00 57.35  ? 54  THR A CA  1 
ATOM   408 C C   . THR A 1 54  ? 6.623   7.382   -2.861  1.00 57.36  ? 54  THR A C   1 
ATOM   409 O O   . THR A 1 54  ? 7.824   7.084   -2.896  1.00 58.47  ? 54  THR A O   1 
ATOM   410 C CB  . THR A 1 54  ? 5.625   8.951   -4.667  1.00 60.73  ? 54  THR A CB  1 
ATOM   411 O OG1 . THR A 1 54  ? 5.094   8.935   -5.999  1.00 61.90  ? 54  THR A OG1 1 
ATOM   412 C CG2 . THR A 1 54  ? 6.935   9.752   -4.690  1.00 64.33  ? 54  THR A CG2 1 
ATOM   413 N N   . ARG A 1 55  ? 5.932   7.568   -1.728  1.00 56.83  ? 55  ARG A N   1 
ATOM   414 C CA  A ARG A 1 55  ? 6.540   7.478   -0.395  0.50 57.98  ? 55  ARG A CA  1 
ATOM   415 C CA  B ARG A 1 55  ? 6.561   7.484   -0.402  0.50 57.98  ? 55  ARG A CA  1 
ATOM   416 C C   . ARG A 1 55  ? 7.083   6.073   -0.096  1.00 56.56  ? 55  ARG A C   1 
ATOM   417 O O   . ARG A 1 55  ? 8.184   5.925   0.431   1.00 58.16  ? 55  ARG A O   1 
ATOM   418 C CB  A ARG A 1 55  ? 5.535   7.907   0.680   0.50 58.65  ? 55  ARG A CB  1 
ATOM   419 C CB  B ARG A 1 55  ? 5.620   7.992   0.704   0.50 58.80  ? 55  ARG A CB  1 
ATOM   420 C CG  A ARG A 1 55  ? 6.165   8.512   1.921   0.50 62.33  ? 55  ARG A CG  1 
ATOM   421 C CG  B ARG A 1 55  ? 6.348   8.485   1.948   0.50 62.35  ? 55  ARG A CG  1 
ATOM   422 C CD  A ARG A 1 55  ? 5.105   9.083   2.847   0.50 63.98  ? 55  ARG A CD  1 
ATOM   423 C CD  B ARG A 1 55  ? 5.507   9.441   2.783   0.50 64.80  ? 55  ARG A CD  1 
ATOM   424 N NE  A ARG A 1 55  ? 4.200   9.995   2.149   0.50 64.02  ? 55  ARG A NE  1 
ATOM   425 N NE  B ARG A 1 55  ? 4.585   8.761   3.692   0.50 64.12  ? 55  ARG A NE  1 
ATOM   426 C CZ  A ARG A 1 55  ? 3.531   10.975  2.744   0.50 66.75  ? 55  ARG A CZ  1 
ATOM   427 C CZ  B ARG A 1 55  ? 4.846   8.505   4.970   0.50 66.94  ? 55  ARG A CZ  1 
ATOM   428 N NH1 A ARG A 1 55  ? 3.679   11.174  4.046   0.50 70.08  ? 55  ARG A NH1 1 
ATOM   429 N NH1 B ARG A 1 55  ? 6.008   8.862   5.499   0.50 70.55  ? 55  ARG A NH1 1 
ATOM   430 N NH2 A ARG A 1 55  ? 2.727   11.761  2.041   0.50 67.15  ? 55  ARG A NH2 1 
ATOM   431 N NH2 B ARG A 1 55  ? 3.943   7.888   5.719   0.50 67.03  ? 55  ARG A NH2 1 
ATOM   432 N N   . LEU A 1 56  ? 6.295   5.051   -0.445  1.00 54.09  ? 56  LEU A N   1 
ATOM   433 C CA  . LEU A 1 56  ? 6.680   3.642   -0.266  1.00 53.43  ? 56  LEU A CA  1 
ATOM   434 C C   . LEU A 1 56  ? 7.829   3.226   -1.201  1.00 54.43  ? 56  LEU A C   1 
ATOM   435 O O   . LEU A 1 56  ? 8.725   2.479   -0.774  1.00 55.50  ? 56  LEU A O   1 
ATOM   436 C CB  . LEU A 1 56  ? 5.474   2.700   -0.421  1.00 51.25  ? 56  LEU A CB  1 
ATOM   437 C CG  . LEU A 1 56  ? 4.323   2.710   0.612   1.00 51.18  ? 56  LEU A CG  1 
ATOM   438 C CD1 . LEU A 1 56  ? 3.013   2.279   -0.029  1.00 49.49  ? 56  LEU A CD1 1 
ATOM   439 C CD2 . LEU A 1 56  ? 4.616   1.854   1.839   1.00 52.74  ? 56  LEU A CD2 1 
ATOM   440 N N   . LYS A 1 57  ? 7.807   3.708   -2.453  1.00 54.74  ? 57  LYS A N   1 
ATOM   441 C CA  . LYS A 1 57  ? 8.931   3.501   -3.389  1.00 56.97  ? 57  LYS A CA  1 
ATOM   442 C C   . LYS A 1 57  ? 10.219  4.143   -2.873  1.00 59.89  ? 57  LYS A C   1 
ATOM   443 O O   . LYS A 1 57  ? 11.290  3.535   -2.964  1.00 61.51  ? 57  LYS A O   1 
ATOM   444 C CB  . LYS A 1 57  ? 8.614   4.013   -4.812  1.00 57.88  ? 57  LYS A CB  1 
ATOM   445 C CG  . LYS A 1 57  ? 9.859   4.272   -5.664  1.00 61.32  ? 57  LYS A CG  1 
ATOM   446 C CD  . LYS A 1 57  ? 9.652   5.284   -6.780  1.00 64.06  ? 57  LYS A CD  1 
ATOM   447 C CE  . LYS A 1 57  ? 9.362   6.703   -6.299  1.00 65.34  ? 57  LYS A CE  1 
ATOM   448 N NZ  . LYS A 1 57  ? 10.545  7.598   -6.500  1.00 69.46  ? 57  LYS A NZ  1 
ATOM   449 N N   . ASN A 1 58  ? 10.100  5.365   -2.349  1.00 61.33  ? 58  ASN A N   1 
ATOM   450 C CA  . ASN A 1 58  ? 11.243  6.123   -1.828  1.00 65.32  ? 58  ASN A CA  1 
ATOM   451 C C   . ASN A 1 58  ? 11.928  5.455   -0.640  1.00 66.87  ? 58  ASN A C   1 
ATOM   452 O O   . ASN A 1 58  ? 13.138  5.575   -0.474  1.00 70.28  ? 58  ASN A O   1 
ATOM   453 C CB  . ASN A 1 58  ? 10.847  7.568   -1.491  1.00 66.82  ? 58  ASN A CB  1 
ATOM   454 C CG  . ASN A 1 58  ? 10.768  8.462   -2.724  1.00 68.27  ? 58  ASN A CG  1 
ATOM   455 O OD1 . ASN A 1 58  ? 11.189  8.081   -3.819  1.00 68.67  ? 58  ASN A OD1 1 
ATOM   456 N ND2 . ASN A 1 58  ? 10.231  9.662   -2.548  1.00 69.93  ? 58  ASN A ND2 1 
ATOM   457 N N   . ASP A 1 59  ? 11.145  4.741   0.162   1.00 65.52  ? 59  ASP A N   1 
ATOM   458 C CA  . ASP A 1 59  ? 11.675  3.935   1.258   1.00 67.97  ? 59  ASP A CA  1 
ATOM   459 C C   . ASP A 1 59  ? 11.986  2.488   0.817   1.00 67.24  ? 59  ASP A C   1 
ATOM   460 O O   . ASP A 1 59  ? 12.235  1.616   1.654   1.00 68.76  ? 59  ASP A O   1 
ATOM   461 C CB  . ASP A 1 59  ? 10.716  3.970   2.461   1.00 68.03  ? 59  ASP A CB  1 
ATOM   462 C CG  . ASP A 1 59  ? 11.368  3.474   3.747   1.00 72.09  ? 59  ASP A CG  1 
ATOM   463 O OD1 . ASP A 1 59  ? 12.584  3.699   3.940   1.00 75.83  ? 59  ASP A OD1 1 
ATOM   464 O OD2 . ASP A 1 59  ? 10.666  2.849   4.567   1.00 72.43  ? 59  ASP A OD2 1 
ATOM   465 N N   . ASP A 1 60  ? 11.979  2.255   -0.503  1.00 66.16  ? 60  ASP A N   1 
ATOM   466 C CA  . ASP A 1 60  ? 12.304  0.955   -1.132  1.00 66.38  ? 60  ASP A CA  1 
ATOM   467 C C   . ASP A 1 60  ? 11.404  -0.215  -0.683  1.00 64.91  ? 60  ASP A C   1 
ATOM   468 O O   . ASP A 1 60  ? 11.842  -1.373  -0.663  1.00 66.15  ? 60  ASP A O   1 
ATOM   469 C CB  . ASP A 1 60  ? 13.802  0.600   -0.950  1.00 70.58  ? 60  ASP A CB  1 
ATOM   470 C CG  . ASP A 1 60  ? 14.742  1.503   -1.755  1.00 73.25  ? 60  ASP A CG  1 
ATOM   471 O OD1 . ASP A 1 60  ? 14.307  2.520   -2.347  1.00 72.75  ? 60  ASP A OD1 1 
ATOM   472 O OD2 . ASP A 1 60  ? 15.948  1.186   -1.787  1.00 76.92  ? 60  ASP A OD2 1 
ATOM   473 N N   . LEU A 1 61  ? 10.165  0.103   -0.304  1.00 62.52  ? 61  LEU A N   1 
ATOM   474 C CA  . LEU A 1 61  ? 9.170   -0.889  0.102   1.00 59.62  ? 61  LEU A CA  1 
ATOM   475 C C   . LEU A 1 61  ? 8.399   -1.375  -1.119  1.00 57.05  ? 61  LEU A C   1 
ATOM   476 O O   . LEU A 1 61  ? 7.972   -2.528  -1.176  1.00 55.96  ? 61  LEU A O   1 
ATOM   477 C CB  . LEU A 1 61  ? 8.219   -0.309  1.159   1.00 58.92  ? 61  LEU A CB  1 
ATOM   478 C CG  . LEU A 1 61  ? 8.780   -0.021  2.560   1.00 62.04  ? 61  LEU A CG  1 
ATOM   479 C CD1 . LEU A 1 61  ? 7.825   0.844   3.367   1.00 62.88  ? 61  LEU A CD1 1 
ATOM   480 C CD2 . LEU A 1 61  ? 9.111   -1.293  3.328   1.00 62.31  ? 61  LEU A CD2 1 
ATOM   481 N N   . LEU A 1 62  ? 8.215   -0.456  -2.069  1.00 56.95  ? 62  LEU A N   1 
ATOM   482 C CA  . LEU A 1 62  ? 7.758   -0.744  -3.423  1.00 55.83  ? 62  LEU A CA  1 
ATOM   483 C C   . LEU A 1 62  ? 8.862   -0.376  -4.417  1.00 57.91  ? 62  LEU A C   1 
ATOM   484 O O   . LEU A 1 62  ? 9.757   0.410   -4.103  1.00 60.72  ? 62  LEU A O   1 
ATOM   485 C CB  . LEU A 1 62  ? 6.502   0.065   -3.740  1.00 54.59  ? 62  LEU A CB  1 
ATOM   486 C CG  . LEU A 1 62  ? 5.064   -0.448  -3.546  1.00 53.79  ? 62  LEU A CG  1 
ATOM   487 C CD1 . LEU A 1 62  ? 4.795   -1.155  -2.221  1.00 54.16  ? 62  LEU A CD1 1 
ATOM   488 C CD2 . LEU A 1 62  ? 4.127   0.733   -3.711  1.00 54.15  ? 62  LEU A CD2 1 
ATOM   489 N N   . SER A 1 63  ? 8.799   -0.972  -5.602  1.00 57.80  ? 63  SER A N   1 
ATOM   490 C CA  . SER A 1 63  ? 9.609   -0.560  -6.747  1.00 60.57  ? 63  SER A CA  1 
ATOM   491 C C   . SER A 1 63  ? 8.773   -0.731  -8.010  1.00 58.84  ? 63  SER A C   1 
ATOM   492 O O   . SER A 1 63  ? 7.771   -1.457  -8.000  1.00 57.05  ? 63  SER A O   1 
ATOM   493 C CB  . SER A 1 63  ? 10.921  -1.350  -6.840  1.00 65.15  ? 63  SER A CB  1 
ATOM   494 O OG  . SER A 1 63  ? 10.695  -2.709  -7.164  1.00 66.24  ? 63  SER A OG  1 
ATOM   495 N N   . TYR A 1 64  ? 9.165   -0.045  -9.080  1.00 60.06  ? 64  TYR A N   1 
ATOM   496 C CA  . TYR A 1 64  ? 8.404   -0.107  -10.312 1.00 59.26  ? 64  TYR A CA  1 
ATOM   497 C C   . TYR A 1 64  ? 9.290   -0.194  -11.555 1.00 62.76  ? 64  TYR A C   1 
ATOM   498 O O   . TYR A 1 64  ? 10.497  0.097   -11.519 1.00 66.05  ? 64  TYR A O   1 
ATOM   499 C CB  . TYR A 1 64  ? 7.379   1.060   -10.403 1.00 56.61  ? 64  TYR A CB  1 
ATOM   500 C CG  . TYR A 1 64  ? 8.005   2.419   -10.593 1.00 58.63  ? 64  TYR A CG  1 
ATOM   501 C CD1 . TYR A 1 64  ? 8.462   2.842   -11.852 1.00 59.74  ? 64  TYR A CD1 1 
ATOM   502 C CD2 . TYR A 1 64  ? 8.146   3.293   -9.514  1.00 60.65  ? 64  TYR A CD2 1 
ATOM   503 C CE1 . TYR A 1 64  ? 9.049   4.089   -12.022 1.00 62.90  ? 64  TYR A CE1 1 
ATOM   504 C CE2 . TYR A 1 64  ? 8.729   4.537   -9.680  1.00 64.12  ? 64  TYR A CE2 1 
ATOM   505 C CZ  . TYR A 1 64  ? 9.179   4.928   -10.927 1.00 65.32  ? 64  TYR A CZ  1 
ATOM   506 O OH  . TYR A 1 64  ? 9.753   6.170   -11.058 1.00 70.56  ? 64  TYR A OH  1 
ATOM   507 N N   . GLU A 1 65  ? 8.659   -0.615  -12.646 1.00 63.24  ? 65  GLU A N   1 
ATOM   508 C CA  . GLU A 1 65  ? 9.231   -0.545  -13.981 1.00 66.47  ? 65  GLU A CA  1 
ATOM   509 C C   . GLU A 1 65  ? 8.210   0.125   -14.902 1.00 63.90  ? 65  GLU A C   1 
ATOM   510 O O   . GLU A 1 65  ? 6.992   0.022   -14.689 1.00 62.88  ? 65  GLU A O   1 
ATOM   511 C CB  . GLU A 1 65  ? 9.674   -1.925  -14.486 1.00 71.85  ? 65  GLU A CB  1 
ATOM   512 C CG  . GLU A 1 65  ? 8.984   -3.127  -13.849 1.00 73.64  ? 65  GLU A CG  1 
ATOM   513 C CD  . GLU A 1 65  ? 9.804   -4.411  -13.892 1.00 81.79  ? 65  GLU A CD  1 
ATOM   514 O OE1 . GLU A 1 65  ? 10.795  -4.517  -14.665 1.00 86.18  ? 65  GLU A OE1 1 
ATOM   515 O OE2 . GLU A 1 65  ? 9.446   -5.337  -13.118 1.00 84.90  ? 65  GLU A OE2 1 
ATOM   516 N N   . TRP A 1 66  ? 8.710   0.873   -15.877 1.00 63.85  ? 66  TRP A N   1 
ATOM   517 C CA  . TRP A 1 66  ? 7.855   1.545   -16.850 1.00 61.11  ? 66  TRP A CA  1 
ATOM   518 C C   . TRP A 1 66  ? 7.391   0.556   -17.933 1.00 61.81  ? 66  TRP A C   1 
ATOM   519 O O   . TRP A 1 66  ? 8.201   -0.182  -18.496 1.00 63.59  ? 66  TRP A O   1 
ATOM   520 C CB  . TRP A 1 66  ? 8.599   2.707   -17.500 1.00 62.24  ? 66  TRP A CB  1 
ATOM   521 C CG  . TRP A 1 66  ? 8.944   3.822   -16.569 1.00 63.27  ? 66  TRP A CG  1 
ATOM   522 C CD1 . TRP A 1 66  ? 10.142  4.031   -15.947 1.00 66.55  ? 66  TRP A CD1 1 
ATOM   523 C CD2 . TRP A 1 66  ? 8.083   4.898   -16.164 1.00 61.83  ? 66  TRP A CD2 1 
ATOM   524 N NE1 . TRP A 1 66  ? 10.081  5.167   -15.179 1.00 68.21  ? 66  TRP A NE1 1 
ATOM   525 C CE2 . TRP A 1 66  ? 8.830   5.722   -15.293 1.00 65.30  ? 66  TRP A CE2 1 
ATOM   526 C CE3 . TRP A 1 66  ? 6.755   5.245   -16.458 1.00 59.75  ? 66  TRP A CE3 1 
ATOM   527 C CZ2 . TRP A 1 66  ? 8.290   6.884   -14.704 1.00 66.74  ? 66  TRP A CZ2 1 
ATOM   528 C CZ3 . TRP A 1 66  ? 6.214   6.408   -15.882 1.00 61.53  ? 66  TRP A CZ3 1 
ATOM   529 C CH2 . TRP A 1 66  ? 6.987   7.213   -15.017 1.00 64.90  ? 66  TRP A CH2 1 
ATOM   530 N N   . VAL A 1 67  ? 6.083   0.539   -18.180 1.00 60.29  ? 67  VAL A N   1 
ATOM   531 C CA  . VAL A 1 67  ? 5.495   -0.209  -19.277 1.00 62.37  ? 67  VAL A CA  1 
ATOM   532 C C   . VAL A 1 67  ? 5.318   0.795   -20.414 1.00 63.06  ? 67  VAL A C   1 
ATOM   533 O O   . VAL A 1 67  ? 4.549   1.751   -20.306 1.00 62.39  ? 67  VAL A O   1 
ATOM   534 C CB  . VAL A 1 67  ? 4.165   -0.903  -18.871 1.00 62.42  ? 67  VAL A CB  1 
ATOM   535 C CG1 . VAL A 1 67  ? 3.473   -1.525  -20.081 1.00 64.96  ? 67  VAL A CG1 1 
ATOM   536 C CG2 . VAL A 1 67  ? 4.407   -1.966  -17.803 1.00 63.17  ? 67  VAL A CG2 1 
ATOM   537 N N   . GLU A 1 68  ? 6.060   0.571   -21.494 1.00 66.90  ? 68  GLU A N   1 
ATOM   538 C CA  . GLU A 1 68  ? 6.152   1.514   -22.612 1.00 66.94  ? 68  GLU A CA  1 
ATOM   539 C C   . GLU A 1 68  ? 5.354   0.988   -23.788 1.00 68.06  ? 68  GLU A C   1 
ATOM   540 O O   . GLU A 1 68  ? 5.466   -0.190  -24.154 1.00 70.95  ? 68  GLU A O   1 
ATOM   541 C CB  . GLU A 1 68  ? 7.617   1.727   -23.012 1.00 70.51  ? 68  GLU A CB  1 
ATOM   542 C CG  . GLU A 1 68  ? 8.512   2.289   -21.901 1.00 71.62  ? 68  GLU A CG  1 
ATOM   543 C CD  . GLU A 1 68  ? 8.607   3.808   -21.916 1.00 71.71  ? 68  GLU A CD  1 
ATOM   544 O OE1 . GLU A 1 68  ? 8.699   4.376   -23.039 1.00 72.96  ? 68  GLU A OE1 1 
ATOM   545 O OE2 . GLU A 1 68  ? 8.612   4.430   -20.810 1.00 71.17  ? 68  GLU A OE2 1 
ATOM   546 N N   . SER A 1 69  ? 4.547   1.870   -24.369 1.00 66.72  ? 69  SER A N   1 
ATOM   547 C CA  . SER A 1 69  ? 3.626   1.520   -25.452 1.00 68.49  ? 69  SER A CA  1 
ATOM   548 C C   . SER A 1 69  ? 3.666   2.580   -26.551 1.00 68.53  ? 69  SER A C   1 
ATOM   549 O O   . SER A 1 69  ? 4.319   3.614   -26.407 1.00 66.90  ? 69  SER A O   1 
ATOM   550 C CB  . SER A 1 69  ? 2.204   1.344   -24.880 1.00 69.59  ? 69  SER A CB  1 
ATOM   551 O OG  . SER A 1 69  ? 1.176   1.687   -25.806 1.00 71.34  ? 69  SER A OG  1 
ATOM   552 N N   . THR A 1 70  ? 2.983   2.306   -27.658 1.00 71.57  ? 70  THR A N   1 
ATOM   553 C CA  . THR A 1 70  ? 2.784   3.306   -28.707 1.00 72.63  ? 70  THR A CA  1 
ATOM   554 C C   . THR A 1 70  ? 1.349   3.852   -28.680 1.00 73.40  ? 70  THR A C   1 
ATOM   555 O O   . THR A 1 70  ? 1.059   4.886   -29.286 1.00 74.32  ? 70  THR A O   1 
ATOM   556 C CB  . THR A 1 70  ? 3.180   2.773   -30.109 1.00 75.91  ? 70  THR A CB  1 
ATOM   557 O OG1 . THR A 1 70  ? 2.352   1.659   -30.475 1.00 80.00  ? 70  THR A OG1 1 
ATOM   558 C CG2 . THR A 1 70  ? 4.636   2.339   -30.121 1.00 76.79  ? 70  THR A CG2 1 
ATOM   559 N N   . GLN A 1 71  ? 0.482   3.170   -27.928 1.00 74.89  ? 71  GLN A N   1 
ATOM   560 C CA  . GLN A 1 71  ? -0.964  3.452   -27.852 1.00 77.43  ? 71  GLN A CA  1 
ATOM   561 C C   . GLN A 1 71  ? -1.338  4.428   -26.736 1.00 75.96  ? 71  GLN A C   1 
ATOM   562 O O   . GLN A 1 71  ? -2.315  5.180   -26.849 1.00 79.62  ? 71  GLN A O   1 
ATOM   563 C CB  . GLN A 1 71  ? -1.751  2.142   -27.671 1.00 81.69  ? 71  GLN A CB  1 
ATOM   564 C CG  . GLN A 1 71  ? -1.507  1.075   -28.734 1.00 85.57  ? 71  GLN A CG  1 
ATOM   565 C CD  . GLN A 1 71  ? -1.729  1.582   -30.148 1.00 88.51  ? 71  GLN A CD  1 
ATOM   566 O OE1 . GLN A 1 71  ? -2.858  1.869   -30.552 1.00 93.19  ? 71  GLN A OE1 1 
ATOM   567 N NE2 . GLN A 1 71  ? -0.647  1.696   -30.910 1.00 87.10  ? 71  GLN A NE2 1 
ATOM   568 N N   . GLY A 1 72  ? -0.568  4.396   -25.654 1.00 71.59  ? 72  GLY A N   1 
ATOM   569 C CA  . GLY A 1 72  ? -0.796  5.267   -24.511 1.00 70.01  ? 72  GLY A CA  1 
ATOM   570 C C   . GLY A 1 72  ? 0.529   5.699   -23.909 1.00 65.92  ? 72  GLY A C   1 
ATOM   571 O O   . GLY A 1 72  ? 1.588   5.362   -24.448 1.00 63.87  ? 72  GLY A O   1 
ATOM   572 N N   . PRO A 1 73  ? 0.480   6.442   -22.782 1.00 65.64  ? 73  PRO A N   1 
ATOM   573 C CA  . PRO A 1 73  ? 1.676   6.917   -22.084 1.00 63.68  ? 73  PRO A CA  1 
ATOM   574 C C   . PRO A 1 73  ? 2.379   5.790   -21.310 1.00 60.55  ? 73  PRO A C   1 
ATOM   575 O O   . PRO A 1 73  ? 1.802   4.696   -21.169 1.00 59.49  ? 73  PRO A O   1 
ATOM   576 C CB  . PRO A 1 73  ? 1.102   7.960   -21.105 1.00 66.28  ? 73  PRO A CB  1 
ATOM   577 C CG  . PRO A 1 73  ? -0.253  7.435   -20.798 1.00 67.89  ? 73  PRO A CG  1 
ATOM   578 C CD  . PRO A 1 73  ? -0.752  6.921   -22.119 1.00 68.56  ? 73  PRO A CD  1 
ATOM   579 N N   . PRO A 1 74  ? 3.622   6.037   -20.829 1.00 60.36  ? 74  PRO A N   1 
ATOM   580 C CA  . PRO A 1 74  ? 4.277   5.055   -19.944 1.00 58.91  ? 74  PRO A CA  1 
ATOM   581 C C   . PRO A 1 74  ? 3.556   4.908   -18.604 1.00 59.37  ? 74  PRO A C   1 
ATOM   582 O O   . PRO A 1 74  ? 3.165   5.909   -17.987 1.00 61.29  ? 74  PRO A O   1 
ATOM   583 C CB  . PRO A 1 74  ? 5.669   5.654   -19.715 1.00 59.97  ? 74  PRO A CB  1 
ATOM   584 C CG  . PRO A 1 74  ? 5.908   6.531   -20.901 1.00 61.63  ? 74  PRO A CG  1 
ATOM   585 C CD  . PRO A 1 74  ? 4.564   7.102   -21.253 1.00 61.84  ? 74  PRO A CD  1 
ATOM   586 N N   . ARG A 1 75  ? 3.376   3.664   -18.172 1.00 58.38  ? 75  ARG A N   1 
ATOM   587 C CA  . ARG A 1 75  ? 2.646   3.361   -16.950 1.00 57.46  ? 75  ARG A CA  1 
ATOM   588 C C   . ARG A 1 75  ? 3.595   2.692   -15.960 1.00 55.76  ? 75  ARG A C   1 
ATOM   589 O O   . ARG A 1 75  ? 4.432   1.876   -16.358 1.00 56.45  ? 75  ARG A O   1 
ATOM   590 C CB  . ARG A 1 75  ? 1.457   2.451   -17.253 1.00 59.03  ? 75  ARG A CB  1 
ATOM   591 C CG  . ARG A 1 75  ? 0.472   2.997   -18.282 1.00 61.41  ? 75  ARG A CG  1 
ATOM   592 C CD  . ARG A 1 75  ? -0.617  1.980   -18.585 1.00 64.30  ? 75  ARG A CD  1 
ATOM   593 N NE  . ARG A 1 75  ? -1.574  1.907   -17.487 1.00 67.34  ? 75  ARG A NE  1 
ATOM   594 C CZ  . ARG A 1 75  ? -2.344  0.859   -17.194 1.00 70.40  ? 75  ARG A CZ  1 
ATOM   595 N NH1 . ARG A 1 75  ? -2.301  -0.250  -17.925 1.00 71.87  ? 75  ARG A NH1 1 
ATOM   596 N NH2 . ARG A 1 75  ? -3.168  0.926   -16.154 1.00 72.78  ? 75  ARG A NH2 1 
ATOM   597 N N   . LYS A 1 76  ? 3.485   3.072   -14.690 1.00 55.17  ? 76  LYS A N   1 
ATOM   598 C CA  . LYS A 1 76  ? 4.309   2.517   -13.625 1.00 54.15  ? 76  LYS A CA  1 
ATOM   599 C C   . LYS A 1 76  ? 3.711   1.183   -13.186 1.00 53.15  ? 76  LYS A C   1 
ATOM   600 O O   . LYS A 1 76  ? 2.521   1.073   -12.894 1.00 53.17  ? 76  LYS A O   1 
ATOM   601 C CB  . LYS A 1 76  ? 4.418   3.483   -12.441 1.00 56.39  ? 76  LYS A CB  1 
ATOM   602 C CG  . LYS A 1 76  ? 5.320   4.702   -12.653 1.00 59.02  ? 76  LYS A CG  1 
ATOM   603 C CD  . LYS A 1 76  ? 5.142   5.668   -11.494 1.00 62.17  ? 76  LYS A CD  1 
ATOM   604 C CE  . LYS A 1 76  ? 5.893   6.980   -11.694 1.00 67.03  ? 76  LYS A CE  1 
ATOM   605 N NZ  . LYS A 1 76  ? 6.962   7.225   -10.683 1.00 69.07  ? 76  LYS A NZ  1 
ATOM   606 N N   . TYR A 1 77  ? 4.536   0.145   -13.193 1.00 53.00  ? 77  TYR A N   1 
ATOM   607 C CA  . TYR A 1 77  ? 4.054   -1.174  -12.817 1.00 53.86  ? 77  TYR A CA  1 
ATOM   608 C C   . TYR A 1 77  ? 4.767   -1.577  -11.541 1.00 53.57  ? 77  TYR A C   1 
ATOM   609 O O   . TYR A 1 77  ? 5.978   -1.802  -11.522 1.00 55.83  ? 77  TYR A O   1 
ATOM   610 C CB  . TYR A 1 77  ? 4.208   -2.155  -13.977 1.00 55.82  ? 77  TYR A CB  1 
ATOM   611 C CG  . TYR A 1 77  ? 3.513   -3.493  -13.824 1.00 59.48  ? 77  TYR A CG  1 
ATOM   612 C CD1 . TYR A 1 77  ? 2.117   -3.602  -13.872 1.00 60.71  ? 77  TYR A CD1 1 
ATOM   613 C CD2 . TYR A 1 77  ? 4.267   -4.674  -13.686 1.00 63.10  ? 77  TYR A CD2 1 
ATOM   614 C CE1 . TYR A 1 77  ? 1.492   -4.841  -13.758 1.00 65.19  ? 77  TYR A CE1 1 
ATOM   615 C CE2 . TYR A 1 77  ? 3.650   -5.911  -13.566 1.00 67.25  ? 77  TYR A CE2 1 
ATOM   616 C CZ  . TYR A 1 77  ? 2.266   -5.988  -13.601 1.00 68.32  ? 77  TYR A CZ  1 
ATOM   617 O OH  . TYR A 1 77  ? 1.645   -7.205  -13.481 1.00 74.26  ? 77  TYR A OH  1 
ATOM   618 N N   . TYR A 1 78  ? 3.992   -1.614  -10.468 1.00 52.47  ? 78  TYR A N   1 
ATOM   619 C CA  . TYR A 1 78  ? 4.517   -1.655  -9.116  1.00 51.55  ? 78  TYR A CA  1 
ATOM   620 C C   . TYR A 1 78  ? 4.513   -3.067  -8.583  1.00 53.00  ? 78  TYR A C   1 
ATOM   621 O O   . TYR A 1 78  ? 3.590   -3.836  -8.845  1.00 54.37  ? 78  TYR A O   1 
ATOM   622 C CB  . TYR A 1 78  ? 3.642   -0.797  -8.191  1.00 50.25  ? 78  TYR A CB  1 
ATOM   623 C CG  . TYR A 1 78  ? 3.736   0.707   -8.321  1.00 49.67  ? 78  TYR A CG  1 
ATOM   624 C CD1 . TYR A 1 78  ? 4.681   1.435   -7.584  1.00 49.96  ? 78  TYR A CD1 1 
ATOM   625 C CD2 . TYR A 1 78  ? 2.818   1.421   -9.113  1.00 50.30  ? 78  TYR A CD2 1 
ATOM   626 C CE1 . TYR A 1 78  ? 4.752   2.819   -7.666  1.00 51.34  ? 78  TYR A CE1 1 
ATOM   627 C CE2 . TYR A 1 78  ? 2.870   2.812   -9.193  1.00 51.46  ? 78  TYR A CE2 1 
ATOM   628 C CZ  . TYR A 1 78  ? 3.837   3.506   -8.468  1.00 52.42  ? 78  TYR A CZ  1 
ATOM   629 O OH  . TYR A 1 78  ? 3.894   4.886   -8.522  1.00 55.68  ? 78  TYR A OH  1 
ATOM   630 N N   . LYS A 1 79  ? 5.544   -3.382  -7.812  1.00 54.19  ? 79  LYS A N   1 
ATOM   631 C CA  . LYS A 1 79  ? 5.599   -4.616  -7.040  1.00 57.06  ? 79  LYS A CA  1 
ATOM   632 C C   . LYS A 1 79  ? 6.102   -4.318  -5.631  1.00 56.47  ? 79  LYS A C   1 
ATOM   633 O O   . LYS A 1 79  ? 6.747   -3.293  -5.392  1.00 55.90  ? 79  LYS A O   1 
ATOM   634 C CB  . LYS A 1 79  ? 6.465   -5.668  -7.737  1.00 61.48  ? 79  LYS A CB  1 
ATOM   635 C CG  . LYS A 1 79  ? 7.948   -5.313  -7.789  1.00 63.54  ? 79  LYS A CG  1 
ATOM   636 C CD  . LYS A 1 79  ? 8.800   -6.446  -8.327  1.00 69.64  ? 79  LYS A CD  1 
ATOM   637 C CE  . LYS A 1 79  ? 10.220  -6.304  -7.803  1.00 73.30  ? 79  LYS A CE  1 
ATOM   638 N NZ  . LYS A 1 79  ? 11.085  -7.468  -8.187  1.00 81.19  ? 79  LYS A NZ  1 
ATOM   639 N N   . LEU A 1 80  ? 5.787   -5.219  -4.707  1.00 57.54  ? 80  LEU A N   1 
ATOM   640 C CA  . LEU A 1 80  ? 6.286   -5.152  -3.349  1.00 57.10  ? 80  LEU A CA  1 
ATOM   641 C C   . LEU A 1 80  ? 7.699   -5.769  -3.353  1.00 60.29  ? 80  LEU A C   1 
ATOM   642 O O   . LEU A 1 80  ? 7.869   -6.908  -3.805  1.00 63.88  ? 80  LEU A O   1 
ATOM   643 C CB  . LEU A 1 80  ? 5.353   -5.967  -2.446  1.00 58.41  ? 80  LEU A CB  1 
ATOM   644 C CG  . LEU A 1 80  ? 4.665   -5.489  -1.165  1.00 57.45  ? 80  LEU A CG  1 
ATOM   645 C CD1 . LEU A 1 80  ? 4.531   -6.682  -0.241  1.00 60.17  ? 80  LEU A CD1 1 
ATOM   646 C CD2 . LEU A 1 80  ? 5.361   -4.357  -0.428  1.00 55.84  ? 80  LEU A CD2 1 
ATOM   647 N N   . THR A 1 81  ? 8.696   -5.020  -2.865  1.00 60.05  ? 81  THR A N   1 
ATOM   648 C CA  . THR A 1 81  ? 10.105  -5.490  -2.796  1.00 64.51  ? 81  THR A CA  1 
ATOM   649 C C   . THR A 1 81  ? 10.335  -6.559  -1.714  1.00 67.82  ? 81  THR A C   1 
ATOM   650 O O   . THR A 1 81  ? 9.419   -6.891  -0.955  1.00 65.94  ? 81  THR A O   1 
ATOM   651 C CB  . THR A 1 81  ? 11.111  -4.339  -2.517  1.00 65.55  ? 81  THR A CB  1 
ATOM   652 O OG1 . THR A 1 81  ? 10.851  -3.771  -1.222  1.00 63.89  ? 81  THR A OG1 1 
ATOM   653 C CG2 . THR A 1 81  ? 11.075  -3.259  -3.603  1.00 63.65  ? 81  THR A CG2 1 
ATOM   654 N N   . GLY A 1 82  ? 11.566  -7.084  -1.648  1.00 68.69  ? 82  GLY A N   1 
ATOM   655 C CA  . GLY A 1 82  ? 12.013  -7.931  -0.539  1.00 70.70  ? 82  GLY A CA  1 
ATOM   656 C C   . GLY A 1 82  ? 11.829  -7.254  0.816   1.00 67.67  ? 82  GLY A C   1 
ATOM   657 O O   . GLY A 1 82  ? 11.276  -7.849  1.742   1.00 66.87  ? 82  GLY A O   1 
ATOM   658 N N   . LYS A 1 83  ? 12.289  -6.005  0.905   1.00 66.58  ? 83  LYS A N   1 
ATOM   659 C CA  . LYS A 1 83  ? 12.157  -5.156  2.085   1.00 65.05  ? 83  LYS A CA  1 
ATOM   660 C C   . LYS A 1 83  ? 10.668  -4.891  2.426   1.00 60.38  ? 83  LYS A C   1 
ATOM   661 O O   . LYS A 1 83  ? 10.278  -4.962  3.588   1.00 58.88  ? 83  LYS A O   1 
ATOM   662 C CB  . LYS A 1 83  ? 12.948  -3.848  1.887   1.00 66.71  ? 83  LYS A CB  1 
ATOM   663 C CG  . LYS A 1 83  ? 12.962  -2.904  3.088   1.00 67.06  ? 83  LYS A CG  1 
ATOM   664 C CD  . LYS A 1 83  ? 13.779  -1.648  2.796   1.00 70.43  ? 83  LYS A CD  1 
ATOM   665 C CE  . LYS A 1 83  ? 13.720  -0.666  3.958   1.00 71.31  ? 83  LYS A CE  1 
ATOM   666 N NZ  . LYS A 1 83  ? 14.304  0.662   3.618   1.00 74.90  ? 83  LYS A NZ  1 
ATOM   667 N N   . GLY A 1 84  ? 9.865   -4.636  1.391   1.00 58.81  ? 84  GLY A N   1 
ATOM   668 C CA  . GLY A 1 84  ? 8.409   -4.515  1.490   1.00 56.57  ? 84  GLY A CA  1 
ATOM   669 C C   . GLY A 1 84  ? 7.701   -5.736  2.044   1.00 57.09  ? 84  GLY A C   1 
ATOM   670 O O   . GLY A 1 84  ? 6.854   -5.597  2.930   1.00 56.09  ? 84  GLY A O   1 
ATOM   671 N N   . GLU A 1 85  ? 8.052   -6.919  1.526   1.00 59.55  ? 85  GLU A N   1 
ATOM   672 C CA  . GLU A 1 85  ? 7.517   -8.213  1.987   1.00 61.72  ? 85  GLU A CA  1 
ATOM   673 C C   . GLU A 1 85  ? 7.862   -8.515  3.452   1.00 62.07  ? 85  GLU A C   1 
ATOM   674 O O   . GLU A 1 85  ? 6.996   -8.986  4.197   1.00 62.46  ? 85  GLU A O   1 
ATOM   675 C CB  . GLU A 1 85  ? 8.008   -9.389  1.107   1.00 65.88  ? 85  GLU A CB  1 
ATOM   676 C CG  . GLU A 1 85  ? 7.528   -9.396  -0.346  1.00 66.98  ? 85  GLU A CG  1 
ATOM   677 C CD  . GLU A 1 85  ? 6.125   -9.971  -0.558  1.00 68.83  ? 85  GLU A CD  1 
ATOM   678 O OE1 . GLU A 1 85  ? 5.494   -10.470 0.402   1.00 69.28  ? 85  GLU A OE1 1 
ATOM   679 O OE2 . GLU A 1 85  ? 5.649   -9.941  -1.717  1.00 70.47  ? 85  GLU A OE2 1 
ATOM   680 N N   . SER A 1 86  ? 9.117   -8.271  3.845   1.00 63.21  ? 86  SER A N   1 
ATOM   681 C CA  . SER A 1 86  ? 9.564   -8.453  5.237   1.00 64.86  ? 86  SER A CA  1 
ATOM   682 C C   . SER A 1 86  ? 8.845   -7.494  6.203   1.00 61.66  ? 86  SER A C   1 
ATOM   683 O O   . SER A 1 86  ? 8.317   -7.943  7.226   1.00 62.05  ? 86  SER A O   1 
ATOM   684 C CB  . SER A 1 86  ? 11.080  -8.293  5.373   1.00 68.45  ? 86  SER A CB  1 
ATOM   685 O OG  . SER A 1 86  ? 11.766  -9.209  4.539   1.00 73.35  ? 86  SER A OG  1 
ATOM   686 N N   . PHE A 1 87  ? 8.821   -6.198  5.866   1.00 59.25  ? 87  PHE A N   1 
ATOM   687 C CA  . PHE A 1 87  ? 8.122   -5.190  6.675   1.00 57.63  ? 87  PHE A CA  1 
ATOM   688 C C   . PHE A 1 87  ? 6.625   -5.479  6.763   1.00 56.24  ? 87  PHE A C   1 
ATOM   689 O O   . PHE A 1 87  ? 6.059   -5.370  7.840   1.00 56.12  ? 87  PHE A O   1 
ATOM   690 C CB  . PHE A 1 87  ? 8.391   -3.748  6.202   1.00 56.94  ? 87  PHE A CB  1 
ATOM   691 C CG  . PHE A 1 87  ? 7.778   -2.677  7.093   1.00 56.43  ? 87  PHE A CG  1 
ATOM   692 C CD1 . PHE A 1 87  ? 8.041   -2.641  8.474   1.00 57.79  ? 87  PHE A CD1 1 
ATOM   693 C CD2 . PHE A 1 87  ? 6.968   -1.681  6.547   1.00 55.66  ? 87  PHE A CD2 1 
ATOM   694 C CE1 . PHE A 1 87  ? 7.478   -1.656  9.289   1.00 58.37  ? 87  PHE A CE1 1 
ATOM   695 C CE2 . PHE A 1 87  ? 6.411   -0.688  7.359   1.00 56.93  ? 87  PHE A CE2 1 
ATOM   696 C CZ  . PHE A 1 87  ? 6.664   -0.677  8.732   1.00 57.92  ? 87  PHE A CZ  1 
ATOM   697 N N   . LEU A 1 88  ? 6.009   -5.879  5.645   1.00 56.44  ? 88  LEU A N   1 
ATOM   698 C CA  . LEU A 1 88  ? 4.613   -6.358  5.637   1.00 57.22  ? 88  LEU A CA  1 
ATOM   699 C C   . LEU A 1 88  ? 4.381   -7.519  6.624   1.00 58.99  ? 88  LEU A C   1 
ATOM   700 O O   . LEU A 1 88  ? 3.411   -7.496  7.398   1.00 59.47  ? 88  LEU A O   1 
ATOM   701 C CB  . LEU A 1 88  ? 4.173   -6.769  4.226   1.00 58.58  ? 88  LEU A CB  1 
ATOM   702 C CG  . LEU A 1 88  ? 2.761   -7.354  4.068   1.00 61.35  ? 88  LEU A CG  1 
ATOM   703 C CD1 . LEU A 1 88  ? 1.669   -6.299  4.243   1.00 61.66  ? 88  LEU A CD1 1 
ATOM   704 C CD2 . LEU A 1 88  ? 2.652   -8.032  2.722   1.00 63.98  ? 88  LEU A CD2 1 
ATOM   705 N N   . GLY A 1 89  ? 5.276   -8.512  6.595   1.00 60.63  ? 89  GLY A N   1 
ATOM   706 C CA  . GLY A 1 89  ? 5.231   -9.663  7.519   1.00 63.36  ? 89  GLY A CA  1 
ATOM   707 C C   . GLY A 1 89  ? 5.283   -9.267  8.991   1.00 62.61  ? 89  GLY A C   1 
ATOM   708 O O   . GLY A 1 89  ? 4.565   -9.836  9.827   1.00 63.93  ? 89  GLY A O   1 
ATOM   709 N N   . GLU A 1 90  ? 6.141   -8.291  9.294   1.00 61.23  ? 90  GLU A N   1 
ATOM   710 C CA  . GLU A 1 90  ? 6.245   -7.686  10.624  1.00 61.34  ? 90  GLU A CA  1 
ATOM   711 C C   . GLU A 1 90  ? 4.913   -7.078  11.084  1.00 60.07  ? 90  GLU A C   1 
ATOM   712 O O   . GLU A 1 90  ? 4.468   -7.340  12.208  1.00 61.49  ? 90  GLU A O   1 
ATOM   713 C CB  . GLU A 1 90  ? 7.356   -6.628  10.631  1.00 61.16  ? 90  GLU A CB  1 
ATOM   714 C CG  . GLU A 1 90  ? 7.414   -5.763  11.889  1.00 61.60  ? 90  GLU A CG  1 
ATOM   715 C CD  . GLU A 1 90  ? 8.433   -4.643  11.791  1.00 62.70  ? 90  GLU A CD  1 
ATOM   716 O OE1 . GLU A 1 90  ? 9.481   -4.822  11.119  1.00 64.00  ? 90  GLU A OE1 1 
ATOM   717 O OE2 . GLU A 1 90  ? 8.189   -3.585  12.407  1.00 62.94  ? 90  GLU A OE2 1 
ATOM   718 N N   . LEU A 1 91  ? 4.285   -6.305  10.201  1.00 58.64  ? 91  LEU A N   1 
ATOM   719 C CA  . LEU A 1 91  ? 3.042   -5.571  10.487  1.00 59.24  ? 91  LEU A CA  1 
ATOM   720 C C   . LEU A 1 91  ? 1.821   -6.461  10.723  1.00 61.75  ? 91  LEU A C   1 
ATOM   721 O O   . LEU A 1 91  ? 1.011   -6.180  11.627  1.00 63.32  ? 91  LEU A O   1 
ATOM   722 C CB  . LEU A 1 91  ? 2.745   -4.592  9.347   1.00 58.39  ? 91  LEU A CB  1 
ATOM   723 C CG  . LEU A 1 91  ? 3.120   -3.099  9.337   1.00 58.38  ? 91  LEU A CG  1 
ATOM   724 C CD1 . LEU A 1 91  ? 3.949   -2.580  10.512  1.00 58.56  ? 91  LEU A CD1 1 
ATOM   725 C CD2 . LEU A 1 91  ? 3.805   -2.841  8.007   1.00 57.20  ? 91  LEU A CD2 1 
ATOM   726 N N   . GLU A 1 92  ? 1.696   -7.514  9.904   1.00 63.00  ? 92  GLU A N   1 
ATOM   727 C CA  . GLU A 1 92  ? 0.598   -8.487  9.989   1.00 66.82  ? 92  GLU A CA  1 
ATOM   728 C C   . GLU A 1 92  ? 0.651   -9.272  11.297  1.00 68.64  ? 92  GLU A C   1 
ATOM   729 O O   . GLU A 1 92  ? -0.393  -9.550  11.901  1.00 71.68  ? 92  GLU A O   1 
ATOM   730 C CB  . GLU A 1 92  ? 0.628   -9.468  8.798   1.00 68.79  ? 92  GLU A CB  1 
ATOM   731 C CG  . GLU A 1 92  ? 0.265   -8.863  7.442   1.00 68.64  ? 92  GLU A CG  1 
ATOM   732 C CD  . GLU A 1 92  ? 0.390   -9.841  6.275   1.00 71.34  ? 92  GLU A CD  1 
ATOM   733 O OE1 . GLU A 1 92  ? 1.113   -10.854 6.382   1.00 72.28  ? 92  GLU A OE1 1 
ATOM   734 O OE2 . GLU A 1 92  ? -0.238  -9.589  5.226   1.00 73.42  ? 92  GLU A OE2 1 
ATOM   735 N N   . ALA A 1 93  ? 1.872   -9.627  11.710  1.00 67.79  ? 93  ALA A N   1 
ATOM   736 C CA  . ALA A 1 93  ? 2.132   -10.325 12.968  1.00 70.40  ? 93  ALA A CA  1 
ATOM   737 C C   . ALA A 1 93  ? 1.890   -9.402  14.160  1.00 69.93  ? 93  ALA A C   1 
ATOM   738 O O   . ALA A 1 93  ? 1.485   -9.857  15.233  1.00 72.68  ? 93  ALA A O   1 
ATOM   739 C CB  . ALA A 1 93  ? 3.554   -10.887 12.988  1.00 71.33  ? 93  ALA A CB  1 
ATOM   740 N N   . SER A 1 94  ? 2.107   -8.102  13.948  1.00 67.55  ? 94  SER A N   1 
ATOM   741 C CA  . SER A 1 94  ? 1.842   -7.067  14.948  1.00 67.51  ? 94  SER A CA  1 
ATOM   742 C C   . SER A 1 94  ? 0.341   -6.784  15.150  1.00 69.84  ? 94  SER A C   1 
ATOM   743 O O   . SER A 1 94  ? -0.076  -6.429  16.271  1.00 71.11  ? 94  SER A O   1 
ATOM   744 C CB  . SER A 1 94  ? 2.587   -5.775  14.597  1.00 65.57  ? 94  SER A CB  1 
ATOM   745 O OG  . SER A 1 94  ? 3.979   -5.889  14.841  1.00 65.64  ? 94  SER A OG  1 
ATOM   746 N N   . TRP A 1 95  ? -0.458  -6.905  14.075  1.00 70.60  ? 95  TRP A N   1 
ATOM   747 C CA  . TRP A 1 95  ? -1.925  -6.839  14.201  1.00 74.55  ? 95  TRP A CA  1 
ATOM   748 C C   . TRP A 1 95  ? -2.452  -8.063  14.916  1.00 77.95  ? 95  TRP A C   1 
ATOM   749 O O   . TRP A 1 95  ? -3.439  -7.978  15.651  1.00 81.59  ? 95  TRP A O   1 
ATOM   750 C CB  . TRP A 1 95  ? -2.624  -6.789  12.847  1.00 76.23  ? 95  TRP A CB  1 
ATOM   751 C CG  . TRP A 1 95  ? -2.450  -5.549  12.114  1.00 74.75  ? 95  TRP A CG  1 
ATOM   752 C CD1 . TRP A 1 95  ? -1.931  -5.424  10.868  1.00 72.73  ? 95  TRP A CD1 1 
ATOM   753 C CD2 . TRP A 1 95  ? -2.793  -4.228  12.542  1.00 76.28  ? 95  TRP A CD2 1 
ATOM   754 N NE1 . TRP A 1 95  ? -1.920  -4.113  10.483  0.50 72.41  ? 95  TRP A NE1 1 
ATOM   755 C CE2 . TRP A 1 95  ? -2.442  -3.353  11.490  0.50 74.85  ? 95  TRP A CE2 1 
ATOM   756 C CE3 . TRP A 1 95  ? -3.368  -3.688  13.703  0.50 79.37  ? 95  TRP A CE3 1 
ATOM   757 C CZ2 . TRP A 1 95  ? -2.650  -1.984  11.548  0.50 76.87  ? 95  TRP A CZ2 1 
ATOM   758 C CZ3 . TRP A 1 95  ? -3.551  -2.299  13.770  0.50 81.44  ? 95  TRP A CZ3 1 
ATOM   759 C CH2 . TRP A 1 95  ? -3.183  -1.460  12.692  0.50 80.26  ? 95  TRP A CH2 1 
ATOM   760 N N   . LYS A 1 96  ? -1.805  -9.202  14.652  1.00 77.26  ? 96  LYS A N   1 
ATOM   761 C CA  . LYS A 1 96  ? -2.143  -10.474 15.273  1.00 81.30  ? 96  LYS A CA  1 
ATOM   762 C C   . LYS A 1 96  ? -1.881  -10.408 16.780  1.00 81.64  ? 96  LYS A C   1 
ATOM   763 O O   . LYS A 1 96  ? -2.742  -10.806 17.568  1.00 85.77  ? 96  LYS A O   1 
ATOM   764 C CB  . LYS A 1 96  ? -1.373  -11.620 14.607  1.00 81.59  ? 96  LYS A CB  1 
ATOM   765 C CG  . LYS A 1 96  ? -2.129  -12.936 14.579  1.00 87.74  ? 96  LYS A CG  1 
ATOM   766 C CD  . LYS A 1 96  ? -1.568  -13.858 13.506  1.00 89.02  ? 96  LYS A CD  1 
ATOM   767 C CE  . LYS A 1 96  ? -2.455  -15.073 13.288  1.00 96.54  ? 96  LYS A CE  1 
ATOM   768 N NZ  . LYS A 1 96  ? -2.197  -16.161 14.290  1.00 100.79 ? 96  LYS A NZ  1 
ATOM   769 N N   . GLU A 1 97  ? -0.715  -9.868  17.163  1.00 78.21  ? 97  GLU A N   1 
ATOM   770 C CA  . GLU A 1 97  ? -0.357  -9.616  18.569  1.00 79.19  ? 97  GLU A CA  1 
ATOM   771 C C   . GLU A 1 97  ? -1.330  -8.637  19.241  1.00 80.63  ? 97  GLU A C   1 
ATOM   772 O O   . GLU A 1 97  ? -1.643  -8.772  20.434  1.00 83.61  ? 97  GLU A O   1 
ATOM   773 C CB  . GLU A 1 97  ? 1.081   -9.093  18.678  1.00 76.80  ? 97  GLU A CB  1 
ATOM   774 C CG  . GLU A 1 97  ? 1.622   -8.989  20.104  1.00 79.43  ? 97  GLU A CG  1 
ATOM   775 C CD  . GLU A 1 97  ? 1.837   -10.347 20.759  1.00 83.22  ? 97  GLU A CD  1 
ATOM   776 O OE1 . GLU A 1 97  ? 2.819   -11.034 20.413  1.00 83.77  ? 97  GLU A OE1 1 
ATOM   777 O OE2 . GLU A 1 97  ? 1.022   -10.729 21.626  1.00 86.48  ? 97  GLU A OE2 1 
ATOM   778 N N   . LEU A 1 98  ? -1.819  -7.681  18.451  1.00 178.96 ? 98  LEU A N   1 
ATOM   779 C CA  . LEU A 1 98  ? -2.784  -6.673  18.887  1.00 176.94 ? 98  LEU A CA  1 
ATOM   780 C C   . LEU A 1 98  ? -4.176  -7.253  19.214  1.00 177.26 ? 98  LEU A C   1 
ATOM   781 O O   . LEU A 1 98  ? -5.103  -6.507  19.555  1.00 177.48 ? 98  LEU A O   1 
ATOM   782 C CB  . LEU A 1 98  ? -2.866  -5.566  17.829  1.00 177.72 ? 98  LEU A CB  1 
ATOM   783 C CG  . LEU A 1 98  ? -2.936  -4.070  18.156  1.00 179.70 ? 98  LEU A CG  1 
ATOM   784 C CD1 . LEU A 1 98  ? -2.554  -3.695  19.583  1.00 180.70 ? 98  LEU A CD1 1 
ATOM   785 C CD2 . LEU A 1 98  ? -2.061  -3.333  17.157  1.00 180.87 ? 98  LEU A CD2 1 
ATOM   786 N N   . ASN A 1 99  ? -4.303  -8.579  19.114  1.00 179.07 ? 99  ASN A N   1 
ATOM   787 C CA  . ASN A 1 99  ? -5.479  -9.316  19.592  1.00 180.08 ? 99  ASN A CA  1 
ATOM   788 C C   . ASN A 1 99  ? -5.242  -10.117 20.883  1.00 180.59 ? 99  ASN A C   1 
ATOM   789 O O   . ASN A 1 99  ? -6.196  -10.542 21.545  1.00 180.76 ? 99  ASN A O   1 
ATOM   790 C CB  . ASN A 1 99  ? -6.068  -10.189 18.484  1.00 186.07 ? 99  ASN A CB  1 
ATOM   791 C CG  . ASN A 1 99  ? -6.815  -9.377  17.446  1.00 188.68 ? 99  ASN A CG  1 
ATOM   792 O OD1 . ASN A 1 99  ? -8.035  -9.244  17.512  1.00 191.10 ? 99  ASN A OD1 1 
ATOM   793 N ND2 . ASN A 1 99  ? -6.084  -8.815  16.489  1.00 189.95 ? 99  ASN A ND2 1 
ATOM   794 N N   . GLU A 1 100 ? -3.968  -10.320 21.226  1.00 182.46 ? 100 GLU A N   1 
ATOM   795 C CA  . GLU A 1 100 ? -3.572  -10.727 22.577  1.00 185.80 ? 100 GLU A CA  1 
ATOM   796 C C   . GLU A 1 100 ? -3.617  -9.502  23.493  1.00 183.22 ? 100 GLU A C   1 
ATOM   797 O O   . GLU A 1 100 ? -3.748  -9.631  24.712  1.00 186.71 ? 100 GLU A O   1 
ATOM   798 C CB  . GLU A 1 100 ? -2.176  -11.359 22.583  1.00 193.28 ? 100 GLU A CB  1 
ATOM   799 C CG  . GLU A 1 100 ? -2.084  -12.728 21.915  1.00 200.94 ? 100 GLU A CG  1 
ATOM   800 C CD  . GLU A 1 100 ? -2.490  -13.873 22.828  1.00 209.20 ? 100 GLU A CD  1 
ATOM   801 O OE1 . GLU A 1 100 ? -3.693  -14.008 23.139  1.00 205.65 ? 100 GLU A OE1 1 
ATOM   802 O OE2 . GLU A 1 100 ? -1.600  -14.657 23.221  1.00 221.01 ? 100 GLU A OE2 1 
ATOM   803 N N   . THR A 1 101 ? -3.501  -8.323  22.880  1.00 179.58 ? 101 THR A N   1 
ATOM   804 C CA  . THR A 1 101 ? -3.740  -7.034  23.528  1.00 179.96 ? 101 THR A CA  1 
ATOM   805 C C   . THR A 1 101 ? -5.247  -6.818  23.743  1.00 177.99 ? 101 THR A C   1 
ATOM   806 O O   . THR A 1 101 ? -5.654  -6.384  24.824  1.00 181.07 ? 101 THR A O   1 
ATOM   807 C CB  . THR A 1 101 ? -3.124  -5.874  22.707  1.00 179.66 ? 101 THR A CB  1 
ATOM   808 O OG1 . THR A 1 101 ? -1.751  -6.165  22.419  1.00 181.18 ? 101 THR A OG1 1 
ATOM   809 C CG2 . THR A 1 101 ? -3.196  -4.547  23.455  1.00 184.90 ? 101 THR A CG2 1 
ATOM   810 N N   . VAL A 1 102 ? -6.061  -7.149  22.733  1.00 175.14 ? 102 VAL A N   1 
ATOM   811 C CA  . VAL A 1 102 ? -7.529  -6.978  22.785  1.00 175.18 ? 102 VAL A CA  1 
ATOM   812 C C   . VAL A 1 102 ? -8.214  -7.846  23.861  1.00 174.74 ? 102 VAL A C   1 
ATOM   813 O O   . VAL A 1 102 ? -9.378  -7.620  24.213  1.00 175.31 ? 102 VAL A O   1 
ATOM   814 C CB  . VAL A 1 102 ? -8.201  -7.108  21.381  1.00 176.35 ? 102 VAL A CB  1 
ATOM   815 C CG1 . VAL A 1 102 ? -8.759  -8.506  21.123  1.00 177.07 ? 102 VAL A CG1 1 
ATOM   816 C CG2 . VAL A 1 102 ? -9.304  -6.071  21.215  1.00 180.63 ? 102 VAL A CG2 1 
ATOM   817 N N   . ASN A 1 103 ? -7.470  -8.821  24.381  1.00 175.45 ? 103 ASN A N   1 
ATOM   818 C CA  . ASN A 1 103 ? -7.894  -9.601  25.536  1.00 177.13 ? 103 ASN A CA  1 
ATOM   819 C C   . ASN A 1 103 ? -7.666  -8.848  26.851  1.00 180.72 ? 103 ASN A C   1 
ATOM   820 O O   . ASN A 1 103 ? -8.509  -8.908  27.749  1.00 181.73 ? 103 ASN A O   1 
ATOM   821 C CB  . ASN A 1 103 ? -7.185  -10.955 25.563  1.00 181.13 ? 103 ASN A CB  1 
ATOM   822 C CG  . ASN A 1 103 ? -7.930  -11.987 26.387  1.00 183.91 ? 103 ASN A CG  1 
ATOM   823 O OD1 . ASN A 1 103 ? -8.975  -12.492 25.974  1.00 182.41 ? 103 ASN A OD1 1 
ATOM   824 N ND2 . ASN A 1 103 ? -7.390  -12.313 27.554  1.00 190.04 ? 103 ASN A ND2 1 
ATOM   825 N N   . HIS A 1 104 ? -6.533  -8.147  26.951  1.00 184.35 ? 104 HIS A N   1 
ATOM   826 C CA  . HIS A 1 104 ? -6.187  -7.360  28.146  1.00 192.20 ? 104 HIS A CA  1 
ATOM   827 C C   . HIS A 1 104 ? -6.982  -6.062  28.273  1.00 193.86 ? 104 HIS A C   1 
ATOM   828 O O   . HIS A 1 104 ? -7.181  -5.562  29.386  1.00 201.97 ? 104 HIS A O   1 
ATOM   829 C CB  . HIS A 1 104 ? -4.686  -7.054  28.199  1.00 198.75 ? 104 HIS A CB  1 
ATOM   830 C CG  . HIS A 1 104 ? -3.821  -8.268  28.345  1.00 202.71 ? 104 HIS A CG  1 
ATOM   831 N ND1 . HIS A 1 104 ? -2.733  -8.502  27.535  1.00 202.97 ? 104 HIS A ND1 1 
ATOM   832 C CD2 . HIS A 1 104 ? -3.888  -9.316  29.201  1.00 208.87 ? 104 HIS A CD2 1 
ATOM   833 C CE1 . HIS A 1 104 ? -2.163  -9.642  27.887  1.00 210.29 ? 104 HIS A CE1 1 
ATOM   834 N NE2 . HIS A 1 104 ? -2.845  -10.156 28.894  1.00 214.43 ? 104 HIS A NE2 1 
ATOM   835 N N   . ILE A 1 105 ? -7.425  -5.526  27.135  1.00 189.28 ? 105 ILE A N   1 
ATOM   836 C CA  . ILE A 1 105 ? -8.222  -4.290  27.094  1.00 194.04 ? 105 ILE A CA  1 
ATOM   837 C C   . ILE A 1 105 ? -9.638  -4.511  27.641  1.00 193.96 ? 105 ILE A C   1 
ATOM   838 O O   . ILE A 1 105 ? -10.163 -3.664  28.366  1.00 202.31 ? 105 ILE A O   1 
ATOM   839 C CB  . ILE A 1 105 ? -8.224  -3.612  25.687  1.00 192.95 ? 105 ILE A CB  1 
ATOM   840 C CG1 . ILE A 1 105 ? -8.928  -4.447  24.609  1.00 186.01 ? 105 ILE A CG1 1 
ATOM   841 C CG2 . ILE A 1 105 ? -6.802  -3.378  25.207  1.00 192.89 ? 105 ILE A CG2 1 
ATOM   842 C CD1 . ILE A 1 105 ? -10.365 -4.086  24.297  1.00 189.60 ? 105 ILE A CD1 1 
ATOM   843 N N   . ALA A 1 106 ? -10.220 -5.667  27.314  1.00 186.36 ? 106 ALA A N   1 
ATOM   844 C CA  . ALA A 1 106 ? -11.591 -6.010  27.680  1.00 185.51 ? 106 ALA A CA  1 
ATOM   845 C C   . ALA A 1 106 ? -11.653 -6.695  29.042  1.00 186.29 ? 106 ALA A C   1 
ATOM   846 O O   . ALA A 1 106 ? -11.330 -6.091  30.065  1.00 193.59 ? 106 ALA A O   1 
ATOM   847 C CB  . ALA A 1 106 ? -12.215 -6.890  26.607  1.00 180.09 ? 106 ALA A CB  1 
HETATM 848 P P   . PO4 B 2 .   ? -10.922 14.842  11.658  0.50 53.31  ? 201 PO4 A P   1 
HETATM 849 O O1  . PO4 B 2 .   ? -9.788  14.481  10.726  0.50 51.35  ? 201 PO4 A O1  1 
HETATM 850 O O2  . PO4 B 2 .   ? -11.673 13.597  12.069  0.50 50.38  ? 201 PO4 A O2  1 
HETATM 851 O O3  . PO4 B 2 .   ? -11.866 15.790  10.955  0.50 52.27  ? 201 PO4 A O3  1 
HETATM 852 O O4  . PO4 B 2 .   ? -10.349 15.507  12.887  0.50 53.67  ? 201 PO4 A O4  1 
HETATM 853 P P   . PO4 C 2 .   ? 2.658   -6.272  -17.843 0.50 68.34  ? 202 PO4 A P   1 
HETATM 854 O O1  . PO4 C 2 .   ? 2.908   -5.929  -19.294 0.50 67.46  ? 202 PO4 A O1  1 
HETATM 855 O O2  . PO4 C 2 .   ? 3.981   -6.449  -17.138 0.50 66.66  ? 202 PO4 A O2  1 
HETATM 856 O O3  . PO4 C 2 .   ? 1.859   -7.550  -17.753 0.50 68.91  ? 202 PO4 A O3  1 
HETATM 857 O O4  . PO4 C 2 .   ? 1.878   -5.161  -17.186 0.50 68.52  ? 202 PO4 A O4  1 
HETATM 858 P P   . PO4 D 2 .   ? -4.672  -3.307  -16.785 0.50 76.01  ? 203 PO4 A P   1 
HETATM 859 O O1  . PO4 D 2 .   ? -3.846  -3.432  -18.046 0.50 74.80  ? 203 PO4 A O1  1 
HETATM 860 O O2  . PO4 D 2 .   ? -4.429  -1.959  -16.151 0.50 73.63  ? 203 PO4 A O2  1 
HETATM 861 O O3  . PO4 D 2 .   ? -4.290  -4.398  -15.811 0.50 73.86  ? 203 PO4 A O3  1 
HETATM 862 O O4  . PO4 D 2 .   ? -6.137  -3.433  -17.128 0.50 74.65  ? 203 PO4 A O4  1 
HETATM 863 C C1  . GLC E 3 .   ? -1.543  4.383   -14.966 1.00 79.09  ? 204 GLC A C1  1 
HETATM 864 C C2  . GLC E 3 .   ? -1.175  3.370   -13.881 1.00 79.07  ? 204 GLC A C2  1 
HETATM 865 C C3  . GLC E 3 .   ? -0.191  3.897   -12.827 1.00 80.41  ? 204 GLC A C3  1 
HETATM 866 C C4  . GLC E 3 .   ? 0.755   5.010   -13.290 1.00 85.70  ? 204 GLC A C4  1 
HETATM 867 C C5  . GLC E 3 .   ? 0.065   6.103   -14.124 1.00 87.30  ? 204 GLC A C5  1 
HETATM 868 C C6  . GLC E 3 .   ? 0.968   6.562   -15.273 1.00 87.31  ? 204 GLC A C6  1 
HETATM 869 O O1  . GLC E 3 .   ? -2.936  4.238   -15.257 1.00 76.82  ? 204 GLC A O1  1 
HETATM 870 O O2  . GLC E 3 .   ? -2.367  2.952   -13.209 1.00 74.53  ? 204 GLC A O2  1 
HETATM 871 O O3  . GLC E 3 .   ? 0.584   2.805   -12.316 1.00 72.63  ? 204 GLC A O3  1 
HETATM 872 O O4  . GLC E 3 .   ? 1.336   5.630   -12.133 1.00 89.28  ? 204 GLC A O4  1 
HETATM 873 O O5  . GLC E 3 .   ? -1.266  5.747   -14.581 1.00 85.43  ? 204 GLC A O5  1 
HETATM 874 O O6  . GLC E 3 .   ? 2.020   7.388   -14.753 1.00 89.94  ? 204 GLC A O6  1 
HETATM 875 C C1  . IPA F 4 .   ? -9.325  6.705   7.183   1.00 80.41  ? 205 IPA A C1  1 
HETATM 876 C C2  . IPA F 4 .   ? -8.775  5.335   7.555   1.00 83.84  ? 205 IPA A C2  1 
HETATM 877 C C3  . IPA F 4 .   ? -7.394  5.176   6.939   1.00 82.85  ? 205 IPA A C3  1 
HETATM 878 O O2  . IPA F 4 .   ? -8.706  5.186   8.979   1.00 81.48  ? 205 IPA A O2  1 
HETATM 879 C C1  . IPA G 4 .   ? -7.218  2.311   4.545   1.00 76.80  ? 206 IPA A C1  1 
HETATM 880 C C2  . IPA G 4 .   ? -8.435  1.408   4.675   1.00 77.41  ? 206 IPA A C2  1 
HETATM 881 C C3  . IPA G 4 .   ? -7.996  -0.049  4.645   1.00 78.43  ? 206 IPA A C3  1 
HETATM 882 O O2  . IPA G 4 .   ? -9.091  1.678   5.918   1.00 78.43  ? 206 IPA A O2  1 
HETATM 883 O O   . HOH H 5 .   ? -9.116  9.399   -1.629  1.00 45.08  ? 301 HOH A O   1 
HETATM 884 O O   . HOH H 5 .   ? -2.423  -6.161  -6.893  1.00 56.61  ? 302 HOH A O   1 
HETATM 885 O O   . HOH H 5 .   ? 11.791  6.899   -12.723 1.00 76.36  ? 303 HOH A O   1 
HETATM 886 O O   . HOH H 5 .   ? 1.740   -0.652  -29.055 1.00 68.94  ? 304 HOH A O   1 
HETATM 887 O O   . HOH H 5 .   ? -11.387 3.013   -5.476  1.00 48.02  ? 305 HOH A O   1 
HETATM 888 O O   . HOH H 5 .   ? 4.570   -7.848  -5.947  1.00 67.81  ? 306 HOH A O   1 
HETATM 889 O O   . HOH H 5 .   ? 1.989   1.717   -21.579 1.00 63.19  ? 307 HOH A O   1 
HETATM 890 O O   . HOH H 5 .   ? -7.503  13.043  -6.997  1.00 80.03  ? 308 HOH A O   1 
HETATM 891 O O   . HOH H 5 .   ? 11.747  1.365   -8.692  1.00 57.66  ? 309 HOH A O   1 
HETATM 892 O O   . HOH H 5 .   ? 7.191   -4.500  -11.187 1.00 71.97  ? 310 HOH A O   1 
HETATM 893 O O   . HOH H 5 .   ? 10.151  6.835   -19.924 1.00 64.20  ? 311 HOH A O   1 
HETATM 894 O O   . HOH H 5 .   ? 8.535   -10.855 8.082   1.00 71.21  ? 312 HOH A O   1 
HETATM 895 O O   . HOH H 5 .   ? -22.431 2.129   -3.409  1.00 69.47  ? 313 HOH A O   1 
HETATM 896 O O   . HOH H 5 .   ? 14.211  4.386   -4.795  1.00 69.63  ? 314 HOH A O   1 
HETATM 897 O O   . HOH H 5 .   ? 9.377   10.416  0.686   1.00 73.96  ? 315 HOH A O   1 
HETATM 898 O O   . HOH H 5 .   ? -7.403  5.311   -12.207 1.00 58.65  ? 316 HOH A O   1 
HETATM 899 O O   . HOH H 5 .   ? 7.945   9.754   -7.972  1.00 72.87  ? 317 HOH A O   1 
HETATM 900 O O   . HOH H 5 .   ? -9.405  10.976  -9.404  1.00 71.30  ? 318 HOH A O   1 
HETATM 901 O O   . HOH H 5 .   ? 3.057   8.848   -9.700  1.00 83.11  ? 319 HOH A O   1 
HETATM 902 O O   . HOH H 5 .   ? 8.166   -9.882  12.770  1.00 61.75  ? 320 HOH A O   1 
# 
loop_
_atom_site_anisotrop.id 
_atom_site_anisotrop.type_symbol 
_atom_site_anisotrop.pdbx_label_atom_id 
_atom_site_anisotrop.pdbx_label_alt_id 
_atom_site_anisotrop.pdbx_label_comp_id 
_atom_site_anisotrop.pdbx_label_asym_id 
_atom_site_anisotrop.pdbx_label_seq_id 
_atom_site_anisotrop.pdbx_PDB_ins_code 
_atom_site_anisotrop.U[1][1] 
_atom_site_anisotrop.U[2][2] 
_atom_site_anisotrop.U[3][3] 
_atom_site_anisotrop.U[1][2] 
_atom_site_anisotrop.U[1][3] 
_atom_site_anisotrop.U[2][3] 
_atom_site_anisotrop.pdbx_auth_seq_id 
_atom_site_anisotrop.pdbx_auth_comp_id 
_atom_site_anisotrop.pdbx_auth_asym_id 
_atom_site_anisotrop.pdbx_auth_atom_id 
6   N N   . ASN A 5   ? 1.2977 1.1101 1.6377 0.1780  0.1988  -0.2750 5   ASN A N   
7   C CA  . ASN A 5   ? 1.1746 0.9776 1.4790 0.1166  0.2403  -0.2340 5   ASN A CA  
8   C C   . ASN A 5   ? 0.9735 0.9327 1.2556 0.1138  0.2116  -0.2115 5   ASN A C   
9   O O   . ASN A 5   ? 0.9561 0.8803 1.1744 0.1109  0.2134  -0.1542 5   ASN A O   
10  C CB  . ASN A 5   ? 1.1988 1.0243 1.5967 0.0469  0.2966  -0.3134 5   ASN A CB  
11  C CG  . ASN A 5   ? 1.2651 1.0239 1.6323 -0.0223 0.3607  -0.2959 5   ASN A CG  
12  O OD1 . ASN A 5   ? 1.1610 1.0200 1.5043 -0.0249 0.3464  -0.2744 5   ASN A OD1 
13  N ND2 . ASN A 5   ? 1.4477 1.0312 1.8165 -0.0869 0.4399  -0.3182 5   ASN A ND2 
14  N N   . VAL A 6   ? 0.8350 0.9452 1.1515 0.1130  0.1889  -0.2570 6   VAL A N   
15  C CA  . VAL A 6   ? 0.7346 0.9260 0.9846 0.1088  0.1668  -0.2241 6   VAL A CA  
16  C C   . VAL A 6   ? 0.7114 0.8662 0.9051 0.1214  0.1557  -0.1739 6   VAL A C   
17  O O   . VAL A 6   ? 0.6926 0.8194 0.8309 0.1154  0.1512  -0.1275 6   VAL A O   
18  C CB  . VAL A 6   ? 0.7236 1.0471 0.9647 0.0974  0.1569  -0.2710 6   VAL A CB  
19  C CG1 . VAL A 6   ? 0.7569 1.0770 0.8687 0.0892  0.1434  -0.2133 6   VAL A CG1 
20  C CG2 . VAL A 6   ? 0.7147 1.1231 1.0272 0.0959  0.1593  -0.3481 6   VAL A CG2 
21  N N   . LYS A 7   ? 0.7089 0.8828 0.9344 0.1465  0.1461  -0.2070 7   LYS A N   
22  C CA  . LYS A 7   ? 0.6895 0.8815 0.8934 0.1670  0.1313  -0.2008 7   LYS A CA  
23  C C   . LYS A 7   ? 0.7069 0.7909 0.8571 0.1975  0.1235  -0.1370 7   LYS A C   
24  O O   . LYS A 7   ? 0.6705 0.7806 0.7931 0.1877  0.1218  -0.1204 7   LYS A O   
25  C CB  . LYS A 7   ? 0.7093 0.9731 0.9789 0.2183  0.1043  -0.2824 7   LYS A CB  
26  C CG  . LYS A 7   ? 0.6758 1.1135 1.0011 0.1711  0.1221  -0.3724 7   LYS A CG  
27  C CD  . LYS A 7   ? 0.6968 1.2341 1.1215 0.2420  0.0829  -0.4869 7   LYS A CD  
28  C CE  . LYS A 7   ? 0.6601 1.4317 1.1449 0.1789  0.1124  -0.6042 7   LYS A CE  
29  N NZ  . LYS A 7   ? 0.6930 1.6049 1.2877 0.2689  0.0582  -0.7395 7   LYS A NZ  
30  N N   . SER A 8   ? 0.7809 0.7383 0.9089 0.2217  0.1297  -0.1084 8   SER A N   
31  C CA  . SER A 8   ? 0.8582 0.7044 0.9006 0.2361  0.1383  -0.0452 8   SER A CA  
32  C C   . SER A 8   ? 0.7852 0.6711 0.8220 0.1835  0.1617  -0.0233 8   SER A C   
33  O O   . SER A 8   ? 0.7841 0.6829 0.7786 0.1967  0.1529  -0.0012 8   SER A O   
34  C CB  . SER A 8   ? 1.0204 0.6806 1.0085 0.2393  0.1685  -0.0161 8   SER A CB  
35  O OG  . SER A 8   ? 1.1561 0.6981 1.0175 0.2428  0.1888  0.0516  8   SER A OG  
36  N N   . GLN A 9   ? 0.7318 0.6561 0.8191 0.1391  0.1812  -0.0482 9   GLN A N   
37  C CA  A GLN A 9   ? 0.6973 0.6674 0.7917 0.1163  0.1850  -0.0526 9   GLN A CA  
38  C CA  B GLN A 9   ? 0.6943 0.6641 0.7886 0.1163  0.1851  -0.0524 9   GLN A CA  
39  C C   . GLN A 9   ? 0.6490 0.6590 0.7243 0.1299  0.1516  -0.0420 9   GLN A C   
40  O O   . GLN A 9   ? 0.6589 0.6726 0.7248 0.1338  0.1447  -0.0373 9   GLN A O   
41  C CB  A GLN A 9   ? 0.6854 0.7139 0.8436 0.0909  0.1982  -0.1101 9   GLN A CB  
42  C CB  B GLN A 9   ? 0.6760 0.7054 0.8337 0.0920  0.1966  -0.1095 9   GLN A CB  
43  C CG  A GLN A 9   ? 0.6596 0.7547 0.8440 0.1023  0.1736  -0.1440 9   GLN A CG  
44  C CG  B GLN A 9   ? 0.7451 0.7334 0.9355 0.0415  0.2589  -0.1432 9   GLN A CG  
45  C CD  A GLN A 9   ? 0.6620 0.8104 0.8071 0.1332  0.1270  -0.1473 9   GLN A CD  
46  C CD  B GLN A 9   ? 0.7820 0.7784 0.9572 0.0055  0.2960  -0.1509 9   GLN A CD  
47  O OE1 A GLN A 9   ? 0.6874 0.8758 0.7992 0.1466  0.1051  -0.1581 9   GLN A OE1 
48  O OE1 B GLN A 9   ? 0.9009 0.7967 1.0271 -0.0488 0.3646  -0.1354 9   GLN A OE1 
49  N NE2 A GLN A 9   ? 0.6712 0.8059 0.8011 0.1521  0.1085  -0.1389 9   GLN A NE2 
50  N NE2 B GLN A 9   ? 0.7097 0.8113 0.9125 0.0342  0.2545  -0.1784 9   GLN A NE2 
51  N N   . MET A 10  ? 0.6276 0.6610 0.6956 0.1260  0.1416  -0.0481 10  MET A N   
52  C CA  . MET A 10  ? 0.6355 0.6631 0.6609 0.1084  0.1365  -0.0386 10  MET A CA  
53  C C   . MET A 10  ? 0.6232 0.6679 0.6615 0.1086  0.1407  -0.0479 10  MET A C   
54  O O   . MET A 10  ? 0.6420 0.6584 0.6635 0.0901  0.1439  -0.0476 10  MET A O   
55  C CB  . MET A 10  ? 0.6597 0.7168 0.6545 0.0754  0.1500  -0.0533 10  MET A CB  
56  C CG  . MET A 10  ? 0.7031 0.7500 0.6430 0.0828  0.1353  -0.0445 10  MET A CG  
57  S SD  . MET A 10  ? 0.8254 0.8872 0.6555 0.0302  0.1620  -0.0447 10  MET A SD  
58  C CE  . MET A 10  ? 0.9942 0.8866 0.6806 -0.0133 0.1846  0.0160  10  MET A CE  
59  N N   . ARG A 11  ? 0.6011 0.6866 0.6646 0.1408  0.1344  -0.0659 11  ARG A N   
60  C CA  . ARG A 11  ? 0.5982 0.7400 0.6711 0.1689  0.1216  -0.0940 11  ARG A CA  
61  C C   . ARG A 11  ? 0.6054 0.7185 0.6465 0.1886  0.1170  -0.0650 11  ARG A C   
62  O O   . ARG A 11  ? 0.6087 0.7817 0.6670 0.1895  0.1122  -0.0980 11  ARG A O   
63  C CB  . ARG A 11  ? 0.6205 0.8080 0.7026 0.2344  0.0923  -0.1284 11  ARG A CB  
64  C CG  . ARG A 11  ? 0.5934 0.8937 0.7440 0.2136  0.0965  -0.2091 11  ARG A CG  
65  C CD  . ARG A 11  ? 0.6423 0.9750 0.8142 0.3051  0.0493  -0.2561 11  ARG A CD  
66  N NE  . ARG A 11  ? 0.6096 1.1079 0.8761 0.2793  0.0567  -0.3696 11  ARG A NE  
67  C CZ  . ARG A 11  ? 0.6467 1.2027 0.9683 0.3443  0.0196  -0.4417 11  ARG A CZ  
68  N NH1 . ARG A 11  ? 0.7508 1.1581 1.0232 0.4448  -0.0292 -0.3960 11  ARG A NH1 
69  N NH2 . ARG A 11  ? 0.6042 1.3585 1.0270 0.3015  0.0386  -0.5702 11  ARG A NH2 
70  N N   . LYS A 12  ? 0.6249 0.6670 0.6296 0.1919  0.1287  -0.0231 12  LYS A N   
71  C CA  . LYS A 12  ? 0.6428 0.6818 0.6208 0.1840  0.1431  -0.0121 12  LYS A CA  
72  C C   . LYS A 12  ? 0.5744 0.6510 0.6095 0.1621  0.1355  -0.0446 12  LYS A C   
73  O O   . LYS A 12  ? 0.5800 0.7061 0.6260 0.1672  0.1319  -0.0710 12  LYS A O   
74  C CB  . LYS A 12  ? 0.7007 0.6725 0.6495 0.1545  0.1827  0.0098  12  LYS A CB  
75  C CG  . LYS A 12  ? 0.8546 0.7078 0.7005 0.1742  0.2008  0.0574  12  LYS A CG  
76  C CD  . LYS A 12  ? 0.9690 0.7325 0.7791 0.1070  0.2713  0.0674  12  LYS A CD  
77  C CE  . LYS A 12  ? 1.1745 0.7388 0.8699 0.1241  0.2922  0.1223  12  LYS A CE  
78  N NZ  . LYS A 12  ? 1.3556 0.7878 0.9828 0.0298  0.3901  0.1339  12  LYS A NZ  
79  N N   . GLY A 13  ? 0.5446 0.5861 0.5997 0.1485  0.1273  -0.0449 13  GLY A N   
80  C CA  . GLY A 13  ? 0.5632 0.5704 0.6279 0.1516  0.1053  -0.0613 13  GLY A CA  
81  C C   . GLY A 13  ? 0.5842 0.5715 0.6528 0.1353  0.1081  -0.0789 13  GLY A C   
82  O O   . GLY A 13  ? 0.6088 0.5849 0.7045 0.1467  0.0945  -0.1110 13  GLY A O   
83  N N   . MET A 14  ? 0.5764 0.5796 0.6381 0.1044  0.1299  -0.0825 14  MET A N   
84  C CA  . MET A 14  ? 0.6087 0.6281 0.7000 0.0648  0.1523  -0.1328 14  MET A CA  
85  C C   . MET A 14  ? 0.5476 0.6765 0.6982 0.0939  0.1398  -0.1860 14  MET A C   
86  O O   . MET A 14  ? 0.5769 0.6859 0.7668 0.0757  0.1453  -0.2316 14  MET A O   
87  C CB  . MET A 14  ? 0.6127 0.7008 0.7174 0.0214  0.1837  -0.1688 14  MET A CB  
88  C CG  . MET A 14  ? 0.6971 0.6949 0.7294 -0.0292 0.2114  -0.1315 14  MET A CG  
89  S SD  . MET A 14  ? 0.9291 0.6976 0.8462 -0.1010 0.2500  -0.0941 14  MET A SD  
90  C CE  . MET A 14  ? 0.9751 0.8142 0.9670 -0.2121 0.3300  -0.2033 14  MET A CE  
91  N N   . LEU A 15  ? 0.7518 0.8962 0.5958 -0.0038 0.1816  -0.1190 15  LEU A N   
92  C CA  . LEU A 15  ? 0.7304 0.8427 0.5851 0.0064  0.1768  -0.1239 15  LEU A CA  
93  C C   . LEU A 15  ? 0.7275 0.7596 0.5757 0.0043  0.1741  -0.1028 15  LEU A C   
94  O O   . LEU A 15  ? 0.7305 0.7366 0.5787 -0.0059 0.1737  -0.0983 15  LEU A O   
95  C CB  . LEU A 15  ? 0.7273 0.8459 0.5816 0.0493  0.1666  -0.1475 15  LEU A CB  
96  C CG  . LEU A 15  ? 0.7354 0.9421 0.5954 0.0694  0.1606  -0.1816 15  LEU A CG  
97  C CD1 . LEU A 15  ? 0.7567 0.9468 0.5924 0.1203  0.1448  -0.2022 15  LEU A CD1 
98  C CD2 . LEU A 15  ? 0.7403 0.9775 0.6114 0.0718  0.1569  -0.1994 15  LEU A CD2 
99  N N   . GLU A 16  ? 0.7188 0.7236 0.5645 0.0155  0.1704  -0.0967 16  GLU A N   
100 C CA  . GLU A 16  ? 0.7224 0.6776 0.5682 0.0188  0.1662  -0.0868 16  GLU A CA  
101 C C   . GLU A 16  ? 0.7572 0.6784 0.5768 0.0033  0.1612  -0.0694 16  GLU A C   
102 O O   . GLU A 16  ? 0.7688 0.6508 0.5854 0.0091  0.1551  -0.0667 16  GLU A O   
103 C CB  . GLU A 16  ? 0.7131 0.6709 0.5692 0.0320  0.1616  -0.0951 16  GLU A CB  
104 C CG  . GLU A 16  ? 0.6998 0.6504 0.5727 0.0393  0.1681  -0.1109 16  GLU A CG  
105 C CD  . GLU A 16  ? 0.7011 0.6667 0.5875 0.0427  0.1640  -0.1276 16  GLU A CD  
106 O OE1 . GLU A 16  ? 0.7055 0.6994 0.5862 0.0486  0.1537  -0.1287 16  GLU A OE1 
107 O OE2 . GLU A 16  ? 0.7099 0.6558 0.6071 0.0368  0.1723  -0.1410 16  GLU A OE2 
108 N N   . TYR A 17  ? 0.7878 0.7164 0.5785 -0.0151 0.1642  -0.0580 17  TYR A N   
109 C CA  . TYR A 17  ? 0.8592 0.7289 0.5994 -0.0371 0.1621  -0.0366 17  TYR A CA  
110 C C   . TYR A 17  ? 0.8744 0.7319 0.6176 -0.0681 0.1690  -0.0376 17  TYR A C   
111 O O   . TYR A 17  ? 0.9297 0.7124 0.6393 -0.0756 0.1601  -0.0271 17  TYR A O   
112 C CB  . TYR A 17  ? 0.9024 0.7824 0.5991 -0.0565 0.1714  -0.0223 17  TYR A CB  
113 C CG  . TYR A 17  ? 1.0076 0.8063 0.6284 -0.0914 0.1763  0.0053  17  TYR A CG  
114 C CD1 . TYR A 17  ? 1.0918 0.7954 0.6409 -0.0671 0.1572  0.0245  17  TYR A CD1 
115 C CD2 . TYR A 17  ? 1.0438 0.8566 0.6564 -0.1494 0.1992  0.0087  17  TYR A CD2 
116 C CE1 . TYR A 17  ? 1.2236 0.8187 0.6766 -0.0983 0.1603  0.0539  17  TYR A CE1 
117 C CE2 . TYR A 17  ? 1.1677 0.8856 0.6976 -0.1945 0.2085  0.0359  17  TYR A CE2 
118 C CZ  . TYR A 17  ? 1.2649 0.8597 0.7061 -0.1682 0.1888  0.0622  17  TYR A CZ  
119 O OH  . TYR A 17  ? 1.4190 0.8888 0.7544 -0.2118 0.1968  0.0928  17  TYR A OH  
120 N N   . CYS A 18  ? 0.8357 0.7680 0.6163 -0.0803 0.1806  -0.0562 18  CYS A N   
121 C CA  . CYS A 18  ? 0.8485 0.7982 0.6456 -0.1060 0.1849  -0.0700 18  CYS A CA  
122 C C   . CYS A 18  ? 0.8319 0.7407 0.6419 -0.0787 0.1707  -0.0771 18  CYS A C   
123 O O   . CYS A 18  ? 0.8667 0.7384 0.6668 -0.0987 0.1662  -0.0794 18  CYS A O   
124 C CB  . CYS A 18  ? 0.8132 0.8721 0.6492 -0.1065 0.1938  -0.0992 18  CYS A CB  
125 S SG  . CYS A 18  ? 0.8381 0.9545 0.7040 -0.1391 0.1972  -0.1308 18  CYS A SG  
126 N N   . ILE A 19  ? 0.7858 0.6989 0.6129 -0.0373 0.1657  -0.0817 19  ILE A N   
127 C CA  . ILE A 19  ? 0.7795 0.6591 0.6117 -0.0109 0.1581  -0.0864 19  ILE A CA  
128 C C   . ILE A 19  ? 0.8220 0.6332 0.6285 -0.0089 0.1460  -0.0747 19  ILE A C   
129 O O   . ILE A 19  ? 0.8387 0.6174 0.6379 -0.0054 0.1368  -0.0808 19  ILE A O   
130 C CB  . ILE A 19  ? 0.7483 0.6376 0.5924 0.0197  0.1632  -0.0907 19  ILE A CB  
131 C CG1 . ILE A 19  ? 0.7363 0.6645 0.5842 0.0321  0.1673  -0.1048 19  ILE A CG1 
132 C CG2 . ILE A 19  ? 0.7547 0.6142 0.5973 0.0395  0.1628  -0.0933 19  ILE A CG2 
133 C CD1 . ILE A 19  ? 0.7339 0.6487 0.5758 0.0502  0.1735  -0.1054 19  ILE A CD1 
134 N N   . MET A 20  ? 0.8383 0.6282 0.6258 -0.0031 0.1414  -0.0626 20  MET A N   
135 C CA  . MET A 20  ? 0.8938 0.6159 0.6437 0.0139  0.1223  -0.0563 20  MET A CA  
136 C C   . MET A 20  ? 0.9794 0.6257 0.6781 -0.0155 0.1151  -0.0445 20  MET A C   
137 O O   . MET A 20  ? 1.0317 0.6125 0.7020 0.0009  0.0962  -0.0486 20  MET A O   
138 C CB  . MET A 20  ? 0.9047 0.6255 0.6373 0.0334  0.1144  -0.0514 20  MET A CB  
139 C CG  . MET A 20  ? 0.8405 0.6262 0.6238 0.0582  0.1187  -0.0708 20  MET A CG  
140 S SD  . MET A 20  ? 0.8716 0.6675 0.6402 0.0890  0.1006  -0.0790 20  MET A SD  
141 C CE  . MET A 20  ? 0.8522 0.6789 0.6175 0.0635  0.1151  -0.0666 20  MET A CE  
142 N N   . LEU A 21  ? 0.9999 0.6565 0.6851 -0.0614 0.1312  -0.0337 21  LEU A N   
143 C CA  . LEU A 21  ? 1.0906 0.6841 0.7324 -0.1113 0.1344  -0.0259 21  LEU A CA  
144 C C   . LEU A 21  ? 1.0821 0.6788 0.7532 -0.1178 0.1282  -0.0486 21  LEU A C   
145 O O   . LEU A 21  ? 1.1667 0.6680 0.7922 -0.1244 0.1121  -0.0472 21  LEU A O   
146 C CB  . LEU A 21  ? 1.1010 0.7462 0.7419 -0.1681 0.1620  -0.0198 21  LEU A CB  
147 C CG  . LEU A 21  ? 1.2245 0.7837 0.7768 -0.2097 0.1720  0.0110  21  LEU A CG  
148 C CD1 . LEU A 21  ? 1.2265 0.8712 0.7968 -0.2760 0.2067  0.0058  21  LEU A CD1 
149 C CD2 . LEU A 21  ? 1.3587 0.7668 0.8297 -0.2301 0.1573  0.0248  21  LEU A CD2 
150 N N   . LEU A 22  ? 0.9971 0.6937 0.7333 -0.1092 0.1371  -0.0714 22  LEU A N   
151 C CA  . LEU A 22  ? 0.9884 0.7032 0.7522 -0.1061 0.1292  -0.0981 22  LEU A CA  
152 C C   . LEU A 22  ? 0.9988 0.6602 0.7509 -0.0581 0.1083  -0.1025 22  LEU A C   
153 O O   . LEU A 22  ? 1.0356 0.6670 0.7825 -0.0603 0.0949  -0.1199 22  LEU A O   
154 C CB  . LEU A 22  ? 0.9093 0.7364 0.7275 -0.0938 0.1389  -0.1226 22  LEU A CB  
155 C CG  . LEU A 22  ? 0.9005 0.8146 0.7437 -0.1370 0.1556  -0.1377 22  LEU A CG  
156 C CD1 . LEU A 22  ? 0.8310 0.8402 0.7094 -0.0967 0.1571  -0.1587 22  LEU A CD1 
157 C CD2 . LEU A 22  ? 0.9478 0.8800 0.8028 -0.1896 0.1567  -0.1644 22  LEU A CD2 
158 N N   . LEU A 23  ? 0.9762 0.6341 0.7259 -0.0170 0.1055  -0.0922 23  LEU A N   
159 C CA  . LEU A 23  ? 0.9851 0.6188 0.7297 0.0295  0.0898  -0.1024 23  LEU A CA  
160 C C   . LEU A 23  ? 1.0826 0.6195 0.7711 0.0456  0.0635  -0.0986 23  LEU A C   
161 O O   . LEU A 23  ? 1.0990 0.6189 0.7804 0.0868  0.0457  -0.1153 23  LEU A O   
162 C CB  . LEU A 23  ? 0.9128 0.6077 0.6890 0.0610  0.1030  -0.1037 23  LEU A CB  
163 C CG  . LEU A 23  ? 0.8587 0.6131 0.6646 0.0655  0.1216  -0.1117 23  LEU A CG  
164 C CD1 . LEU A 23  ? 0.8213 0.6116 0.6443 0.0771  0.1394  -0.1075 23  LEU A CD1 
165 C CD2 . LEU A 23  ? 0.8728 0.6254 0.6746 0.0894  0.1157  -0.1288 23  LEU A CD2 
166 N N   . HIS A 24  ? 1.1646 0.6333 0.8027 0.0171  0.0603  -0.0778 24  HIS A N   
167 C CA  . HIS A 24  ? 1.2860 0.6404 0.8454 0.0429  0.0312  -0.0703 24  HIS A CA  
168 C C   . HIS A 24  ? 1.3899 0.6453 0.9028 0.0482  0.0050  -0.0838 24  HIS A C   
169 O O   . HIS A 24  ? 1.4639 0.6500 0.9270 0.1023  -0.0275 -0.0937 24  HIS A O   
170 C CB  . HIS A 24  ? 1.3635 0.6538 0.8591 0.0126  0.0365  -0.0397 24  HIS A CB  
171 C CG  . HIS A 24  ? 1.5120 0.6647 0.9192 -0.0359 0.0314  -0.0228 24  HIS A CG  
172 N ND1 . HIS A 24  ? 1.6658 0.6622 0.9659 -0.0063 -0.0028 -0.0154 24  HIS A ND1 
173 C CD2 . HIS A 24  ? 1.5457 0.6896 0.9494 -0.1156 0.0569  -0.0148 24  HIS A CD2 
174 C CE1 . HIS A 24  ? 1.7971 0.6742 1.0228 -0.0721 0.0041  0.0020  24  HIS A CE1 
175 N NE2 . HIS A 24  ? 1.7231 0.6980 1.0175 -0.1441 0.0429  0.0008  24  HIS A NE2 
176 N N   . LYS A 25  ? 1.4046 0.6593 0.9340 -0.0026 0.0156  -0.0914 25  LYS A N   
177 C CA  . LYS A 25  ? 1.5099 0.6729 1.0005 -0.0011 -0.0107 -0.1109 25  LYS A CA  
178 C C   . LYS A 25  ? 1.4325 0.6801 0.9846 0.0407  -0.0171 -0.1444 25  LYS A C   
179 O O   . LYS A 25  ? 1.4845 0.6819 1.0076 0.0903  -0.0473 -0.1647 25  LYS A O   
180 C CB  . LYS A 25  ? 1.5981 0.6981 1.0611 -0.0864 0.0009  -0.1074 25  LYS A CB  
181 C CG  . LYS A 25  ? 1.7762 0.6962 1.1402 -0.0960 -0.0305 -0.1103 25  LYS A CG  
182 C CD  . LYS A 25  ? 1.9033 0.7274 1.2056 -0.1940 -0.0092 -0.0887 25  LYS A CD  
183 C CE  . LYS A 25  ? 2.1221 0.7218 1.2931 -0.2057 -0.0405 -0.0827 25  LYS A CE  
184 N NZ  . LYS A 25  ? 2.2667 0.7616 1.3633 -0.3145 -0.0104 -0.0558 25  LYS A NZ  
185 N N   . GLU A 26  ? 1.3218 0.6930 0.9481 0.0265  0.0097  -0.1511 26  GLU A N   
186 C CA  . GLU A 26  ? 1.2656 0.7101 0.9347 0.0640  0.0079  -0.1785 26  GLU A CA  
187 C C   . GLU A 26  ? 1.1582 0.7032 0.8703 0.0967  0.0311  -0.1716 26  GLU A C   
188 O O   . GLU A 26  ? 1.1087 0.7024 0.8451 0.0720  0.0542  -0.1549 26  GLU A O   
189 C CB  . GLU A 26  ? 1.2638 0.7483 0.9638 0.0249  0.0126  -0.2008 26  GLU A CB  
190 C CG  . GLU A 26  ? 1.3759 0.7738 1.0431 0.0041  -0.0143 -0.2259 26  GLU A CG  
191 C CD  . GLU A 26  ? 1.3692 0.8332 1.0805 -0.0354 -0.0107 -0.2598 26  GLU A CD  
192 O OE1 . GLU A 26  ? 1.2811 0.8609 1.0436 -0.0343 0.0093  -0.2652 26  GLU A OE1 
193 O OE2 . GLU A 26  ? 1.4575 0.8565 1.1491 -0.0645 -0.0312 -0.2865 26  GLU A OE2 
194 N N   . PRO A 27  ? 1.1363 0.7103 0.8529 0.1492  0.0267  -0.1867 27  PRO A N   
195 C CA  . PRO A 27  ? 1.0542 0.7143 0.8032 0.1664  0.0554  -0.1827 27  PRO A CA  
196 C C   . PRO A 27  ? 1.0243 0.7250 0.7877 0.1552  0.0672  -0.1886 27  PRO A C   
197 O O   . PRO A 27  ? 1.0617 0.7453 0.8212 0.1459  0.0497  -0.2077 27  PRO A O   
198 C CB  . PRO A 27  ? 1.0722 0.7515 0.8138 0.2168  0.0493  -0.2027 27  PRO A CB  
199 C CG  . PRO A 27  ? 1.1466 0.7584 0.8567 0.2337  0.0126  -0.2252 27  PRO A CG  
200 C CD  . PRO A 27  ? 1.2015 0.7285 0.8868 0.1935  -0.0031 -0.2102 27  PRO A CD  
201 N N   . ALA A 28  ? 0.9721 0.7209 0.7465 0.1579  0.0934  -0.1767 28  ALA A N   
202 C CA  . ALA A 28  ? 0.9530 0.7336 0.7278 0.1586  0.0988  -0.1839 28  ALA A CA  
203 C C   . ALA A 28  ? 0.9301 0.7301 0.6866 0.1784  0.1247  -0.1707 28  ALA A C   
204 O O   . ALA A 28  ? 0.9093 0.7082 0.6688 0.1693  0.1446  -0.1527 28  ALA A O   
205 C CB  . ALA A 28  ? 0.9451 0.7396 0.7416 0.1178  0.0953  -0.1838 28  ALA A CB  
206 N N   . TYR A 29  ? 0.9457 0.7564 0.6751 0.2062  0.1222  -0.1830 29  TYR A N   
207 C CA  . TYR A 29  ? 0.9602 0.7615 0.6479 0.2256  0.1416  -0.1698 29  TYR A CA  
208 C C   . TYR A 29  ? 0.9360 0.7541 0.6425 0.2066  0.1395  -0.1669 29  TYR A C   
209 O O   . TYR A 29  ? 0.9106 0.7648 0.6576 0.1845  0.1227  -0.1828 29  TYR A O   
210 C CB  . TYR A 29  ? 1.0144 0.8128 0.6507 0.2740  0.1309  -0.1875 29  TYR A CB  
211 C CG  . TYR A 29  ? 1.0451 0.8356 0.6551 0.3011  0.1310  -0.1958 29  TYR A CG  
212 C CD1 . TYR A 29  ? 1.0766 0.8426 0.6453 0.3065  0.1636  -0.1746 29  TYR A CD1 
213 C CD2 . TYR A 29  ? 1.0536 0.8674 0.6795 0.3189  0.1001  -0.2296 29  TYR A CD2 
214 C CE1 . TYR A 29  ? 1.1114 0.8853 0.6552 0.3342  0.1657  -0.1860 29  TYR A CE1 
215 C CE2 . TYR A 29  ? 1.0891 0.8988 0.6882 0.3506  0.0967  -0.2417 29  TYR A CE2 
216 C CZ  . TYR A 29  ? 1.1153 0.9092 0.6724 0.3613  0.1299  -0.2193 29  TYR A CZ  
217 O OH  . TYR A 29  ? 1.1569 0.9613 0.6872 0.3946  0.1288  -0.2346 29  TYR A OH  
218 N N   . ALA A 30  ? 0.9497 0.7399 0.6226 0.2117  0.1581  -0.1486 30  ALA A N   
219 C CA  . ALA A 30  ? 0.9361 0.7407 0.6135 0.2087  0.1529  -0.1513 30  ALA A CA  
220 C C   . ALA A 30  ? 0.9377 0.7965 0.6219 0.2337  0.1256  -0.1855 30  ALA A C   
221 O O   . ALA A 30  ? 0.9009 0.8159 0.6285 0.2125  0.1174  -0.1996 30  ALA A O   
222 C CB  . ALA A 30  ? 0.9884 0.7296 0.6035 0.2230  0.1715  -0.1322 30  ALA A CB  
223 N N   . SER A 31  ? 0.9858 0.8378 0.6277 0.2789  0.1125  -0.2030 31  SER A N   
224 C CA  . SER A 31  ? 0.9922 0.9140 0.6471 0.3084  0.0822  -0.2483 31  SER A CA  
225 C C   . SER A 31  ? 0.9412 0.9354 0.6778 0.2602  0.0712  -0.2743 31  SER A C   
226 O O   . SER A 31  ? 0.9411 1.0205 0.7141 0.2591  0.0535  -0.3152 31  SER A O   
227 C CB  . SER A 31  ? 1.0610 0.9539 0.6471 0.3702  0.0690  -0.2619 31  SER A CB  
228 O OG  . SER A 31  ? 1.0679 0.9272 0.6522 0.3571  0.0810  -0.2463 31  SER A OG  
229 N N   . ASP A 32  ? 0.9210 0.8803 0.6804 0.2213  0.0807  -0.2549 32  ASP A N   
230 C CA  . ASP A 32  ? 0.9006 0.8914 0.7159 0.1679  0.0723  -0.2722 32  ASP A CA  
231 C C   . ASP A 32  ? 0.8624 0.8785 0.7108 0.1179  0.0857  -0.2596 32  ASP A C   
232 O O   . ASP A 32  ? 0.8620 0.9344 0.7499 0.0751  0.0820  -0.2842 32  ASP A O   
233 C CB  . ASP A 32  ? 0.9133 0.8397 0.7240 0.1527  0.0717  -0.2573 32  ASP A CB  
234 C CG  . ASP A 32  ? 0.9488 0.8572 0.7252 0.2029  0.0602  -0.2714 32  ASP A CG  
235 O OD1 . ASP A 32  ? 0.9733 0.9265 0.7467 0.2319  0.0413  -0.3083 32  ASP A OD1 
236 O OD2 . ASP A 32  ? 0.9561 0.8160 0.7088 0.2161  0.0691  -0.2505 32  ASP A OD2 
237 N N   . ILE A 33  ? 0.8406 0.8177 0.6714 0.1196  0.1032  -0.2236 33  ILE A N   
238 C CA  . ILE A 33  ? 0.8145 0.8124 0.6666 0.0829  0.1156  -0.2096 33  ILE A CA  
239 C C   . ILE A 33  ? 0.8032 0.8903 0.6723 0.0932  0.1099  -0.2414 33  ILE A C   
240 O O   . ILE A 33  ? 0.7882 0.9380 0.6937 0.0485  0.1144  -0.2561 33  ILE A O   
241 C CB  . ILE A 33  ? 0.8013 0.7467 0.6330 0.0893  0.1315  -0.1735 33  ILE A CB  
242 C CG1 . ILE A 33  ? 0.8100 0.6966 0.6371 0.0773  0.1342  -0.1531 33  ILE A CG1 
243 C CG2 . ILE A 33  ? 0.7806 0.7575 0.6289 0.0634  0.1401  -0.1659 33  ILE A CG2 
244 C CD1 . ILE A 33  ? 0.8052 0.6594 0.6190 0.0898  0.1491  -0.1313 33  ILE A CD1 
245 N N   . ILE A 34  ? 0.8203 0.9098 0.6544 0.1537  0.0998  -0.2543 34  ILE A N   
246 C CA  . ILE A 34  ? 0.8300 1.0051 0.6681 0.1875  0.0847  -0.2946 34  ILE A CA  
247 C C   . ILE A 34  ? 0.8262 1.1120 0.7201 0.1637  0.0720  -0.3458 34  ILE A C   
248 O O   . ILE A 34  ? 0.8120 1.2042 0.7479 0.1431  0.0728  -0.3778 34  ILE A O   
249 C CB  . ILE A 34  ? 0.8819 1.0072 0.6446 0.2690  0.0694  -0.2995 34  ILE A CB  
250 C CG1 . ILE A 34  ? 0.8977 0.9231 0.6097 0.2754  0.0868  -0.2558 34  ILE A CG1 
251 C CG2 . ILE A 34  ? 0.8996 1.1205 0.6595 0.3233  0.0414  -0.3553 34  ILE A CG2 
252 C CD1 . ILE A 34  ? 0.9841 0.9022 0.5985 0.3322  0.0849  -0.2401 34  ILE A CD1 
253 N N   . GLN A 35  ? 0.8425 1.1085 0.7388 0.1615  0.0624  -0.3565 35  GLN A N   
254 C CA  . GLN A 35  ? 0.8547 1.2175 0.8044 0.1335  0.0490  -0.4109 35  GLN A CA  
255 C C   . GLN A 35  ? 0.8466 1.2393 0.8484 0.0365  0.0703  -0.4084 35  GLN A C   
256 O O   . GLN A 35  ? 0.8465 1.3591 0.9020 -0.0017 0.0705  -0.4579 35  GLN A O   
257 C CB  . GLN A 35  ? 0.8872 1.2035 0.8178 0.1580  0.0316  -0.4212 35  GLN A CB  
258 C CG  . GLN A 35  ? 0.9172 1.3337 0.8606 0.2078  0.0000  -0.4899 35  GLN A CG  
259 C CD  . GLN A 35  ? 0.9197 1.4497 0.9443 0.1414  -0.0049 -0.5481 35  GLN A CD  
260 O OE1 . GLN A 35  ? 0.9090 1.5754 0.9828 0.1313  -0.0078 -0.5978 35  GLN A OE1 
261 N NE2 . GLN A 35  ? 0.9476 1.4241 0.9846 0.0943  -0.0057 -0.5472 35  GLN A NE2 
262 N N   . LYS A 36  ? 0.8175 1.0002 0.9706 0.0422  0.1307  -0.2696 36  LYS A N   
263 C CA  . LYS A 36  ? 0.7920 0.9600 1.0260 0.0409  0.1969  -0.2713 36  LYS A CA  
264 C C   . LYS A 36  ? 0.7637 0.9312 1.0411 0.0625  0.2178  -0.2430 36  LYS A C   
265 O O   . LYS A 36  ? 0.7601 0.9322 1.1303 0.0622  0.2628  -0.2492 36  LYS A O   
266 C CB  . LYS A 36  ? 0.7908 0.9215 0.9743 0.0392  0.2433  -0.2515 36  LYS A CB  
267 C CG  . LYS A 36  ? 0.8238 0.9556 1.0091 0.0147  0.2485  -0.2946 36  LYS A CG  
268 C CD  . LYS A 36  ? 0.8254 0.9215 0.9659 0.0164  0.2908  -0.2728 36  LYS A CD  
269 C CE  . LYS A 36  ? 0.8670 0.9645 1.0171 -0.0079 0.3018  -0.3245 36  LYS A CE  
270 N NZ  . LYS A 36  ? 0.8645 0.9263 1.0133 -0.0039 0.3542  -0.3040 36  LYS A NZ  
271 N N   . LEU A 37  ? 0.7527 0.9139 0.9664 0.0808  0.1894  -0.2141 37  LEU A N   
272 C CA  . LEU A 37  ? 0.7350 0.9028 0.9842 0.1020  0.1976  -0.2000 37  LEU A CA  
273 C C   . LEU A 37  ? 0.7381 0.9442 1.0930 0.1006  0.1722  -0.2294 37  LEU A C   
274 O O   . LEU A 37  ? 0.7260 0.9437 1.1588 0.1095  0.2097  -0.2327 37  LEU A O   
275 C CB  . LEU A 37  ? 0.7313 0.8829 0.9034 0.1187  0.1685  -0.1733 37  LEU A CB  
276 C CG  . LEU A 37  ? 0.7229 0.8456 0.8163 0.1266  0.1968  -0.1469 37  LEU A CG  
277 C CD1 . LEU A 37  ? 0.7267 0.8347 0.7600 0.1320  0.1580  -0.1308 37  LEU A CD1 
278 C CD2 . LEU A 37  ? 0.7181 0.8419 0.8228 0.1467  0.2444  -0.1363 37  LEU A CD2 
279 N N   . LYS A 38  ? 0.7572 0.9871 1.1142 0.0910  0.1096  -0.2499 38  LYS A N   
280 C CA  . LYS A 38  ? 0.7625 1.0389 1.2273 0.0909  0.0704  -0.2813 38  LYS A CA  
281 C C   . LYS A 38  ? 0.7538 1.0524 1.3439 0.0743  0.1142  -0.3196 38  LYS A C   
282 O O   . LYS A 38  ? 0.7457 1.0723 1.4541 0.0803  0.1255  -0.3346 38  LYS A O   
283 C CB  . LYS A 38  ? 0.8074 1.1099 1.2279 0.0861  -0.0101 -0.2926 38  LYS A CB  
284 C CG  . LYS A 38  ? 0.8280 1.1878 1.3556 0.0911  -0.0688 -0.3231 38  LYS A CG  
285 C CD  . LYS A 38  ? 0.8284 1.1898 1.3774 0.1197  -0.1039 -0.2905 38  LYS A CD  
286 C CE  . LYS A 38  ? 0.8558 1.2792 1.5185 0.1285  -0.1704 -0.3176 38  LYS A CE  
287 N NZ  . LYS A 38  ? 0.8490 1.2708 1.5663 0.1585  -0.1920 -0.2885 38  LYS A NZ  
288 N N   . GLU A 39  ? 0.7592 1.0434 1.3351 0.0533  0.1437  -0.3356 39  GLU A N   
289 C CA  . GLU A 39  ? 0.7559 1.0467 1.4550 0.0347  0.1992  -0.3666 39  GLU A CA  
290 C C   . GLU A 39  ? 0.7345 1.0016 1.4798 0.0478  0.2821  -0.3306 39  GLU A C   
291 O O   . GLU A 39  ? 0.7357 1.0165 1.6151 0.0380  0.3290  -0.3488 39  GLU A O   
292 C CB  . GLU A 39  ? 0.7748 1.0435 1.4392 0.0130  0.2187  -0.3853 39  GLU A CB  
293 C CG  . GLU A 39  ? 0.8142 1.1224 1.4833 -0.0078 0.1541  -0.4471 39  GLU A CG  
294 C CD  . GLU A 39  ? 0.8435 1.1258 1.4337 -0.0238 0.1678  -0.4623 39  GLU A CD  
295 O OE1 . GLU A 39  ? 0.8346 1.0811 1.4707 -0.0327 0.2378  -0.4585 39  GLU A OE1 
296 O OE2 . GLU A 39  ? 0.8814 1.1795 1.3654 -0.0261 0.1110  -0.4760 39  GLU A OE2 
297 N N   . ALA A 40  ? 0.7243 0.9590 1.3587 0.0699  0.3007  -0.2811 40  ALA A N   
298 C CA  . ALA A 40  ? 0.7227 0.9409 1.3641 0.0890  0.3727  -0.2437 40  ALA A CA  
299 C C   . ALA A 40  ? 0.7187 0.9639 1.4019 0.1080  0.3654  -0.2468 40  ALA A C   
300 O O   . ALA A 40  ? 0.7321 0.9697 1.3950 0.1283  0.4188  -0.2200 40  ALA A O   
301 C CB  . ALA A 40  ? 0.7253 0.9053 1.2311 0.1053  0.3909  -0.1985 40  ALA A CB  
302 N N   . ARG A 41  ? 0.7089 0.9892 1.4528 0.1032  0.2999  -0.2812 41  ARG A N   
303 C CA  . ARG A 41  ? 0.7010 1.0098 1.5050 0.1218  0.2802  -0.2904 41  ARG A CA  
304 C C   . ARG A 41  ? 0.6942 0.9808 1.3894 0.1470  0.2643  -0.2630 41  ARG A C   
305 O O   . ARG A 41  ? 0.6962 0.9946 1.4299 0.1666  0.2824  -0.2666 41  ARG A O   
306 C CB  . ARG A 41  ? 0.7109 1.0422 1.6489 0.1235  0.3519  -0.3017 41  ARG A CB  
307 C CG  . ARG A 41  ? 0.7188 1.0730 1.7968 0.0958  0.3717  -0.3345 41  ARG A CG  
308 C CD  . ARG A 41  ? 0.7260 1.1184 1.9759 0.0966  0.4188  -0.3567 41  ARG A CD  
309 N NE  . ARG A 41  ? 0.7174 1.1574 2.0520 0.1059  0.3477  -0.3904 41  ARG A NE  
310 C CZ  . ARG A 41  ? 0.7165 1.2003 2.1409 0.0921  0.2704  -0.4338 41  ARG A CZ  
311 N NH1 . ARG A 41  ? 0.7246 1.2123 2.1663 0.0645  0.2542  -0.4601 41  ARG A NH1 
312 N NH2 . ARG A 41  ? 0.7137 1.2407 2.2133 0.1079  0.2064  -0.4534 41  ARG A NH2 
313 N N   . LEU A 42  ? 0.6869 0.9430 1.2582 0.1450  0.2333  -0.2420 42  LEU A N   
314 C CA  . LEU A 42  ? 0.6812 0.9141 1.1581 0.1639  0.2140  -0.2206 42  LEU A CA  
315 C C   . LEU A 42  ? 0.6842 0.9126 1.1246 0.1614  0.1363  -0.2152 42  LEU A C   
316 O O   . LEU A 42  ? 0.6944 0.9190 1.0925 0.1441  0.1089  -0.2136 42  LEU A O   
317 C CB  . LEU A 42  ? 0.6814 0.8825 1.0503 0.1662  0.2540  -0.1938 42  LEU A CB  
318 C CG  . LEU A 42  ? 0.6957 0.8921 1.0253 0.1872  0.3136  -0.1799 42  LEU A CG  
319 C CD1 . LEU A 42  ? 0.7097 0.9331 1.1233 0.2000  0.3599  -0.1954 42  LEU A CD1 
320 C CD2 . LEU A 42  ? 0.7006 0.8772 0.9698 0.1842  0.3579  -0.1515 42  LEU A CD2 
321 N N   . ILE A 43  ? 0.6874 0.9159 1.1479 0.1800  0.1054  -0.2123 43  ILE A N   
322 C CA  . ILE A 43  ? 0.7052 0.9205 1.1274 0.1832  0.0401  -0.1919 43  ILE A CA  
323 C C   . ILE A 43  ? 0.7020 0.8792 1.0438 0.1915  0.0525  -0.1722 43  ILE A C   
324 O O   . ILE A 43  ? 0.6980 0.8722 1.0637 0.2078  0.0785  -0.1844 43  ILE A O   
325 C CB  . ILE A 43  ? 0.7193 0.9589 1.2446 0.2000  -0.0084 -0.1976 43  ILE A CB  
326 C CG1 . ILE A 43  ? 0.7248 1.0121 1.3371 0.1905  -0.0328 -0.2226 43  ILE A CG1 
327 C CG2 . ILE A 43  ? 0.7516 0.9677 1.2319 0.2086  -0.0678 -0.1611 43  ILE A CG2 
328 C CD1 . ILE A 43  ? 0.7314 1.0551 1.4812 0.2098  -0.0674 -0.2370 43  ILE A CD1 
329 N N   . VAL A 44  ? 0.7098 0.8624 0.9605 0.1790  0.0372  -0.1483 44  VAL A N   
330 C CA  . VAL A 44  ? 0.7101 0.8291 0.9002 0.1834  0.0399  -0.1302 44  VAL A CA  
331 C C   . VAL A 44  ? 0.7409 0.8421 0.8934 0.1767  -0.0074 -0.0970 44  VAL A C   
332 O O   . VAL A 44  ? 0.7596 0.8658 0.8583 0.1607  -0.0181 -0.0880 44  VAL A O   
333 C CB  . VAL A 44  ? 0.6954 0.8030 0.8112 0.1750  0.0828  -0.1292 44  VAL A CB  
334 C CG1 . VAL A 44  ? 0.6983 0.7809 0.7753 0.1804  0.0807  -0.1199 44  VAL A CG1 
335 C CG2 . VAL A 44  ? 0.6787 0.8053 0.8163 0.1830  0.1332  -0.1486 44  VAL A CG2 
336 N N   . VAL A 45  ? 0.7552 0.8361 0.9391 0.1900  -0.0320 -0.0792 45  VAL A N   
337 C CA  . VAL A 45  ? 0.8010 0.8603 0.9543 0.1886  -0.0719 -0.0341 45  VAL A CA  
338 C C   . VAL A 45  ? 0.8072 0.8327 0.8824 0.1745  -0.0518 -0.0111 45  VAL A C   
339 O O   . VAL A 45  ? 0.7702 0.7897 0.8320 0.1702  -0.0156 -0.0331 45  VAL A O   
340 C CB  . VAL A 45  ? 0.8314 0.8786 1.0740 0.2109  -0.1064 -0.0151 45  VAL A CB  
341 C CG1 . VAL A 45  ? 0.8348 0.9218 1.1567 0.2245  -0.1377 -0.0295 45  VAL A CG1 
342 C CG2 . VAL A 45  ? 0.8098 0.8348 1.1141 0.2214  -0.0801 -0.0392 45  VAL A CG2 
343 N N   . GLU A 46  ? 0.8601 0.8683 0.8854 0.1693  -0.0755 0.0348  46  GLU A N   
344 C CA  . GLU A 46  ? 0.8795 0.8558 0.8411 0.1547  -0.0537 0.0634  46  GLU A CA  
345 C C   . GLU A 46  ? 0.8570 0.8027 0.8789 0.1590  -0.0344 0.0587  46  GLU A C   
346 O O   . GLU A 46  ? 0.8315 0.7702 0.8300 0.1471  -0.0034 0.0449  46  GLU A O   
347 C CB  . GLU A 46  ? 0.9667 0.9299 0.8688 0.1535  -0.0804 0.1219  46  GLU A CB  
348 C CG  . GLU A 46  ? 1.0032 1.0045 0.8288 0.1471  -0.1028 0.1162  46  GLU A CG  
349 C CD  . GLU A 46  ? 1.1106 1.1071 0.8514 0.1497  -0.1306 0.1752  46  GLU A CD  
350 O OE1 . GLU A 46  ? 1.1639 1.1268 0.9252 0.1629  -0.1419 0.2337  46  GLU A OE1 
351 O OE2 . GLU A 46  ? 1.1514 1.1791 0.8037 0.1394  -0.1397 0.1628  46  GLU A OE2 
352 N N   . GLY A 47  ? 0.8680 0.8000 0.9796 0.1769  -0.0547 0.0638  47  GLY A N   
353 C CA  . GLY A 47  ? 0.8504 0.7586 1.0419 0.1820  -0.0401 0.0421  47  GLY A CA  
354 C C   . GLY A 47  ? 0.7887 0.7210 0.9782 0.1806  -0.0117 -0.0196 47  GLY A C   
355 O O   . GLY A 47  ? 0.7819 0.7020 1.0002 0.1770  0.0023  -0.0402 47  GLY A O   
356 N N   . THR A 48  ? 0.7522 0.7209 0.9119 0.1847  -0.0040 -0.0476 48  THR A N   
357 C CA  . THR A 48  ? 0.7130 0.7078 0.8534 0.1882  0.0249  -0.0935 48  THR A CA  
358 C C   . THR A 48  ? 0.6979 0.6973 0.7548 0.1721  0.0460  -0.0830 48  THR A C   
359 O O   . THR A 48  ? 0.6849 0.6886 0.7292 0.1720  0.0608  -0.1010 48  THR A O   
360 C CB  . THR A 48  ? 0.6967 0.7248 0.8583 0.2017  0.0345  -0.1221 48  THR A CB  
361 O OG1 . THR A 48  ? 0.7136 0.7399 0.9667 0.2176  0.0165  -0.1340 48  THR A OG1 
362 C CG2 . THR A 48  ? 0.6783 0.7322 0.8111 0.2106  0.0683  -0.1597 48  THR A CG2 
363 N N   . LEU A 49  ? 0.7029 0.7048 0.7110 0.1599  0.0446  -0.0583 49  LEU A N   
364 C CA  . LEU A 49  ? 0.6929 0.6998 0.6352 0.1454  0.0684  -0.0535 49  LEU A CA  
365 C C   . LEU A 49  ? 0.7066 0.6910 0.6253 0.1321  0.0767  -0.0339 49  LEU A C   
366 O O   . LEU A 49  ? 0.6812 0.6732 0.5841 0.1296  0.0986  -0.0455 49  LEU A O   
367 C CB  . LEU A 49  ? 0.7098 0.7271 0.6182 0.1344  0.0625  -0.0441 49  LEU A CB  
368 C CG  . LEU A 49  ? 0.6971 0.7290 0.5692 0.1231  0.0903  -0.0577 49  LEU A CG  
369 C CD1 . LEU A 49  ? 0.7365 0.7633 0.5517 0.1041  0.0848  -0.0438 49  LEU A CD1 
370 C CD2 . LEU A 49  ? 0.6711 0.7034 0.5326 0.1264  0.1250  -0.0660 49  LEU A CD2 
371 N N   . TYR A 50  ? 0.7490 0.7076 0.6733 0.1255  0.0610  -0.0004 50  TYR A N   
372 C CA  . TYR A 50  ? 0.7776 0.7135 0.6833 0.1095  0.0777  0.0260  50  TYR A CA  
373 C C   . TYR A 50  ? 0.7541 0.6888 0.7117 0.1097  0.0915  0.0022  50  TYR A C   
374 O O   . TYR A 50  ? 0.7481 0.6872 0.6850 0.0982  0.1152  0.0014  50  TYR A O   
375 C CB  . TYR A 50  ? 0.8446 0.7500 0.7475 0.1058  0.0630  0.0774  50  TYR A CB  
376 C CG  . TYR A 50  ? 0.8949 0.8096 0.7180 0.1024  0.0485  0.1043  50  TYR A CG  
377 C CD1 . TYR A 50  ? 0.8703 0.8183 0.6514 0.1002  0.0474  0.0724  50  TYR A CD1 
378 C CD2 . TYR A 50  ? 0.9778 0.8706 0.7707 0.1026  0.0348  0.1615  50  TYR A CD2 
379 C CE1 . TYR A 50  ? 0.9208 0.8855 0.6365 0.0962  0.0283  0.0833  50  TYR A CE1 
380 C CE2 . TYR A 50  ? 1.0376 0.9495 0.7452 0.1026  0.0136  0.1811  50  TYR A CE2 
381 C CZ  . TYR A 50  ? 1.0060 0.9570 0.6780 0.0984  0.0078  0.1349  50  TYR A CZ  
382 O OH  . TYR A 50  ? 1.0679 1.0461 0.6637 0.0974  -0.0185 0.1393  50  TYR A OH  
383 N N   . PRO A 51  ? 0.7450 0.6793 0.7764 0.1234  0.0757  -0.0243 51  PRO A N   
384 C CA  . PRO A 51  ? 0.7313 0.6752 0.8140 0.1241  0.0811  -0.0589 51  PRO A CA  
385 C C   . PRO A 51  ? 0.6990 0.6828 0.7430 0.1328  0.0901  -0.0911 51  PRO A C   
386 O O   . PRO A 51  ? 0.6942 0.6922 0.7640 0.1306  0.0936  -0.1095 51  PRO A O   
387 C CB  . PRO A 51  ? 0.7381 0.6787 0.9025 0.1388  0.0605  -0.0918 51  PRO A CB  
388 C CG  . PRO A 51  ? 0.7654 0.6777 0.9413 0.1414  0.0478  -0.0535 51  PRO A CG  
389 C CD  . PRO A 51  ? 0.7565 0.6829 0.8400 0.1384  0.0516  -0.0283 51  PRO A CD  
390 N N   . LEU A 52  ? 0.6845 0.6874 0.6772 0.1440  0.0940  -0.0950 52  LEU A N   
391 C CA  . LEU A 52  ? 0.6674 0.7031 0.6218 0.1561  0.1073  -0.1113 52  LEU A CA  
392 C C   . LEU A 52  ? 0.6661 0.6981 0.5864 0.1420  0.1295  -0.0873 52  LEU A C   
393 O O   . LEU A 52  ? 0.6610 0.7137 0.5828 0.1487  0.1362  -0.0959 52  LEU A O   
394 C CB  . LEU A 52  ? 0.6603 0.7126 0.5874 0.1720  0.1140  -0.1187 52  LEU A CB  
395 C CG  . LEU A 52  ? 0.6683 0.7458 0.6111 0.1957  0.1072  -0.1555 52  LEU A CG  
396 C CD1 . LEU A 52  ? 0.6821 0.7575 0.6856 0.1994  0.0835  -0.1900 52  LEU A CD1 
397 C CD2 . LEU A 52  ? 0.6654 0.7443 0.6090 0.2014  0.1172  -0.1527 52  LEU A CD2 
398 N N   . LEU A 53  ? 0.6765 0.6860 0.5690 0.1245  0.1390  -0.0606 53  LEU A N   
399 C CA  . LEU A 53  ? 0.6869 0.6901 0.5510 0.1079  0.1642  -0.0446 53  LEU A CA  
400 C C   . LEU A 53  ? 0.6964 0.6956 0.5991 0.0987  0.1718  -0.0424 53  LEU A C   
401 O O   . LEU A 53  ? 0.6844 0.6980 0.5951 0.0986  0.1899  -0.0477 53  LEU A O   
402 C CB  . LEU A 53  ? 0.7166 0.7013 0.5376 0.0910  0.1665  -0.0231 53  LEU A CB  
403 C CG  . LEU A 53  ? 0.7121 0.7060 0.5108 0.0952  0.1566  -0.0301 53  LEU A CG  
404 C CD1 . LEU A 53  ? 0.7603 0.7439 0.5140 0.0803  0.1469  -0.0115 53  LEU A CD1 
405 C CD2 . LEU A 53  ? 0.6883 0.6982 0.4816 0.0987  0.1820  -0.0468 53  LEU A CD2 
406 N N   . THR A 54  ? 0.7185 0.6979 0.6608 0.0920  0.1590  -0.0345 54  THR A N   
407 C CA  . THR A 54  ? 0.7331 0.7066 0.7393 0.0808  0.1678  -0.0347 54  THR A CA  
408 C C   . THR A 54  ? 0.7034 0.7147 0.7612 0.0962  0.1535  -0.0758 54  THR A C   
409 O O   . THR A 54  ? 0.7006 0.7261 0.7949 0.0896  0.1675  -0.0807 54  THR A O   
410 C CB  . THR A 54  ? 0.7711 0.7102 0.8259 0.0722  0.1593  -0.0146 54  THR A CB  
411 O OG1 . THR A 54  ? 0.8163 0.7272 0.8084 0.0607  0.1719  0.0328  54  THR A OG1 
412 C CG2 . THR A 54  ? 0.7886 0.7198 0.9359 0.0579  0.1733  -0.0182 54  THR A CG2 
413 N N   . ARG A 55  ? 0.6900 0.7226 0.7467 0.1183  0.1261  -0.1057 55  ARG A N   
414 C CA  A ARG A 55  ? 0.6809 0.7586 0.7636 0.1391  0.1051  -0.1466 55  ARG A CA  
415 C CA  B ARG A 55  ? 0.6804 0.7582 0.7642 0.1387  0.1051  -0.1466 55  ARG A CA  
416 C C   . ARG A 55  ? 0.6667 0.7724 0.7098 0.1510  0.1173  -0.1370 55  ARG A C   
417 O O   . ARG A 55  ? 0.6627 0.8014 0.7457 0.1592  0.1065  -0.1545 55  ARG A O   
418 C CB  A ARG A 55  ? 0.6886 0.7839 0.7561 0.1616  0.0814  -0.1784 55  ARG A CB  
419 C CB  B ARG A 55  ? 0.6879 0.7840 0.7623 0.1612  0.0798  -0.1811 55  ARG A CB  
420 C CG  A ARG A 55  ? 0.7057 0.8446 0.8177 0.1788  0.0505  -0.2342 55  ARG A CG  
421 C CG  B ARG A 55  ? 0.7030 0.8459 0.8202 0.1787  0.0493  -0.2359 55  ARG A CG  
422 C CD  A ARG A 55  ? 0.7272 0.8796 0.8242 0.1984  0.0351  -0.2710 55  ARG A CD  
423 C CD  B ARG A 55  ? 0.7257 0.8778 0.8584 0.1927  0.0288  -0.2813 55  ARG A CD  
424 N NE  A ARG A 55  ? 0.7297 0.8365 0.8663 0.1846  0.0403  -0.2615 55  ARG A NE  
425 N NE  B ARG A 55  ? 0.7364 0.9160 0.7839 0.2200  0.0317  -0.2866 55  ARG A NE  
426 C CZ  A ARG A 55  ? 0.7497 0.8585 0.9281 0.1942  0.0265  -0.3035 55  ARG A CZ  
427 C CZ  B ARG A 55  ? 0.7671 1.0017 0.7748 0.2482  0.0141  -0.3220 55  ARG A CZ  
428 N NH1 A ARG A 55  ? 0.7771 0.9344 0.9511 0.2160  0.0078  -0.3645 55  ARG A NH1 
429 N NH1 B ARG A 55  ? 0.7854 1.0595 0.8357 0.2535  -0.0171 -0.3628 55  ARG A NH1 
430 N NH2 A ARG A 55  ? 0.7536 0.8188 0.9788 0.1844  0.0303  -0.2859 55  ARG A NH2 
431 N NH2 B ARG A 55  ? 0.7887 1.0427 0.7151 0.2723  0.0281  -0.3159 55  ARG A NH2 
432 N N   . LEU A 56  ? 0.6616 0.7544 0.6394 0.1528  0.1388  -0.1103 56  LEU A N   
433 C CA  . LEU A 56  ? 0.6566 0.7648 0.6086 0.1638  0.1581  -0.0950 56  LEU A CA  
434 C C   . LEU A 56  ? 0.6606 0.7600 0.6473 0.1446  0.1829  -0.0829 56  LEU A C   
435 O O   . LEU A 56  ? 0.6574 0.7822 0.6693 0.1581  0.1865  -0.0825 56  LEU A O   
436 C CB  . LEU A 56  ? 0.6525 0.7460 0.5490 0.1670  0.1790  -0.0762 56  LEU A CB  
437 C CG  . LEU A 56  ? 0.6577 0.7654 0.5216 0.1895  0.1701  -0.0829 56  LEU A CG  
438 C CD1 . LEU A 56  ? 0.6515 0.7353 0.4936 0.1779  0.1886  -0.0710 56  LEU A CD1 
439 C CD2 . LEU A 56  ? 0.6738 0.8148 0.5154 0.2215  0.1734  -0.0752 56  LEU A CD2 
440 N N   . LYS A 57  ? 0.6753 0.7412 0.6635 0.1162  0.2013  -0.0708 57  LYS A N   
441 C CA  . LYS A 57  ? 0.6949 0.7530 0.7167 0.0958  0.2330  -0.0620 57  LYS A CA  
442 C C   . LYS A 57  ? 0.6928 0.7770 0.8057 0.0975  0.2202  -0.0810 57  LYS A C   
443 O O   . LYS A 57  ? 0.6915 0.7940 0.8516 0.0972  0.2382  -0.0834 57  LYS A O   
444 C CB  . LYS A 57  ? 0.7302 0.7503 0.7187 0.0677  0.2566  -0.0398 57  LYS A CB  
445 C CG  . LYS A 57  ? 0.7610 0.7737 0.7953 0.0458  0.2924  -0.0309 57  LYS A CG  
446 C CD  . LYS A 57  ? 0.8148 0.7921 0.8269 0.0239  0.3083  -0.0007 57  LYS A CD  
447 C CE  . LYS A 57  ? 0.8182 0.7828 0.8813 0.0269  0.2765  0.0019  57  LYS A CE  
448 N NZ  . LYS A 57  ? 0.8398 0.7974 1.0020 0.0102  0.2981  0.0066  57  LYS A NZ  
449 N N   . ASN A 58  ? 0.6972 0.7848 0.8483 0.0993  0.1891  -0.0994 58  ASN A N   
450 C CA  . ASN A 58  ? 0.7033 0.8193 0.9592 0.0985  0.1707  -0.1296 58  ASN A CA  
451 C C   . ASN A 58  ? 0.6953 0.8695 0.9760 0.1278  0.1404  -0.1562 58  ASN A C   
452 O O   . ASN A 58  ? 0.6969 0.9031 1.0702 0.1262  0.1336  -0.1762 58  ASN A O   
453 C CB  . ASN A 58  ? 0.7111 0.8162 1.0114 0.0943  0.1439  -0.1521 58  ASN A CB  
454 C CG  . ASN A 58  ? 0.7386 0.7902 1.0652 0.0641  0.1757  -0.1197 58  ASN A CG  
455 O OD1 . ASN A 58  ? 0.7561 0.7858 1.0673 0.0448  0.2186  -0.0846 58  ASN A OD1 
456 N ND2 . ASN A 58  ? 0.7536 0.7840 1.1196 0.0618  0.1574  -0.1294 58  ASN A ND2 
457 N N   . ASP A 59  ? 0.6993 0.8893 0.9010 0.1558  0.1234  -0.1525 59  ASP A N   
458 C CA  . ASP A 59  ? 0.7131 0.9562 0.9133 0.1902  0.0974  -0.1606 59  ASP A CA  
459 C C   . ASP A 59  ? 0.7109 0.9469 0.8972 0.1954  0.1326  -0.1237 59  ASP A C   
460 O O   . ASP A 59  ? 0.7229 0.9930 0.8967 0.2282  0.1179  -0.1129 59  ASP A O   
461 C CB  . ASP A 59  ? 0.7320 0.9979 0.8549 0.2212  0.0665  -0.1717 59  ASP A CB  
462 C CG  . ASP A 59  ? 0.7630 1.0952 0.8808 0.2617  0.0276  -0.1834 59  ASP A CG  
463 O OD1 . ASP A 59  ? 0.7690 1.1422 0.9702 0.2650  0.0007  -0.2085 59  ASP A OD1 
464 O OD2 . ASP A 59  ? 0.7912 1.1373 0.8234 0.2920  0.0240  -0.1647 59  ASP A OD2 
465 N N   . ASP A 60  ? 0.7107 0.9028 0.9002 0.1646  0.1798  -0.1049 60  ASP A N   
466 C CA  . ASP A 60  ? 0.7169 0.8965 0.9088 0.1626  0.2218  -0.0821 60  ASP A CA  
467 C C   . ASP A 60  ? 0.7229 0.8947 0.8488 0.1851  0.2299  -0.0586 60  ASP A C   
468 O O   . ASP A 60  ? 0.7284 0.9044 0.8807 0.1984  0.2515  -0.0424 60  ASP A O   
469 C CB  . ASP A 60  ? 0.7232 0.9415 1.0171 0.1722  0.2207  -0.0904 60  ASP A CB  
470 C CG  . ASP A 60  ? 0.7294 0.9454 1.1082 0.1406  0.2384  -0.1085 60  ASP A CG  
471 O OD1 . ASP A 60  ? 0.7401 0.9249 1.0992 0.1143  0.2466  -0.1105 60  ASP A OD1 
472 O OD2 . ASP A 60  ? 0.7334 0.9794 1.2099 0.1435  0.2469  -0.1171 60  ASP A OD2 
473 N N   . LEU A 61  ? 0.8691 0.8970 0.6096 0.0190  0.1076  0.0654  61  LEU A N   
474 C CA  . LEU A 61  ? 0.8386 0.8136 0.6131 0.0758  0.1190  0.0464  61  LEU A CA  
475 C C   . LEU A 61  ? 0.8124 0.7389 0.6166 0.1340  0.1322  0.0228  61  LEU A C   
476 O O   . LEU A 61  ? 0.7985 0.7041 0.6236 0.1749  0.1335  0.0225  61  LEU A O   
477 C CB  . LEU A 61  ? 0.8835 0.7610 0.5941 0.0482  0.1231  0.0233  61  LEU A CB  
478 C CG  . LEU A 61  ? 0.9340 0.8293 0.5940 -0.0131 0.1091  0.0419  61  LEU A CG  
479 C CD1 . LEU A 61  ? 1.0242 0.7871 0.5778 -0.0264 0.1212  0.0118  61  LEU A CD1 
480 C CD2 . LEU A 61  ? 0.8834 0.8721 0.6122 0.0065  0.1008  0.0713  61  LEU A CD2 
481 N N   . LEU A 62  ? 0.8300 0.7214 0.6122 0.1252  0.1380  0.0059  62  LEU A N   
482 C CA  . LEU A 62  ? 0.8142 0.6855 0.6214 0.1665  0.1474  -0.0093 62  LEU A CA  
483 C C   . LEU A 62  ? 0.8126 0.7570 0.6307 0.1630  0.1452  0.0063  62  LEU A C   
484 O O   . LEU A 62  ? 0.8375 0.8389 0.6307 0.1086  0.1333  0.0287  62  LEU A O   
485 C CB  . LEU A 62  ? 0.8357 0.6280 0.6103 0.1677  0.1582  -0.0342 62  LEU A CB  
486 C CG  . LEU A 62  ? 0.8285 0.6025 0.6129 0.1901  0.1654  -0.0411 62  LEU A CG  
487 C CD1 . LEU A 62  ? 0.8273 0.6158 0.6148 0.1795  0.1594  -0.0306 62  LEU A CD1 
488 C CD2 . LEU A 62  ? 0.8610 0.5969 0.5993 0.2076  0.1827  -0.0504 62  LEU A CD2 
489 N N   . SER A 63  ? 0.8024 0.7499 0.6437 0.2112  0.1539  -0.0006 63  SER A N   
490 C CA  . SER A 63  ? 0.8098 0.8307 0.6609 0.2151  0.1562  0.0112  63  SER A CA  
491 C C   . SER A 63  ? 0.8130 0.7615 0.6611 0.2457  0.1661  -0.0172 63  SER A C   
492 O O   . SER A 63  ? 0.8218 0.6870 0.6589 0.2648  0.1682  -0.0359 63  SER A O   
493 C CB  . SER A 63  ? 0.8123 0.9733 0.6896 0.2640  0.1609  0.0512  63  SER A CB  
494 O OG  . SER A 63  ? 0.8536 0.9496 0.7135 0.3506  0.1751  0.0417  63  SER A OG  
495 N N   . TYR A 64  ? 0.8146 0.8034 0.6640 0.2353  0.1675  -0.0145 64  TYR A N   
496 C CA  . TYR A 64  ? 0.8249 0.7568 0.6698 0.2555  0.1749  -0.0378 64  TYR A CA  
497 C C   . TYR A 64  ? 0.8395 0.8526 0.6923 0.2831  0.1824  -0.0265 64  TYR A C   
498 O O   . TYR A 64  ? 0.8321 0.9770 0.7005 0.2752  0.1804  0.0070  64  TYR A O   
499 C CB  . TYR A 64  ? 0.8224 0.6830 0.6453 0.2191  0.1726  -0.0524 64  TYR A CB  
500 C CG  . TYR A 64  ? 0.8585 0.7260 0.6432 0.1701  0.1641  -0.0403 64  TYR A CG  
501 C CD1 . TYR A 64  ? 0.8580 0.7679 0.6442 0.1603  0.1623  -0.0335 64  TYR A CD1 
502 C CD2 . TYR A 64  ? 0.9247 0.7357 0.6442 0.1225  0.1543  -0.0337 64  TYR A CD2 
503 C CE1 . TYR A 64  ? 0.9217 0.8216 0.6466 0.0946  0.1467  -0.0160 64  TYR A CE1 
504 C CE2 . TYR A 64  ? 1.0109 0.7807 0.6447 0.0557  0.1385  -0.0200 64  TYR A CE2 
505 C CZ  . TYR A 64  ? 1.0097 0.8255 0.6466 0.0369  0.1325  -0.0089 64  TYR A CZ  
506 O OH  . TYR A 64  ? 1.1326 0.8899 0.6585 -0.0493 0.1093  0.0105  64  TYR A OH  
507 N N   . GLU A 65  ? 0.8717 0.8233 0.7076 0.3097  0.1898  -0.0484 65  GLU A N   
508 C CA  . GLU A 65  ? 0.8946 0.9037 0.7272 0.3335  0.1990  -0.0447 65  GLU A CA  
509 C C   . GLU A 65  ? 0.8837 0.8322 0.7121 0.2986  0.1942  -0.0646 65  GLU A C   
510 O O   . GLU A 65  ? 0.9015 0.7672 0.7204 0.2824  0.1892  -0.0796 65  GLU A O   
511 C CB  . GLU A 65  ? 0.9888 0.9715 0.7695 0.4205  0.2173  -0.0478 65  GLU A CB  
512 C CG  . GLU A 65  ? 1.0846 0.9143 0.7992 0.4438  0.2149  -0.0654 65  GLU A CG  
513 C CD  . GLU A 65  ? 1.2326 1.0169 0.8584 0.5474  0.2349  -0.0565 65  GLU A CD  
514 O OE1 . GLU A 65  ? 1.2639 1.1377 0.8728 0.6229  0.2581  -0.0400 65  GLU A OE1 
515 O OE2 . GLU A 65  ? 1.3377 0.9925 0.8954 0.5614  0.2288  -0.0616 65  GLU A OE2 
516 N N   . TRP A 66  ? 0.8575 0.8735 0.6948 0.2835  0.1945  -0.0548 66  TRP A N   
517 C CA  . TRP A 66  ? 0.8397 0.8117 0.6707 0.2580  0.1908  -0.0665 66  TRP A CA  
518 C C   . TRP A 66  ? 0.8722 0.8015 0.6748 0.2909  0.1992  -0.0860 66  TRP A C   
519 O O   . TRP A 66  ? 0.8949 0.8517 0.6693 0.3383  0.2124  -0.0868 66  TRP A O   
520 C CB  . TRP A 66  ? 0.8294 0.8745 0.6610 0.2180  0.1832  -0.0455 66  TRP A CB  
521 C CG  . TRP A 66  ? 0.8565 0.8876 0.6598 0.1580  0.1665  -0.0261 66  TRP A CG  
522 C CD1 . TRP A 66  ? 0.8672 0.9956 0.6658 0.1189  0.1550  0.0055  66  TRP A CD1 
523 C CD2 . TRP A 66  ? 0.9018 0.8015 0.6462 0.1294  0.1588  -0.0321 66  TRP A CD2 
524 N NE1 . TRP A 66  ? 0.9441 0.9802 0.6675 0.0468  0.1348  0.0144  66  TRP A NE1 
525 C CE2 . TRP A 66  ? 0.9758 0.8513 0.6539 0.0647  0.1405  -0.0117 66  TRP A CE2 
526 C CE3 . TRP A 66  ? 0.9124 0.7194 0.6383 0.1585  0.1671  -0.0458 66  TRP A CE3 
527 C CZ2 . TRP A 66  ? 1.0904 0.7941 0.6513 0.0357  0.1325  -0.0146 66  TRP A CZ2 
528 C CZ3 . TRP A 66  ? 1.0094 0.6861 0.6422 0.1519  0.1653  -0.0418 66  TRP A CZ3 
529 C CH2 . TRP A 66  ? 1.1105 0.7090 0.6465 0.0944  0.1491  -0.0313 66  TRP A CH2 
530 N N   . VAL A 67  ? 0.8778 0.7430 0.6699 0.2670  0.1921  -0.0958 67  VAL A N   
531 C CA  . VAL A 67  ? 0.9373 0.7530 0.6797 0.2641  0.1908  -0.1089 67  VAL A CA  
532 C C   . VAL A 67  ? 0.9192 0.7902 0.6867 0.2433  0.1896  -0.1011 67  VAL A C   
533 O O   . VAL A 67  ? 0.8935 0.7850 0.6920 0.2215  0.1837  -0.0862 67  VAL A O   
534 C CB  . VAL A 67  ? 0.9705 0.7218 0.6794 0.2275  0.1760  -0.1084 67  VAL A CB  
535 C CG1 . VAL A 67  ? 1.0441 0.7454 0.6789 0.1911  0.1653  -0.1135 67  VAL A CG1 
536 C CG2 . VAL A 67  ? 1.0210 0.6953 0.6840 0.2428  0.1739  -0.1150 67  VAL A CG2 
537 N N   . GLU A 68  ? 0.9695 0.8621 0.7105 0.2626  0.1983  -0.1080 68  GLU A N   
538 C CA  . GLU A 68  ? 0.9416 0.8976 0.7043 0.2423  0.1968  -0.0979 68  GLU A CA  
539 C C   . GLU A 68  ? 0.9858 0.9006 0.6996 0.2244  0.1930  -0.1088 68  GLU A C   
540 O O   . GLU A 68  ? 1.0781 0.9125 0.7052 0.2431  0.1986  -0.1296 68  GLU A O   
541 C CB  . GLU A 68  ? 0.9515 1.0050 0.7226 0.2674  0.2080  -0.0874 68  GLU A CB  
542 C CG  . GLU A 68  ? 0.9300 1.0534 0.7379 0.2587  0.2041  -0.0641 68  GLU A CG  
543 C CD  . GLU A 68  ? 0.9189 1.0679 0.7378 0.1927  0.1852  -0.0398 68  GLU A CD  
544 O OE1 . GLU A 68  ? 0.9241 1.1113 0.7370 0.1698  0.1809  -0.0305 68  GLU A OE1 
545 O OE2 . GLU A 68  ? 0.9284 1.0376 0.7381 0.1616  0.1736  -0.0296 68  GLU A OE2 
546 N N   . SER A 69  ? 0.9455 0.8988 0.6905 0.1891  0.1829  -0.0915 69  SER A N   
547 C CA  . SER A 69  ? 0.9835 0.9289 0.6901 0.1530  0.1732  -0.0895 69  SER A CA  
548 C C   . SER A 69  ? 0.9495 0.9672 0.6870 0.1410  0.1719  -0.0722 69  SER A C   
549 O O   . SER A 69  ? 0.9047 0.9580 0.6792 0.1526  0.1749  -0.0603 69  SER A O   
550 C CB  . SER A 69  ? 0.9920 0.9461 0.7062 0.1172  0.1579  -0.0673 69  SER A CB  
551 O OG  . SER A 69  ? 0.9879 1.0149 0.7078 0.0770  0.1457  -0.0379 69  SER A OG  
552 N N   . THR A 70  ? 0.9957 1.0246 0.6989 0.1050  0.1629  -0.0675 70  THR A N   
553 C CA  . THR A 70  ? 0.9751 1.0772 0.7075 0.0897  0.1586  -0.0437 70  THR A CA  
554 C C   . THR A 70  ? 0.9517 1.1198 0.7172 0.0716  0.1468  -0.0003 70  THR A C   
555 O O   . THR A 70  ? 0.9366 1.1602 0.7270 0.0785  0.1453  0.0301  70  THR A O   
556 C CB  . THR A 70  ? 1.0386 1.1360 0.7095 0.0700  0.1600  -0.0618 70  THR A CB  
557 O OG1 . THR A 70  ? 1.1397 1.1762 0.7238 0.0229  0.1473  -0.0703 70  THR A OG1 
558 C CG2 . THR A 70  ? 1.0676 1.1431 0.7070 0.1184  0.1807  -0.0911 70  THR A CG2 
559 N N   . GLN A 71  ? 0.9710 1.1445 0.7300 0.0547  0.1393  0.0100  71  GLN A N   
560 C CA  . GLN A 71  ? 0.9530 1.2466 0.7425 0.0394  0.1294  0.0655  71  GLN A CA  
561 C C   . GLN A 71  ? 0.9070 1.2338 0.7453 0.1128  0.1456  0.0939  71  GLN A C   
562 O O   . GLN A 71  ? 0.9078 1.3461 0.7713 0.1477  0.1505  0.1487  71  GLN A O   
563 C CB  . GLN A 71  ? 1.0211 1.3260 0.7568 -0.0384 0.1070  0.0738  71  GLN A CB  
564 C CG  . GLN A 71  ? 1.1386 1.3505 0.7622 -0.1161 0.0890  0.0443  71  GLN A CG  
565 C CD  . GLN A 71  ? 1.1495 1.4386 0.7748 -0.1432 0.0829  0.0648  71  GLN A CD  
566 O OE1 . GLN A 71  ? 1.1474 1.5928 0.8008 -0.1871 0.0663  0.1251  71  GLN A OE1 
567 N NE2 . GLN A 71  ? 1.1688 1.3747 0.7659 -0.1152 0.0970  0.0225  71  GLN A NE2 
568 N N   . GLY A 72  ? 0.8851 1.1144 0.7208 0.1440  0.1560  0.0605  72  GLY A N   
569 C CA  . GLY A 72  ? 0.8674 1.0803 0.7122 0.2116  0.1723  0.0775  72  GLY A CA  
570 C C   . GLY A 72  ? 0.8675 0.9499 0.6873 0.2273  0.1788  0.0389  72  GLY A C   
571 O O   . GLY A 72  ? 0.8540 0.9043 0.6686 0.1947  0.1729  0.0091  72  GLY A O   
572 N N   . PRO A 73  ? 0.8952 0.9129 0.6859 0.2765  0.1910  0.0453  73  PRO A N   
573 C CA  . PRO A 73  ? 0.9247 0.8234 0.6713 0.2697  0.1903  0.0190  73  PRO A CA  
574 C C   . PRO A 73  ? 0.8722 0.7757 0.6526 0.2421  0.1864  -0.0117 73  PRO A C   
575 O O   . PRO A 73  ? 0.8291 0.7870 0.6443 0.2341  0.1848  -0.0148 73  PRO A O   
576 C CB  . PRO A 73  ? 1.0135 0.8213 0.6836 0.3343  0.2056  0.0385  73  PRO A CB  
577 C CG  . PRO A 73  ? 0.9763 0.9073 0.6960 0.3786  0.2184  0.0668  73  PRO A CG  
578 C CD  . PRO A 73  ? 0.9209 0.9836 0.7004 0.3441  0.2074  0.0854  73  PRO A CD  
579 N N   . PRO A 74  ? 0.8956 0.7463 0.6515 0.2204  0.1816  -0.0269 74  PRO A N   
580 C CA  . PRO A 74  ? 0.8641 0.7278 0.6464 0.2129  0.1815  -0.0460 74  PRO A CA  
581 C C   . PRO A 74  ? 0.8824 0.7129 0.6605 0.2377  0.1879  -0.0448 74  PRO A C   
582 O O   . PRO A 74  ? 0.9476 0.7098 0.6712 0.2608  0.1941  -0.0332 74  PRO A O   
583 C CB  . PRO A 74  ? 0.8908 0.7449 0.6431 0.1781  0.1724  -0.0425 74  PRO A CB  
584 C CG  . PRO A 74  ? 0.9199 0.7783 0.6432 0.1519  0.1642  -0.0282 74  PRO A CG  
585 C CD  . PRO A 74  ? 0.9484 0.7526 0.6484 0.1868  0.1709  -0.0186 74  PRO A CD  
586 N N   . ARG A 75  ? 0.8487 0.7093 0.6600 0.2366  0.1872  -0.0553 75  ARG A N   
587 C CA  . ARG A 75  ? 0.8375 0.6935 0.6522 0.2513  0.1910  -0.0498 75  ARG A CA  
588 C C   . ARG A 75  ? 0.8236 0.6537 0.6412 0.2428  0.1878  -0.0659 75  ARG A C   
589 O O   . ARG A 75  ? 0.8280 0.6662 0.6506 0.2376  0.1845  -0.0778 75  ARG A O   
590 C CB  . ARG A 75  ? 0.8296 0.7501 0.6633 0.2373  0.1850  -0.0354 75  ARG A CB  
591 C CG  . ARG A 75  ? 0.8330 0.8268 0.6737 0.2422  0.1862  -0.0065 75  ARG A CG  
592 C CD  . ARG A 75  ? 0.8382 0.9202 0.6848 0.1948  0.1703  0.0181  75  ARG A CD  
593 N NE  . ARG A 75  ? 0.8438 1.0088 0.7061 0.2072  0.1738  0.0506  75  ARG A NE  
594 C CZ  . ARG A 75  ? 0.8623 1.0961 0.7166 0.1454  0.1533  0.0747  75  ARG A CZ  
595 N NH1 . ARG A 75  ? 0.9150 1.0999 0.7160 0.0618  0.1255  0.0654  75  ARG A NH1 
596 N NH2 . ARG A 75  ? 0.8497 1.1902 0.7253 0.1634  0.1596  0.1112  75  ARG A NH2 
597 N N   . LYS A 76  ? 0.8317 0.6313 0.6332 0.2524  0.1919  -0.0624 76  LYS A N   
598 C CA  . LYS A 76  ? 0.8209 0.6102 0.6264 0.2426  0.1878  -0.0700 76  LYS A CA  
599 C C   . LYS A 76  ? 0.7973 0.6004 0.6219 0.2434  0.1838  -0.0716 76  LYS A C   
600 O O   . LYS A 76  ? 0.7882 0.6157 0.6161 0.2435  0.1843  -0.0587 76  LYS A O   
601 C CB  . LYS A 76  ? 0.8855 0.6164 0.6408 0.2405  0.1909  -0.0663 76  LYS A CB  
602 C CG  . LYS A 76  ? 0.9610 0.6341 0.6475 0.2072  0.1832  -0.0619 76  LYS A CG  
603 C CD  . LYS A 76  ? 1.0769 0.6290 0.6563 0.2040  0.1860  -0.0613 76  LYS A CD  
604 C CE  . LYS A 76  ? 1.2205 0.6557 0.6707 0.1494  0.1707  -0.0536 76  LYS A CE  
605 N NZ  . LYS A 76  ? 1.2798 0.6830 0.6614 0.0724  0.1496  -0.0453 76  LYS A NZ  
606 N N   . TYR A 77  ? 0.8007 0.5918 0.6213 0.2456  0.1791  -0.0802 77  TYR A N   
607 C CA  . TYR A 77  ? 0.8342 0.5847 0.6276 0.2380  0.1700  -0.0813 77  TYR A CA  
608 C C   . TYR A 77  ? 0.8334 0.5736 0.6284 0.2510  0.1700  -0.0789 77  TYR A C   
609 O O   . TYR A 77  ? 0.8580 0.6119 0.6512 0.2805  0.1754  -0.0777 77  TYR A O   
610 C CB  . TYR A 77  ? 0.8992 0.5887 0.6330 0.2410  0.1659  -0.0926 77  TYR A CB  
611 C CG  . TYR A 77  ? 1.0078 0.5980 0.6542 0.2082  0.1478  -0.0920 77  TYR A CG  
612 C CD1 . TYR A 77  ? 1.0178 0.6356 0.6533 0.1415  0.1287  -0.0728 77  TYR A CD1 
613 C CD2 . TYR A 77  ? 1.1272 0.5930 0.6772 0.2428  0.1481  -0.1027 77  TYR A CD2 
614 C CE1 . TYR A 77  ? 1.1442 0.6627 0.6700 0.0799  0.1018  -0.0642 77  TYR A CE1 
615 C CE2 . TYR A 77  ? 1.2728 0.5904 0.6919 0.2003  0.1257  -0.1017 77  TYR A CE2 
616 C CZ  . TYR A 77  ? 1.2837 0.6243 0.6879 0.1040  0.0983  -0.0827 77  TYR A CZ  
617 O OH  . TYR A 77  ? 1.4606 0.6506 0.7104 0.0310  0.0662  -0.0735 77  TYR A OH  
618 N N   . TYR A 78  ? 0.8157 0.5604 0.6177 0.2323  0.1650  -0.0702 78  TYR A N   
619 C CA  . TYR A 78  ? 0.7993 0.5492 0.6102 0.2364  0.1650  -0.0651 78  TYR A CA  
620 C C   . TYR A 78  ? 0.8491 0.5433 0.6213 0.2343  0.1530  -0.0608 78  TYR A C   
621 O O   . TYR A 78  ? 0.8965 0.5448 0.6245 0.2034  0.1392  -0.0570 78  TYR A O   
622 C CB  . TYR A 78  ? 0.7703 0.5478 0.5911 0.2267  0.1707  -0.0577 78  TYR A CB  
623 C CG  . TYR A 78  ? 0.7708 0.5406 0.5757 0.2381  0.1836  -0.0611 78  TYR A CG  
624 C CD1 . TYR A 78  ? 0.7959 0.5346 0.5680 0.2238  0.1831  -0.0630 78  TYR A CD1 
625 C CD2 . TYR A 78  ? 0.7783 0.5584 0.5743 0.2574  0.1939  -0.0562 78  TYR A CD2 
626 C CE1 . TYR A 78  ? 0.8590 0.5312 0.5606 0.2196  0.1890  -0.0658 78  TYR A CE1 
627 C CE2 . TYR A 78  ? 0.8312 0.5542 0.5698 0.2774  0.2062  -0.0582 78  TYR A CE2 
628 C CZ  . TYR A 78  ? 0.8901 0.5354 0.5662 0.2541  0.2022  -0.0657 78  TYR A CZ  
629 O OH  . TYR A 78  ? 1.0069 0.5370 0.5716 0.2596  0.2086  -0.0677 78  TYR A OH  
630 N N   . LYS A 79  ? 0.8622 0.5608 0.6358 0.2590  0.1549  -0.0543 79  LYS A N   
631 C CA  . LYS A 79  ? 0.9374 0.5691 0.6615 0.2657  0.1444  -0.0451 79  LYS A CA  
632 C C   . LYS A 79  ? 0.8957 0.5901 0.6599 0.2625  0.1445  -0.0304 79  LYS A C   
633 O O   . LYS A 79  ? 0.8467 0.6221 0.6549 0.2578  0.1518  -0.0263 79  LYS A O   
634 C CB  . LYS A 79  ? 1.0477 0.5950 0.6932 0.3276  0.1499  -0.0454 79  LYS A CB  
635 C CG  . LYS A 79  ? 1.0228 0.6803 0.7111 0.3912  0.1686  -0.0289 79  LYS A CG  
636 C CD  . LYS A 79  ? 1.1555 0.7420 0.7485 0.4883  0.1836  -0.0198 79  LYS A CD  
637 C CE  . LYS A 79  ? 1.1283 0.8830 0.7738 0.5524  0.1992  0.0208  79  LYS A CE  
638 N NZ  . LYS A 79  ? 1.2825 0.9820 0.8202 0.6847  0.2231  0.0409  79  LYS A NZ  
639 N N   . LEU A 80  ? 0.9373 0.5821 0.6669 0.2510  0.1320  -0.0197 80  LEU A N   
640 C CA  . LEU A 80  ? 0.9055 0.6023 0.6619 0.2476  0.1298  -0.0029 80  LEU A CA  
641 C C   . LEU A 80  ? 0.9448 0.6604 0.6855 0.3127  0.1363  0.0184  80  LEU A C   
642 O O   . LEU A 80  ? 1.0530 0.6622 0.7119 0.3639  0.1365  0.0218  80  LEU A O   
643 C CB  . LEU A 80  ? 0.9527 0.5948 0.6716 0.2092  0.1121  0.0062  80  LEU A CB  
644 C CG  . LEU A 80  ? 0.9074 0.6152 0.6602 0.1659  0.1089  0.0138  80  LEU A CG  
645 C CD1 . LEU A 80  ? 0.9761 0.6296 0.6804 0.1466  0.0886  0.0348  80  LEU A CD1 
646 C CD2 . LEU A 80  ? 0.8475 0.6316 0.6424 0.1687  0.1219  0.0121  80  LEU A CD2 
647 N N   . THR A 81  ? 0.8792 0.7268 0.6755 0.3115  0.1413  0.0387  81  THR A N   
648 C CA  . THR A 81  ? 0.9018 0.8478 0.7016 0.3773  0.1495  0.0788  81  THR A CA  
649 C C   . THR A 81  ? 0.9650 0.8819 0.7299 0.4123  0.1437  0.1060  81  THR A C   
650 O O   . THR A 81  ? 0.9809 0.8022 0.7221 0.3681  0.1292  0.0922  81  THR A O   
651 C CB  . THR A 81  ? 0.8323 0.9652 0.6930 0.3332  0.1468  0.1088  81  THR A CB  
652 O OG1 . THR A 81  ? 0.8052 0.9483 0.6741 0.2556  0.1314  0.1103  81  THR A OG1 
653 C CG2 . THR A 81  ? 0.7962 0.9519 0.6705 0.2976  0.1495  0.0906  81  THR A CG2 
654 N N   . GLY A 82  ? 1.1047 0.7836 0.7214 0.3026  0.2451  0.0130  82  GLY A N   
655 C CA  . GLY A 82  ? 1.1008 0.8436 0.7417 0.3603  0.2690  0.0423  82  GLY A CA  
656 C C   . GLY A 82  ? 0.9835 0.8642 0.7233 0.3350  0.2271  0.0389  82  GLY A C   
657 O O   . GLY A 82  ? 0.9825 0.8419 0.7163 0.3465  0.2217  0.0422  82  GLY A O   
658 N N   . LYS A 83  ? 0.9082 0.9061 0.7155 0.2928  0.2043  0.0301  83  LYS A N   
659 C CA  . LYS A 83  ? 0.8343 0.9339 0.7033 0.2515  0.1695  0.0215  83  LYS A CA  
660 C C   . LYS A 83  ? 0.8129 0.8138 0.6674 0.2181  0.1389  -0.0058 83  LYS A C   
661 O O   . LYS A 83  ? 0.7761 0.8070 0.6539 0.2154  0.1268  -0.0048 83  LYS A O   
662 C CB  . LYS A 83  ? 0.8136 1.0095 0.7116 0.1949  0.1636  0.0121  83  LYS A CB  
663 C CG  . LYS A 83  ? 0.7822 1.0595 0.7063 0.1369  0.1367  0.0012  83  LYS A CG  
664 C CD  . LYS A 83  ? 0.8068 1.1473 0.7221 0.0612  0.1411  -0.0122 83  LYS A CD  
665 C CE  . LYS A 83  ? 0.8144 1.1855 0.7097 -0.0131 0.1214  -0.0289 83  LYS A CE  
666 N NZ  . LYS A 83  ? 0.8802 1.2468 0.7189 -0.1079 0.1338  -0.0516 83  LYS A NZ  
667 N N   . GLY A 84  ? 0.8412 0.7365 0.6566 0.1980  0.1290  -0.0250 84  GLY A N   
668 C CA  . GLY A 84  ? 0.8349 0.6675 0.6470 0.1772  0.1021  -0.0416 84  GLY A CA  
669 C C   . GLY A 84  ? 0.8573 0.6531 0.6589 0.1892  0.1073  -0.0375 84  GLY A C   
670 O O   . GLY A 84  ? 0.8260 0.6427 0.6624 0.1757  0.0942  -0.0431 84  GLY A O   
671 N N   . GLU A 85  ? 0.9349 0.6574 0.6705 0.2131  0.1361  -0.0276 85  GLU A N   
672 C CA  . GLU A 85  ? 1.0073 0.6500 0.6876 0.2191  0.1571  -0.0242 85  GLU A CA  
673 C C   . GLU A 85  ? 0.9813 0.6839 0.6931 0.2528  0.1706  -0.0072 85  GLU A C   
674 O O   . GLU A 85  ? 1.0014 0.6689 0.7029 0.2338  0.1714  -0.0141 85  GLU A O   
675 C CB  . GLU A 85  ? 1.1461 0.6529 0.7040 0.2463  0.2034  -0.0139 85  GLU A CB  
676 C CG  . GLU A 85  ? 1.2194 0.6239 0.7017 0.2012  0.1933  -0.0327 85  GLU A CG  
677 C CD  . GLU A 85  ? 1.2901 0.6124 0.7128 0.1271  0.1727  -0.0551 85  GLU A CD  
678 O OE1 . GLU A 85  ? 1.2909 0.6175 0.7238 0.1093  0.1766  -0.0580 85  GLU A OE1 
679 O OE2 . GLU A 85  ? 1.3534 0.6120 0.7121 0.0786  0.1523  -0.0695 85  GLU A OE2 
680 N N   . SER A 86  ? 0.9514 0.7529 0.6972 0.2979  0.1809  0.0169  86  SER A N   
681 C CA  . SER A 86  ? 0.9359 0.8197 0.7087 0.3299  0.1838  0.0383  86  SER A CA  
682 C C   . SER A 86  ? 0.8582 0.7954 0.6892 0.2785  0.1488  0.0178  86  SER A C   
683 O O   . SER A 86  ? 0.8768 0.7876 0.6930 0.2814  0.1540  0.0195  86  SER A O   
684 C CB  . SER A 86  ? 0.9212 0.9486 0.7312 0.3786  0.1925  0.0726  86  SER A CB  
685 O OG  . SER A 86  ? 1.0199 0.9957 0.7715 0.4456  0.2390  0.0993  86  SER A OG  
686 N N   . PHE A 87  ? 0.7968 0.7830 0.6715 0.2354  0.1237  -0.0002 87  PHE A N   
687 C CA  . PHE A 87  ? 0.7628 0.7630 0.6637 0.1946  0.1050  -0.0180 87  PHE A CA  
688 C C   . PHE A 87  ? 0.7695 0.6958 0.6717 0.1827  0.1054  -0.0321 87  PHE A C   
689 O O   . PHE A 87  ? 0.7646 0.6920 0.6756 0.1748  0.1094  -0.0348 87  PHE A O   
690 C CB  . PHE A 87  ? 0.7449 0.7666 0.6519 0.1559  0.0927  -0.0327 87  PHE A CB  
691 C CG  . PHE A 87  ? 0.7490 0.7497 0.6454 0.1232  0.0899  -0.0472 87  PHE A CG  
692 C CD1 . PHE A 87  ? 0.7585 0.7947 0.6424 0.1100  0.0913  -0.0427 87  PHE A CD1 
693 C CD2 . PHE A 87  ? 0.7675 0.7005 0.6468 0.1125  0.0912  -0.0612 87  PHE A CD2 
694 C CE1 . PHE A 87  ? 0.7964 0.7795 0.6418 0.0798  0.1004  -0.0566 87  PHE A CE1 
695 C CE2 . PHE A 87  ? 0.8110 0.6961 0.6558 0.0974  0.1050  -0.0695 87  PHE A CE2 
696 C CZ  . PHE A 87  ? 0.8262 0.7259 0.6487 0.0772  0.1128  -0.0695 87  PHE A CZ  
697 N N   . LEU A 88  ? 0.7941 0.6664 0.6838 0.1760  0.1023  -0.0394 88  LEU A N   
698 C CA  . LEU A 88  ? 0.8132 0.6513 0.7095 0.1517  0.1000  -0.0491 88  LEU A CA  
699 C C   . LEU A 88  ? 0.8606 0.6574 0.7233 0.1540  0.1269  -0.0445 88  LEU A C   
700 O O   . LEU A 88  ? 0.8528 0.6628 0.7440 0.1334  0.1319  -0.0505 88  LEU A O   
701 C CB  . LEU A 88  ? 0.8567 0.6485 0.7207 0.1294  0.0876  -0.0561 88  LEU A CB  
702 C CG  . LEU A 88  ? 0.8919 0.6792 0.7599 0.0822  0.0787  -0.0654 88  LEU A CG  
703 C CD1 . LEU A 88  ? 0.8319 0.7206 0.7902 0.0771  0.0543  -0.0640 88  LEU A CD1 
704 C CD2 . LEU A 88  ? 0.9746 0.6903 0.7661 0.0480  0.0699  -0.0724 88  LEU A CD2 
705 N N   . GLY A 89  ? 0.9237 0.6637 0.7165 0.1867  0.1521  -0.0301 89  GLY A N   
706 C CA  . GLY A 89  ? 1.0051 0.6724 0.7298 0.2039  0.1873  -0.0198 89  GLY A CA  
707 C C   . GLY A 89  ? 0.9660 0.6896 0.7232 0.2162  0.1861  -0.0128 89  GLY A C   
708 O O   . GLY A 89  ? 1.0113 0.6808 0.7369 0.2012  0.2081  -0.0168 89  GLY A O   
709 N N   . GLU A 90  ? 0.8994 0.7228 0.7043 0.2325  0.1631  -0.0042 90  GLU A N   
710 C CA  . GLU A 90  ? 0.8792 0.7531 0.6984 0.2278  0.1559  -0.0012 90  GLU A CA  
711 C C   . GLU A 90  ? 0.8598 0.7116 0.7109 0.1867  0.1596  -0.0233 90  GLU A C   
712 O O   . GLU A 90  ? 0.8965 0.7170 0.7229 0.1835  0.1784  -0.0227 90  GLU A O   
713 C CB  . GLU A 90  ? 0.8317 0.8120 0.6800 0.2230  0.1293  0.0053  90  GLU A CB  
714 C CG  . GLU A 90  ? 0.8297 0.8434 0.6675 0.1921  0.1193  0.0007  90  GLU A CG  
715 C CD  . GLU A 90  ? 0.8111 0.9159 0.6554 0.1562  0.0953  -0.0005 90  GLU A CD  
716 O OE1 . GLU A 90  ? 0.7907 0.9835 0.6576 0.1725  0.0851  0.0162  90  GLU A OE1 
717 O OE2 . GLU A 90  ? 0.8325 0.9127 0.6462 0.1074  0.0940  -0.0180 90  GLU A OE2 
718 N N   . LEU A 91  ? 0.8194 0.6886 0.7201 0.1647  0.1464  -0.0379 91  LEU A N   
719 C CA  . LEU A 91  ? 0.8103 0.6868 0.7539 0.1462  0.1539  -0.0487 91  LEU A CA  
720 C C   . LEU A 91  ? 0.8421 0.7026 0.8014 0.1265  0.1752  -0.0526 91  LEU A C   
721 O O   . LEU A 91  ? 0.8529 0.7203 0.8327 0.1211  0.1989  -0.0540 91  LEU A O   
722 C CB  . LEU A 91  ? 0.7772 0.6824 0.7591 0.1454  0.1341  -0.0532 91  LEU A CB  
723 C CG  . LEU A 91  ? 0.7847 0.6838 0.7497 0.1505  0.1323  -0.0557 91  LEU A CG  
724 C CD1 . LEU A 91  ? 0.8135 0.6909 0.7207 0.1367  0.1437  -0.0576 91  LEU A CD1 
725 C CD2 . LEU A 91  ? 0.7705 0.6747 0.7280 0.1499  0.1091  -0.0570 91  LEU A CD2 
726 N N   . GLU A 92  ? 0.8755 0.7065 0.8117 0.1083  0.1731  -0.0553 92  GLU A N   
727 C CA  . GLU A 92  ? 0.9343 0.7425 0.8619 0.0629  0.1948  -0.0632 92  GLU A CA  
728 C C   . GLU A 92  ? 1.0054 0.7363 0.8664 0.0653  0.2355  -0.0608 92  GLU A C   
729 O O   . GLU A 92  ? 1.0363 0.7733 0.9138 0.0283  0.2626  -0.0677 92  GLU A O   
730 C CB  . GLU A 92  ? 0.9994 0.7483 0.8659 0.0290  0.1891  -0.0701 92  GLU A CB  
731 C CG  . GLU A 92  ? 0.9558 0.7769 0.8755 0.0103  0.1478  -0.0737 92  GLU A CG  
732 C CD  . GLU A 92  ? 1.0509 0.7833 0.8765 -0.0308 0.1451  -0.0824 92  GLU A CD  
733 O OE1 . GLU A 92  ? 1.1476 0.7430 0.8556 -0.0196 0.1805  -0.0813 92  GLU A OE1 
734 O OE2 . GLU A 92  ? 1.0483 0.8390 0.9022 -0.0703 0.1104  -0.0875 92  GLU A OE2 
735 N N   . ALA A 93  ? 1.0398 0.7101 0.8257 0.1114  0.2407  -0.0469 93  ALA A N   
736 C CA  . ALA A 93  ? 1.1269 0.7185 0.8295 0.1321  0.2744  -0.0365 93  ALA A CA  
737 C C   . ALA A 93  ? 1.0933 0.7302 0.8335 0.1343  0.2759  -0.0371 93  ALA A C   
738 O O   . ALA A 93  ? 1.1663 0.7407 0.8544 0.1274  0.3104  -0.0366 93  ALA A O   
739 C CB  . ALA A 93  ? 1.1789 0.7306 0.8007 0.1972  0.2738  -0.0103 93  ALA A CB  
740 N N   . SER A 94  ? 1.0132 0.7327 0.8209 0.1398  0.2465  -0.0394 94  SER A N   
741 C CA  . SER A 94  ? 1.0057 0.7371 0.8222 0.1368  0.2562  -0.0425 94  SER A CA  
742 C C   . SER A 94  ? 1.0105 0.7569 0.8863 0.1154  0.2898  -0.0518 94  SER A C   
743 O O   . SER A 94  ? 1.0468 0.7581 0.8970 0.1156  0.3238  -0.0522 94  SER A O   
744 C CB  . SER A 94  ? 0.9604 0.7388 0.7919 0.1419  0.2256  -0.0432 94  SER A CB  
745 O OG  . SER A 94  ? 0.9716 0.7702 0.7522 0.1532  0.1999  -0.0307 94  SER A OG  
746 N N   . TRP A 95  ? 0.9731 0.7832 0.9262 0.0981  0.2813  -0.0559 95  TRP A N   
747 C CA  . TRP A 95  ? 0.9761 0.8509 1.0056 0.0769  0.3115  -0.0566 95  TRP A CA  
748 C C   . TRP A 95  ? 1.0509 0.8733 1.0375 0.0352  0.3514  -0.0631 95  TRP A C   
749 O O   . TRP A 95  ? 1.0752 0.9273 1.0974 0.0213  0.3944  -0.0623 95  TRP A O   
750 C CB  . TRP A 95  ? 0.9309 0.9159 1.0496 0.0583  0.2821  -0.0550 95  TRP A CB  
751 C CG  . TRP A 95  ? 0.8811 0.9169 1.0422 0.1012  0.2539  -0.0455 95  TRP A CG  
752 C CD1 . TRP A 95  ? 0.8506 0.9004 1.0123 0.1031  0.2095  -0.0464 95  TRP A CD1 
753 C CD2 . TRP A 95  ? 0.8882 0.9387 1.0715 0.1515  0.2776  -0.0328 95  TRP A CD2 
754 N NE1 . TRP A 95  ? 0.8313 0.9053 1.0145 0.1487  0.2009  -0.0356 95  TRP A NE1 
755 C CE2 . TRP A 95  ? 0.8629 0.9290 1.0520 0.1815  0.2447  -0.0265 95  TRP A CE2 
756 C CE3 . TRP A 95  ? 0.9368 0.9648 1.1143 0.1770  0.3323  -0.0252 95  TRP A CE3 
757 C CZ2 . TRP A 95  ? 0.8992 0.9457 1.0759 0.2371  0.2671  -0.0122 95  TRP A CZ2 
758 C CZ3 . TRP A 95  ? 0.9751 0.9805 1.1388 0.2357  0.3571  -0.0107 95  TRP A CZ3 
759 C CH2 . TRP A 95  ? 0.9617 0.9693 1.1185 0.2659  0.3255  -0.0041 95  TRP A CH2 
760 N N   . LYS A 96  ? 1.1011 0.8350 0.9994 0.0182  0.3455  -0.0676 96  LYS A N   
761 C CA  . LYS A 96  ? 1.2169 0.8476 1.0248 -0.0216 0.3910  -0.0744 96  LYS A CA  
762 C C   . LYS A 96  ? 1.2723 0.8209 1.0087 0.0081  0.4260  -0.0678 96  LYS A C   
763 O O   . LYS A 96  ? 1.3415 0.8574 1.0600 -0.0273 0.4765  -0.0741 96  LYS A O   
764 C CB  . LYS A 96  ? 1.2974 0.8125 0.9901 -0.0253 0.3867  -0.0747 96  LYS A CB  
765 C CG  . LYS A 96  ? 1.4407 0.8525 1.0406 -0.1019 0.4342  -0.0897 96  LYS A CG  
766 C CD  . LYS A 96  ? 1.5317 0.8307 1.0199 -0.1137 0.4311  -0.0925 96  LYS A CD  
767 C CE  . LYS A 96  ? 1.7023 0.8874 1.0786 -0.2201 0.4795  -0.1146 96  LYS A CE  
768 N NZ  . LYS A 96  ? 1.8930 0.8575 1.0792 -0.2091 0.5498  -0.1106 96  LYS A NZ  
769 N N   . GLU A 97  ? 1.2500 0.7769 0.9450 0.0642  0.3982  -0.0550 97  GLU A N   
770 C CA  . GLU A 97  ? 1.3097 0.7716 0.9275 0.0881  0.4175  -0.0471 97  GLU A CA  
771 C C   . GLU A 97  ? 1.2982 0.7935 0.9719 0.0748  0.4506  -0.0545 97  GLU A C   
772 O O   . GLU A 97  ? 1.3855 0.8017 0.9898 0.0700  0.4947  -0.0546 97  GLU A O   
773 C CB  . GLU A 97  ? 1.2864 0.7669 0.8647 0.1319  0.3691  -0.0316 97  GLU A CB  
774 C CG  . GLU A 97  ? 1.3761 0.7938 0.8479 0.1479  0.3761  -0.0200 97  GLU A CG  
775 C CD  . GLU A 97  ? 1.5020 0.8082 0.8519 0.1712  0.4038  -0.0039 97  GLU A CD  
776 O OE1 . GLU A 97  ? 1.5256 0.8305 0.8269 0.2177  0.3811  0.0195  97  GLU A OE1 
777 O OE2 . GLU A 97  ? 1.5942 0.8052 0.8865 0.1495  0.4560  -0.0117 97  GLU A OE2 
778 N N   . LEU A 98  ? 2.2627 3.0311 1.5059 0.1719  0.4563  -0.6854 98  LEU A N   
779 C CA  . LEU A 98  ? 2.2540 3.0285 1.4406 0.1752  0.4290  -0.6871 98  LEU A CA  
780 C C   . LEU A 98  ? 2.2492 3.0417 1.4443 0.1734  0.4328  -0.7017 98  LEU A C   
781 O O   . LEU A 98  ? 2.2553 3.0538 1.4345 0.1882  0.4321  -0.6841 98  LEU A O   
782 C CB  . LEU A 98  ? 2.2626 3.0625 1.4275 0.1899  0.4308  -0.6756 98  LEU A CB  
783 C CG  . LEU A 98  ? 2.3091 3.0505 1.4683 0.2096  0.4737  -0.6465 98  LEU A CG  
784 C CD1 . LEU A 98  ? 2.3622 3.0251 1.4783 0.1563  0.5055  -0.6874 98  LEU A CD1 
785 C CD2 . LEU A 98  ? 2.3204 3.0670 1.4851 0.2232  0.4867  -0.6259 98  LEU A CD2 
786 N N   . ASN A 99  ? 2.2597 3.0450 1.4992 0.1538  0.4674  -0.7310 99  ASN A N   
787 C CA  . ASN A 99  ? 2.2665 3.0577 1.5180 0.1391  0.4846  -0.7544 99  ASN A CA  
788 C C   . ASN A 99  ? 2.2629 3.0091 1.5895 0.1662  0.5102  -0.7064 99  ASN A C   
789 O O   . ASN A 99  ? 2.2631 3.0079 1.5973 0.1646  0.5143  -0.7122 99  ASN A O   
790 C CB  . ASN A 99  ? 2.3284 3.1706 1.5707 0.0591  0.5444  -0.8418 99  ASN A CB  
791 C CG  . ASN A 99  ? 2.3191 3.3579 1.4921 0.0176  0.4955  -0.8370 99  ASN A CG  
792 O OD1 . ASN A 99  ? 2.3108 3.4841 1.4659 0.0008  0.4710  -0.8141 99  ASN A OD1 
793 N ND2 . ASN A 99  ? 2.3209 3.4207 1.4756 0.0076  0.4841  -0.8259 99  ASN A ND2 
794 N N   . GLU A 100 ? 2.2587 3.0174 1.6566 0.1923  0.5286  -0.6309 100 GLU A N   
795 C CA  . GLU A 100 ? 2.2422 3.0951 1.7223 0.2165  0.5285  -0.5134 100 GLU A CA  
796 C C   . GLU A 100 ? 2.2165 3.1672 1.5777 0.1674  0.4440  -0.5153 100 GLU A C   
797 O O   . GLU A 100 ? 2.2155 3.2931 1.5856 0.1400  0.4267  -0.4563 100 GLU A O   
798 C CB  . GLU A 100 ? 2.2610 3.1883 1.8945 0.2588  0.5914  -0.3792 100 GLU A CB  
799 C CG  . GLU A 100 ? 2.3473 3.1325 2.1548 0.3010  0.7590  -0.3693 100 GLU A CG  
800 C CD  . GLU A 100 ? 2.3885 3.1884 2.3718 0.3516  0.8606  -0.2579 100 GLU A CD  
801 O OE1 . GLU A 100 ? 2.3852 3.1312 2.2972 0.3218  0.8401  -0.3449 100 GLU A OE1 
802 O OE2 . GLU A 100 ? 2.4314 3.3133 2.6526 0.4315  0.9767  -0.0569 100 GLU A OE2 
803 N N   . THR A 101 ? 2.2229 3.1180 1.4826 0.1414  0.4207  -0.5870 101 THR A N   
804 C CA  . THR A 101 ? 2.2635 3.1567 1.4176 0.0767  0.4162  -0.6383 101 THR A CA  
805 C C   . THR A 101 ? 2.2757 3.0774 1.4097 0.0923  0.4356  -0.6836 101 THR A C   
806 O O   . THR A 101 ? 2.3265 3.1391 1.4142 0.0324  0.4594  -0.7110 101 THR A O   
807 C CB  . THR A 101 ? 2.2988 3.1250 1.4025 0.0634  0.4376  -0.6798 101 THR A CB  
808 O OG1 . THR A 101 ? 2.2782 3.1980 1.4079 0.0561  0.4148  -0.6305 101 THR A OG1 
809 C CG2 . THR A 101 ? 2.4085 3.1898 1.4271 -0.0301 0.5072  -0.7506 101 THR A CG2 
810 N N   . VAL A 102 ? 2.2440 2.9990 1.4117 0.1509  0.4341  -0.6889 102 VAL A N   
811 C CA  . VAL A 102 ? 2.2492 2.9852 1.4216 0.1734  0.4490  -0.6934 102 VAL A CA  
812 C C   . VAL A 102 ? 2.2361 2.9850 1.4183 0.1610  0.4379  -0.6976 102 VAL A C   
813 O O   . VAL A 102 ? 2.2492 2.9812 1.4307 0.1716  0.4536  -0.6997 102 VAL A O   
814 C CB  . VAL A 102 ? 2.2287 3.0451 1.4268 0.2002  0.4416  -0.6744 102 VAL A CB  
815 C CG1 . VAL A 102 ? 2.2153 3.0901 1.4226 0.1667  0.4331  -0.7147 102 VAL A CG1 
816 C CG2 . VAL A 102 ? 2.2553 3.1143 1.4934 0.2440  0.4806  -0.6028 102 VAL A CG2 
817 N N   . ASN A 103 ? 2.2164 3.0135 1.4361 0.1501  0.4252  -0.6699 103 ASN A N   
818 C CA  . ASN A 103 ? 2.2097 3.0566 1.4638 0.1424  0.4236  -0.6371 103 ASN A CA  
819 C C   . ASN A 103 ? 2.2474 3.1841 1.4352 0.0655  0.4143  -0.6331 103 ASN A C   
820 O O   . ASN A 103 ? 2.2628 3.2120 1.4302 0.0395  0.4184  -0.6471 103 ASN A O   
821 C CB  . ASN A 103 ? 2.2005 3.0980 1.5836 0.1774  0.4579  -0.5548 103 ASN A CB  
822 C CG  . ASN A 103 ? 2.2029 3.1190 1.6659 0.1975  0.4886  -0.5119 103 ASN A CG  
823 O OD1 . ASN A 103 ? 2.2179 3.0324 1.6803 0.2026  0.5209  -0.5837 103 ASN A OD1 
824 N ND2 . ASN A 103 ? 2.1961 3.2923 1.7323 0.1957  0.4822  -0.3812 103 ASN A ND2 
825 N N   . HIS A 104 ? 2.2818 3.2993 1.4234 0.0020  0.4140  -0.6302 104 HIS A N   
826 C CA  . HIS A 104 ? 2.3683 3.5231 1.4114 -0.1430 0.4333  -0.6663 104 HIS A CA  
827 C C   . HIS A 104 ? 2.4838 3.4436 1.4384 -0.2032 0.5290  -0.8006 104 HIS A C   
828 O O   . HIS A 104 ? 2.5955 3.6121 1.4663 -0.3436 0.5889  -0.8739 104 HIS A O   
829 C CB  . HIS A 104 ? 2.3937 3.7492 1.4089 -0.2277 0.4183  -0.6262 104 HIS A CB  
830 C CG  . HIS A 104 ? 2.3132 3.9234 1.4654 -0.1716 0.3651  -0.4381 104 HIS A CG  
831 N ND1 . HIS A 104 ? 2.2780 3.9259 1.5081 -0.1133 0.3578  -0.3577 104 HIS A ND1 
832 C CD2 . HIS A 104 ? 2.2771 4.1172 1.5419 -0.1495 0.3462  -0.2855 104 HIS A CD2 
833 C CE1 . HIS A 104 ? 2.2355 4.1139 1.6405 -0.0503 0.3566  -0.1533 104 HIS A CE1 
834 N NE2 . HIS A 104 ? 2.2336 4.2412 1.6725 -0.0656 0.3515  -0.0944 104 HIS A NE2 
835 N N   . ILE A 105 ? 2.4803 3.2373 1.4742 -0.1051 0.5690  -0.8170 105 ILE A N   
836 C CA  . ILE A 105 ? 2.6064 3.1652 1.6009 -0.1119 0.7093  -0.8802 105 ILE A CA  
837 C C   . ILE A 105 ? 2.6126 3.1141 1.6428 -0.0760 0.7380  -0.8741 105 ILE A C   
838 O O   . ILE A 105 ? 2.7643 3.1441 1.7786 -0.1476 0.8831  -0.9454 105 ILE A O   
839 C CB  . ILE A 105 ? 2.6030 3.0512 1.6772 -0.0023 0.7532  -0.8297 105 ILE A CB  
840 C CG1 . ILE A 105 ? 2.4632 2.9870 1.6174 0.1289  0.6548  -0.7307 105 ILE A CG1 
841 C CG2 . ILE A 105 ? 2.6016 3.0947 1.6328 -0.0450 0.7277  -0.8469 105 ILE A CG2 
842 C CD1 . ILE A 105 ? 2.4819 2.9881 1.7339 0.2141  0.7172  -0.6522 105 ILE A CD1 
843 N N   . ALA A 106 ? 2.4738 3.0538 1.5532 0.0165  0.6259  -0.8033 106 ALA A N   
844 C CA  . ALA A 106 ? 2.4586 3.0135 1.5764 0.0603  0.6332  -0.7847 106 ALA A CA  
845 C C   . ALA A 106 ? 2.4577 3.0989 1.5216 -0.0225 0.5982  -0.8170 106 ALA A C   
846 O O   . ALA A 106 ? 2.5705 3.2278 1.5571 -0.1537 0.6656  -0.8902 106 ALA A O   
847 C CB  . ALA A 106 ? 2.3445 2.9721 1.5261 0.1587  0.5537  -0.7154 106 ALA A CB  
# 
loop_
_pdbx_poly_seq_scheme.asym_id 
_pdbx_poly_seq_scheme.entity_id 
_pdbx_poly_seq_scheme.seq_id 
_pdbx_poly_seq_scheme.mon_id 
_pdbx_poly_seq_scheme.ndb_seq_num 
_pdbx_poly_seq_scheme.pdb_seq_num 
_pdbx_poly_seq_scheme.auth_seq_num 
_pdbx_poly_seq_scheme.pdb_mon_id 
_pdbx_poly_seq_scheme.auth_mon_id 
_pdbx_poly_seq_scheme.pdb_strand_id 
_pdbx_poly_seq_scheme.pdb_ins_code 
_pdbx_poly_seq_scheme.hetero 
A 1 1   MET 1   1   ?   ?   ?   A . n 
A 1 2   ASN 2   2   ?   ?   ?   A . n 
A 1 3   VAL 3   3   ?   ?   ?   A . n 
A 1 4   ASP 4   4   4   ASP ASP A . n 
A 1 5   ASN 5   5   5   ASN ASN A . n 
A 1 6   VAL 6   6   6   VAL VAL A . n 
A 1 7   LYS 7   7   7   LYS LYS A . n 
A 1 8   SER 8   8   8   SER SER A . n 
A 1 9   GLN 9   9   9   GLN GLN A . n 
A 1 10  MET 10  10  10  MET MET A . n 
A 1 11  ARG 11  11  11  ARG ARG A . n 
A 1 12  LYS 12  12  12  LYS LYS A . n 
A 1 13  GLY 13  13  13  GLY GLY A . n 
A 1 14  MET 14  14  14  MET MET A . n 
A 1 15  LEU 15  15  15  LEU LEU A . n 
A 1 16  GLU 16  16  16  GLU GLU A . n 
A 1 17  TYR 17  17  17  TYR TYR A . n 
A 1 18  CYS 18  18  18  CYS CYS A . n 
A 1 19  ILE 19  19  19  ILE ILE A . n 
A 1 20  MET 20  20  20  MET MET A . n 
A 1 21  LEU 21  21  21  LEU LEU A . n 
A 1 22  LEU 22  22  22  LEU LEU A . n 
A 1 23  LEU 23  23  23  LEU LEU A . n 
A 1 24  HIS 24  24  24  HIS HIS A . n 
A 1 25  LYS 25  25  25  LYS LYS A . n 
A 1 26  GLU 26  26  26  GLU GLU A . n 
A 1 27  PRO 27  27  27  PRO PRO A . n 
A 1 28  ALA 28  28  28  ALA ALA A . n 
A 1 29  TYR 29  29  29  TYR TYR A . n 
A 1 30  ALA 30  30  30  ALA ALA A . n 
A 1 31  SER 31  31  31  SER SER A . n 
A 1 32  ASP 32  32  32  ASP ASP A . n 
A 1 33  ILE 33  33  33  ILE ILE A . n 
A 1 34  ILE 34  34  34  ILE ILE A . n 
A 1 35  GLN 35  35  35  GLN GLN A . n 
A 1 36  LYS 36  36  36  LYS LYS A . n 
A 1 37  LEU 37  37  37  LEU LEU A . n 
A 1 38  LYS 38  38  38  LYS LYS A . n 
A 1 39  GLU 39  39  39  GLU GLU A . n 
A 1 40  ALA 40  40  40  ALA ALA A . n 
A 1 41  ARG 41  41  41  ARG ARG A . n 
A 1 42  LEU 42  42  42  LEU LEU A . n 
A 1 43  ILE 43  43  43  ILE ILE A . n 
A 1 44  VAL 44  44  44  VAL VAL A . n 
A 1 45  VAL 45  45  45  VAL VAL A . n 
A 1 46  GLU 46  46  46  GLU GLU A . n 
A 1 47  GLY 47  47  47  GLY GLY A . n 
A 1 48  THR 48  48  48  THR THR A . n 
A 1 49  LEU 49  49  49  LEU LEU A . n 
A 1 50  TYR 50  50  50  TYR TYR A . n 
A 1 51  PRO 51  51  51  PRO PRO A . n 
A 1 52  LEU 52  52  52  LEU LEU A . n 
A 1 53  LEU 53  53  53  LEU LEU A . n 
A 1 54  THR 54  54  54  THR THR A . n 
A 1 55  ARG 55  55  55  ARG ARG A . n 
A 1 56  LEU 56  56  56  LEU LEU A . n 
A 1 57  LYS 57  57  57  LYS LYS A . n 
A 1 58  ASN 58  58  58  ASN ASN A . n 
A 1 59  ASP 59  59  59  ASP ASP A . n 
A 1 60  ASP 60  60  60  ASP ASP A . n 
A 1 61  LEU 61  61  61  LEU LEU A . n 
A 1 62  LEU 62  62  62  LEU LEU A . n 
A 1 63  SER 63  63  63  SER SER A . n 
A 1 64  TYR 64  64  64  TYR TYR A . n 
A 1 65  GLU 65  65  65  GLU GLU A . n 
A 1 66  TRP 66  66  66  TRP TRP A . n 
A 1 67  VAL 67  67  67  VAL VAL A . n 
A 1 68  GLU 68  68  68  GLU GLU A . n 
A 1 69  SER 69  69  69  SER SER A . n 
A 1 70  THR 70  70  70  THR THR A . n 
A 1 71  GLN 71  71  71  GLN GLN A . n 
A 1 72  GLY 72  72  72  GLY GLY A . n 
A 1 73  PRO 73  73  73  PRO PRO A . n 
A 1 74  PRO 74  74  74  PRO PRO A . n 
A 1 75  ARG 75  75  75  ARG ARG A . n 
A 1 76  LYS 76  76  76  LYS LYS A . n 
A 1 77  TYR 77  77  77  TYR TYR A . n 
A 1 78  TYR 78  78  78  TYR TYR A . n 
A 1 79  LYS 79  79  79  LYS LYS A . n 
A 1 80  LEU 80  80  80  LEU LEU A . n 
A 1 81  THR 81  81  81  THR THR A . n 
A 1 82  GLY 82  82  82  GLY GLY A . n 
A 1 83  LYS 83  83  83  LYS LYS A . n 
A 1 84  GLY 84  84  84  GLY GLY A . n 
A 1 85  GLU 85  85  85  GLU GLU A . n 
A 1 86  SER 86  86  86  SER SER A . n 
A 1 87  PHE 87  87  87  PHE PHE A . n 
A 1 88  LEU 88  88  88  LEU LEU A . n 
A 1 89  GLY 89  89  89  GLY GLY A . n 
A 1 90  GLU 90  90  90  GLU GLU A . n 
A 1 91  LEU 91  91  91  LEU LEU A . n 
A 1 92  GLU 92  92  92  GLU GLU A . n 
A 1 93  ALA 93  93  93  ALA ALA A . n 
A 1 94  SER 94  94  94  SER SER A . n 
A 1 95  TRP 95  95  95  TRP TRP A . n 
A 1 96  LYS 96  96  96  LYS LYS A . n 
A 1 97  GLU 97  97  97  GLU GLU A . n 
A 1 98  LEU 98  98  98  LEU LEU A . n 
A 1 99  ASN 99  99  99  ASN ASN A . n 
A 1 100 GLU 100 100 100 GLU GLU A . n 
A 1 101 THR 101 101 101 THR THR A . n 
A 1 102 VAL 102 102 102 VAL VAL A . n 
A 1 103 ASN 103 103 103 ASN ASN A . n 
A 1 104 HIS 104 104 104 HIS HIS A . n 
A 1 105 ILE 105 105 105 ILE ILE A . n 
A 1 106 ALA 106 106 106 ALA ALA A . n 
A 1 107 ASN 107 107 ?   ?   ?   A . n 
A 1 108 ARG 108 108 ?   ?   ?   A . n 
A 1 109 GLU 109 109 ?   ?   ?   A . n 
A 1 110 SER 110 110 ?   ?   ?   A . n 
A 1 111 ILE 111 111 ?   ?   ?   A . n 
# 
loop_
_pdbx_nonpoly_scheme.asym_id 
_pdbx_nonpoly_scheme.entity_id 
_pdbx_nonpoly_scheme.mon_id 
_pdbx_nonpoly_scheme.ndb_seq_num 
_pdbx_nonpoly_scheme.pdb_seq_num 
_pdbx_nonpoly_scheme.auth_seq_num 
_pdbx_nonpoly_scheme.pdb_mon_id 
_pdbx_nonpoly_scheme.auth_mon_id 
_pdbx_nonpoly_scheme.pdb_strand_id 
_pdbx_nonpoly_scheme.pdb_ins_code 
B 2 PO4 1  201 1  PO4 PO4 A . 
C 2 PO4 1  202 2  PO4 PO4 A . 
D 2 PO4 1  203 3  PO4 PO4 A . 
E 3 GLC 1  204 1  GLC GLC A . 
F 4 IPA 1  205 1  IPA IPA A . 
G 4 IPA 1  206 2  IPA IPA A . 
H 5 HOH 1  301 40 HOH HOH A . 
H 5 HOH 2  302 16 HOH HOH A . 
H 5 HOH 3  303 4  HOH HOH A . 
H 5 HOH 4  304 11 HOH HOH A . 
H 5 HOH 5  305 31 HOH HOH A . 
H 5 HOH 6  306 47 HOH HOH A . 
H 5 HOH 7  307 26 HOH HOH A . 
H 5 HOH 8  308 32 HOH HOH A . 
H 5 HOH 9  309 42 HOH HOH A . 
H 5 HOH 10 310 48 HOH HOH A . 
H 5 HOH 11 311 3  HOH HOH A . 
H 5 HOH 12 312 44 HOH HOH A . 
H 5 HOH 13 313 43 HOH HOH A . 
H 5 HOH 14 314 5  HOH HOH A . 
H 5 HOH 15 315 39 HOH HOH A . 
H 5 HOH 16 316 29 HOH HOH A . 
H 5 HOH 17 317 30 HOH HOH A . 
H 5 HOH 18 318 15 HOH HOH A . 
H 5 HOH 19 319 49 HOH HOH A . 
H 5 HOH 20 320 17 HOH HOH A . 
# 
_pdbx_struct_assembly.id                   1 
_pdbx_struct_assembly.details              author_and_software_defined_assembly 
_pdbx_struct_assembly.method_details       PISA 
_pdbx_struct_assembly.oligomeric_details   dimeric 
_pdbx_struct_assembly.oligomeric_count     2 
# 
_pdbx_struct_assembly_gen.assembly_id       1 
_pdbx_struct_assembly_gen.oper_expression   1,2 
_pdbx_struct_assembly_gen.asym_id_list      A,B,C,D,E,F,G,H 
# 
loop_
_pdbx_struct_assembly_prop.biol_id 
_pdbx_struct_assembly_prop.type 
_pdbx_struct_assembly_prop.value 
_pdbx_struct_assembly_prop.details 
1 'ABSA (A^2)' 5540  ? 
1 MORE         -44   ? 
1 'SSA (A^2)'  11980 ? 
# 
loop_
_pdbx_struct_oper_list.id 
_pdbx_struct_oper_list.type 
_pdbx_struct_oper_list.name 
_pdbx_struct_oper_list.symmetry_operation 
_pdbx_struct_oper_list.matrix[1][1] 
_pdbx_struct_oper_list.matrix[1][2] 
_pdbx_struct_oper_list.matrix[1][3] 
_pdbx_struct_oper_list.vector[1] 
_pdbx_struct_oper_list.matrix[2][1] 
_pdbx_struct_oper_list.matrix[2][2] 
_pdbx_struct_oper_list.matrix[2][3] 
_pdbx_struct_oper_list.vector[2] 
_pdbx_struct_oper_list.matrix[3][1] 
_pdbx_struct_oper_list.matrix[3][2] 
_pdbx_struct_oper_list.matrix[3][3] 
_pdbx_struct_oper_list.vector[3] 
1 'identity operation'         1_555 x,y,z         1.0000000000  0.0000000000 0.0000000000  0.0000000000  0.0000000000 1.0000000000 0.0000000000  0.0000000000 0.0000000000  0.0000000000  1.0000000000  0.0000000000  
2 'crystal symmetry operation' 5_555 x-y,-y,-z+1/3 -0.4452819597 0.8876034384 -0.1178308641 -1.8275653303 0.8876034384 0.4202528251 -0.1885409749 4.1615747292 -0.1178308641 -0.1885409749 -0.9749708653 22.7448436411 
# 
loop_
_pdbx_audit_revision_history.ordinal 
_pdbx_audit_revision_history.data_content_type 
_pdbx_audit_revision_history.major_revision 
_pdbx_audit_revision_history.minor_revision 
_pdbx_audit_revision_history.revision_date 
1 'Structure model' 1 0 2017-03-08 
2 'Structure model' 1 1 2017-08-30 
3 'Structure model' 1 2 2020-07-29 
4 'Structure model' 1 3 2023-11-08 
# 
loop_
_pdbx_audit_revision_details.ordinal 
_pdbx_audit_revision_details.revision_ordinal 
_pdbx_audit_revision_details.data_content_type 
_pdbx_audit_revision_details.provider 
_pdbx_audit_revision_details.type 
_pdbx_audit_revision_details.description 
_pdbx_audit_revision_details.details 
1 1 'Structure model' repository 'Initial release' ?                          ? 
2 3 'Structure model' repository Remediation       'Carbohydrate remediation' ? 
# 
loop_
_pdbx_audit_revision_group.ordinal 
_pdbx_audit_revision_group.revision_ordinal 
_pdbx_audit_revision_group.data_content_type 
_pdbx_audit_revision_group.group 
1 2 'Structure model' 'Data collection'        
2 3 'Structure model' 'Data collection'        
3 3 'Structure model' 'Derived calculations'   
4 3 'Structure model' 'Structure summary'      
5 4 'Structure model' 'Data collection'        
6 4 'Structure model' 'Database references'    
7 4 'Structure model' 'Refinement description' 
8 4 'Structure model' 'Structure summary'      
# 
loop_
_pdbx_audit_revision_category.ordinal 
_pdbx_audit_revision_category.revision_ordinal 
_pdbx_audit_revision_category.data_content_type 
_pdbx_audit_revision_category.category 
1  2 'Structure model' diffrn_detector               
2  3 'Structure model' chem_comp                     
3  3 'Structure model' entity                        
4  3 'Structure model' pdbx_chem_comp_identifier     
5  3 'Structure model' pdbx_entity_nonpoly           
6  3 'Structure model' struct_site                   
7  3 'Structure model' struct_site_gen               
8  4 'Structure model' chem_comp                     
9  4 'Structure model' chem_comp_atom                
10 4 'Structure model' chem_comp_bond                
11 4 'Structure model' database_2                    
12 4 'Structure model' pdbx_initial_refinement_model 
# 
loop_
_pdbx_audit_revision_item.ordinal 
_pdbx_audit_revision_item.revision_ordinal 
_pdbx_audit_revision_item.data_content_type 
_pdbx_audit_revision_item.item 
1 2 'Structure model' '_diffrn_detector.detector'           
2 3 'Structure model' '_chem_comp.name'                     
3 3 'Structure model' '_chem_comp.type'                     
4 3 'Structure model' '_entity.pdbx_description'            
5 3 'Structure model' '_pdbx_entity_nonpoly.name'           
6 4 'Structure model' '_chem_comp.pdbx_synonyms'            
7 4 'Structure model' '_database_2.pdbx_DOI'                
8 4 'Structure model' '_database_2.pdbx_database_accession' 
# 
loop_
_pdbx_refine_tls.pdbx_refine_id 
_pdbx_refine_tls.id 
_pdbx_refine_tls.details 
_pdbx_refine_tls.method 
_pdbx_refine_tls.origin_x 
_pdbx_refine_tls.origin_y 
_pdbx_refine_tls.origin_z 
_pdbx_refine_tls.T[1][1] 
_pdbx_refine_tls.T[2][2] 
_pdbx_refine_tls.T[3][3] 
_pdbx_refine_tls.T[1][2] 
_pdbx_refine_tls.T[1][3] 
_pdbx_refine_tls.T[2][3] 
_pdbx_refine_tls.L[1][1] 
_pdbx_refine_tls.L[2][2] 
_pdbx_refine_tls.L[3][3] 
_pdbx_refine_tls.L[1][2] 
_pdbx_refine_tls.L[1][3] 
_pdbx_refine_tls.L[2][3] 
_pdbx_refine_tls.S[1][1] 
_pdbx_refine_tls.S[2][2] 
_pdbx_refine_tls.S[3][3] 
_pdbx_refine_tls.S[1][2] 
_pdbx_refine_tls.S[1][3] 
_pdbx_refine_tls.S[2][3] 
_pdbx_refine_tls.S[2][1] 
_pdbx_refine_tls.S[3][1] 
_pdbx_refine_tls.S[3][2] 
'X-RAY DIFFRACTION' 1 ? refined -2.7545 9.3218  10.3805  0.2606 0.2974 0.3420 0.1521  0.1412 -0.0594 22.2954 16.0909 28.8440 -1.5956 -1.8376  21.5379  0.4007  -0.6949 0.2942  -0.3373 1.0354  0.1652  -0.5238 -0.6729 -0.9640 
'X-RAY DIFFRACTION' 2 ? refined -2.1620 -3.1578 -4.1311  0.6219 0.4489 0.4504 -0.0041 0.1306 -0.1250 5.0895  5.3177  14.0857 -2.4537 1.3987   5.8924   0.5410  -0.6189 0.0778  -0.0372 -0.7249 0.3316  0.0934  1.0658  -0.9925 
'X-RAY DIFFRACTION' 3 ? refined -2.2813 4.4893  -3.3599  0.5093 0.5399 0.3824 0.1344  0.1235 -0.0679 13.2752 9.9399  2.9427  -1.5931 -2.1632  1.7261   -0.6124 0.1324  0.4800  0.2156  0.7068  0.5295  -0.4860 -0.2249 -0.2334 
'X-RAY DIFFRACTION' 4 ? refined 5.3573  0.6473  -14.0929 0.5011 0.3164 0.3249 0.2505  0.1827 -0.0819 3.6088  3.4497  31.3803 1.4509  1.1221   -8.9725  0.0628  -0.0573 -0.0055 0.3077  -0.1914 -0.0674 -0.0918 0.4111  0.6031  
'X-RAY DIFFRACTION' 5 ? refined 4.3500  -7.1477 9.0831   0.6061 0.4440 0.4897 0.1681  0.1454 -0.0368 2.4107  9.8677  23.9133 1.6565  -7.1371  -3.4173  -0.3853 -0.1032 0.4884  -0.2622 -0.2085 0.5824  0.1760  1.3271  0.3492  
'X-RAY DIFFRACTION' 6 ? refined -6.2755 -7.3905 24.0875  2.0287 2.8190 1.1850 0.1138  0.4321 -0.6831 46.2551 7.4556  25.7228 18.5309 -34.4809 -13.8232 1.1542  -1.0847 -0.0696 -1.6511 -0.2234 0.0203  0.5183  -1.1323 1.2885 
# 
loop_
_pdbx_refine_tls_group.pdbx_refine_id 
_pdbx_refine_tls_group.id 
_pdbx_refine_tls_group.refine_tls_id 
_pdbx_refine_tls_group.beg_auth_asym_id 
_pdbx_refine_tls_group.beg_auth_seq_id 
_pdbx_refine_tls_group.end_auth_asym_id 
_pdbx_refine_tls_group.end_auth_seq_id 
_pdbx_refine_tls_group.selection_details 
_pdbx_refine_tls_group.beg_label_asym_id 
_pdbx_refine_tls_group.beg_label_seq_id 
_pdbx_refine_tls_group.end_label_asym_id 
_pdbx_refine_tls_group.end_label_seq_id 
_pdbx_refine_tls_group.selection 
'X-RAY DIFFRACTION' 1 1 A 5  A 14  ? ? ? ? ? ? 
'X-RAY DIFFRACTION' 2 2 A 15 A 35  ? ? ? ? ? ? 
'X-RAY DIFFRACTION' 3 3 A 36 A 60  ? ? ? ? ? ? 
'X-RAY DIFFRACTION' 4 4 A 61 A 81  ? ? ? ? ? ? 
'X-RAY DIFFRACTION' 5 5 A 82 A 97  ? ? ? ? ? ? 
'X-RAY DIFFRACTION' 6 6 A 98 A 106 ? ? ? ? ? ? 
# 
loop_
_software.citation_id 
_software.classification 
_software.compiler_name 
_software.compiler_version 
_software.contact_author 
_software.contact_author_email 
_software.date 
_software.description 
_software.dependencies 
_software.hardware 
_software.language 
_software.location 
_software.mods 
_software.name 
_software.os 
_software.os_version 
_software.type 
_software.version 
_software.pdbx_ordinal 
? 'data scaling'    ? ? ? ? ? ? ? ? ? ? ? SCALEPACK   ? ? ? .        1 
? refinement        ? ? ? ? ? ? ? ? ? ? ? REFMAC      ? ? ? 5.8.0103 2 
? 'data extraction' ? ? ? ? ? ? ? ? ? ? ? PDB_EXTRACT ? ? ? 3.20     3 
? 'data reduction'  ? ? ? ? ? ? ? ? ? ? ? DENZO       ? ? ? .        4 
? phasing           ? ? ? ? ? ? ? ? ? ? ? PHASER      ? ? ? 2.5.6    5 
# 
_pdbx_validate_torsion.id              1 
_pdbx_validate_torsion.PDB_model_num   1 
_pdbx_validate_torsion.auth_comp_id    LEU 
_pdbx_validate_torsion.auth_asym_id    A 
_pdbx_validate_torsion.auth_seq_id     98 
_pdbx_validate_torsion.PDB_ins_code    ? 
_pdbx_validate_torsion.label_alt_id    ? 
_pdbx_validate_torsion.phi             -67.72 
_pdbx_validate_torsion.psi             2.73 
# 
loop_
_pdbx_unobs_or_zero_occ_atoms.id 
_pdbx_unobs_or_zero_occ_atoms.PDB_model_num 
_pdbx_unobs_or_zero_occ_atoms.polymer_flag 
_pdbx_unobs_or_zero_occ_atoms.occupancy_flag 
_pdbx_unobs_or_zero_occ_atoms.auth_asym_id 
_pdbx_unobs_or_zero_occ_atoms.auth_comp_id 
_pdbx_unobs_or_zero_occ_atoms.auth_seq_id 
_pdbx_unobs_or_zero_occ_atoms.PDB_ins_code 
_pdbx_unobs_or_zero_occ_atoms.auth_atom_id 
_pdbx_unobs_or_zero_occ_atoms.label_alt_id 
_pdbx_unobs_or_zero_occ_atoms.label_asym_id 
_pdbx_unobs_or_zero_occ_atoms.label_comp_id 
_pdbx_unobs_or_zero_occ_atoms.label_seq_id 
_pdbx_unobs_or_zero_occ_atoms.label_atom_id 
1 1 Y 1 A ASP 4 ? CG  ? A ASP 4 CG  
2 1 Y 1 A ASP 4 ? OD1 ? A ASP 4 OD1 
3 1 Y 1 A ASP 4 ? OD2 ? A ASP 4 OD2 
# 
loop_
_pdbx_unobs_or_zero_occ_residues.id 
_pdbx_unobs_or_zero_occ_residues.PDB_model_num 
_pdbx_unobs_or_zero_occ_residues.polymer_flag 
_pdbx_unobs_or_zero_occ_residues.occupancy_flag 
_pdbx_unobs_or_zero_occ_residues.auth_asym_id 
_pdbx_unobs_or_zero_occ_residues.auth_comp_id 
_pdbx_unobs_or_zero_occ_residues.auth_seq_id 
_pdbx_unobs_or_zero_occ_residues.PDB_ins_code 
_pdbx_unobs_or_zero_occ_residues.label_asym_id 
_pdbx_unobs_or_zero_occ_residues.label_comp_id 
_pdbx_unobs_or_zero_occ_residues.label_seq_id 
1 1 Y 1 A MET 1   ? A MET 1   
2 1 Y 1 A ASN 2   ? A ASN 2   
3 1 Y 1 A VAL 3   ? A VAL 3   
4 1 Y 1 A ASN 107 ? A ASN 107 
5 1 Y 1 A ARG 108 ? A ARG 108 
6 1 Y 1 A GLU 109 ? A GLU 109 
7 1 Y 1 A SER 110 ? A SER 110 
8 1 Y 1 A ILE 111 ? A ILE 111 
# 
loop_
_chem_comp_atom.comp_id 
_chem_comp_atom.atom_id 
_chem_comp_atom.type_symbol 
_chem_comp_atom.pdbx_aromatic_flag 
_chem_comp_atom.pdbx_stereo_config 
_chem_comp_atom.pdbx_ordinal 
ALA N    N N N 1   
ALA CA   C N S 2   
ALA C    C N N 3   
ALA O    O N N 4   
ALA CB   C N N 5   
ALA OXT  O N N 6   
ALA H    H N N 7   
ALA H2   H N N 8   
ALA HA   H N N 9   
ALA HB1  H N N 10  
ALA HB2  H N N 11  
ALA HB3  H N N 12  
ALA HXT  H N N 13  
ARG N    N N N 14  
ARG CA   C N S 15  
ARG C    C N N 16  
ARG O    O N N 17  
ARG CB   C N N 18  
ARG CG   C N N 19  
ARG CD   C N N 20  
ARG NE   N N N 21  
ARG CZ   C N N 22  
ARG NH1  N N N 23  
ARG NH2  N N N 24  
ARG OXT  O N N 25  
ARG H    H N N 26  
ARG H2   H N N 27  
ARG HA   H N N 28  
ARG HB2  H N N 29  
ARG HB3  H N N 30  
ARG HG2  H N N 31  
ARG HG3  H N N 32  
ARG HD2  H N N 33  
ARG HD3  H N N 34  
ARG HE   H N N 35  
ARG HH11 H N N 36  
ARG HH12 H N N 37  
ARG HH21 H N N 38  
ARG HH22 H N N 39  
ARG HXT  H N N 40  
ASN N    N N N 41  
ASN CA   C N S 42  
ASN C    C N N 43  
ASN O    O N N 44  
ASN CB   C N N 45  
ASN CG   C N N 46  
ASN OD1  O N N 47  
ASN ND2  N N N 48  
ASN OXT  O N N 49  
ASN H    H N N 50  
ASN H2   H N N 51  
ASN HA   H N N 52  
ASN HB2  H N N 53  
ASN HB3  H N N 54  
ASN HD21 H N N 55  
ASN HD22 H N N 56  
ASN HXT  H N N 57  
ASP N    N N N 58  
ASP CA   C N S 59  
ASP C    C N N 60  
ASP O    O N N 61  
ASP CB   C N N 62  
ASP CG   C N N 63  
ASP OD1  O N N 64  
ASP OD2  O N N 65  
ASP OXT  O N N 66  
ASP H    H N N 67  
ASP H2   H N N 68  
ASP HA   H N N 69  
ASP HB2  H N N 70  
ASP HB3  H N N 71  
ASP HD2  H N N 72  
ASP HXT  H N N 73  
CYS N    N N N 74  
CYS CA   C N R 75  
CYS C    C N N 76  
CYS O    O N N 77  
CYS CB   C N N 78  
CYS SG   S N N 79  
CYS OXT  O N N 80  
CYS H    H N N 81  
CYS H2   H N N 82  
CYS HA   H N N 83  
CYS HB2  H N N 84  
CYS HB3  H N N 85  
CYS HG   H N N 86  
CYS HXT  H N N 87  
GLC C1   C N S 88  
GLC C2   C N R 89  
GLC C3   C N S 90  
GLC C4   C N S 91  
GLC C5   C N R 92  
GLC C6   C N N 93  
GLC O1   O N N 94  
GLC O2   O N N 95  
GLC O3   O N N 96  
GLC O4   O N N 97  
GLC O5   O N N 98  
GLC O6   O N N 99  
GLC H1   H N N 100 
GLC H2   H N N 101 
GLC H3   H N N 102 
GLC H4   H N N 103 
GLC H5   H N N 104 
GLC H61  H N N 105 
GLC H62  H N N 106 
GLC HO1  H N N 107 
GLC HO2  H N N 108 
GLC HO3  H N N 109 
GLC HO4  H N N 110 
GLC HO6  H N N 111 
GLN N    N N N 112 
GLN CA   C N S 113 
GLN C    C N N 114 
GLN O    O N N 115 
GLN CB   C N N 116 
GLN CG   C N N 117 
GLN CD   C N N 118 
GLN OE1  O N N 119 
GLN NE2  N N N 120 
GLN OXT  O N N 121 
GLN H    H N N 122 
GLN H2   H N N 123 
GLN HA   H N N 124 
GLN HB2  H N N 125 
GLN HB3  H N N 126 
GLN HG2  H N N 127 
GLN HG3  H N N 128 
GLN HE21 H N N 129 
GLN HE22 H N N 130 
GLN HXT  H N N 131 
GLU N    N N N 132 
GLU CA   C N S 133 
GLU C    C N N 134 
GLU O    O N N 135 
GLU CB   C N N 136 
GLU CG   C N N 137 
GLU CD   C N N 138 
GLU OE1  O N N 139 
GLU OE2  O N N 140 
GLU OXT  O N N 141 
GLU H    H N N 142 
GLU H2   H N N 143 
GLU HA   H N N 144 
GLU HB2  H N N 145 
GLU HB3  H N N 146 
GLU HG2  H N N 147 
GLU HG3  H N N 148 
GLU HE2  H N N 149 
GLU HXT  H N N 150 
GLY N    N N N 151 
GLY CA   C N N 152 
GLY C    C N N 153 
GLY O    O N N 154 
GLY OXT  O N N 155 
GLY H    H N N 156 
GLY H2   H N N 157 
GLY HA2  H N N 158 
GLY HA3  H N N 159 
GLY HXT  H N N 160 
HIS N    N N N 161 
HIS CA   C N S 162 
HIS C    C N N 163 
HIS O    O N N 164 
HIS CB   C N N 165 
HIS CG   C Y N 166 
HIS ND1  N Y N 167 
HIS CD2  C Y N 168 
HIS CE1  C Y N 169 
HIS NE2  N Y N 170 
HIS OXT  O N N 171 
HIS H    H N N 172 
HIS H2   H N N 173 
HIS HA   H N N 174 
HIS HB2  H N N 175 
HIS HB3  H N N 176 
HIS HD1  H N N 177 
HIS HD2  H N N 178 
HIS HE1  H N N 179 
HIS HE2  H N N 180 
HIS HXT  H N N 181 
HOH O    O N N 182 
HOH H1   H N N 183 
HOH H2   H N N 184 
ILE N    N N N 185 
ILE CA   C N S 186 
ILE C    C N N 187 
ILE O    O N N 188 
ILE CB   C N S 189 
ILE CG1  C N N 190 
ILE CG2  C N N 191 
ILE CD1  C N N 192 
ILE OXT  O N N 193 
ILE H    H N N 194 
ILE H2   H N N 195 
ILE HA   H N N 196 
ILE HB   H N N 197 
ILE HG12 H N N 198 
ILE HG13 H N N 199 
ILE HG21 H N N 200 
ILE HG22 H N N 201 
ILE HG23 H N N 202 
ILE HD11 H N N 203 
ILE HD12 H N N 204 
ILE HD13 H N N 205 
ILE HXT  H N N 206 
IPA C1   C N N 207 
IPA C2   C N N 208 
IPA C3   C N N 209 
IPA O2   O N N 210 
IPA H11  H N N 211 
IPA H12  H N N 212 
IPA H13  H N N 213 
IPA H2   H N N 214 
IPA H31  H N N 215 
IPA H32  H N N 216 
IPA H33  H N N 217 
IPA HO2  H N N 218 
LEU N    N N N 219 
LEU CA   C N S 220 
LEU C    C N N 221 
LEU O    O N N 222 
LEU CB   C N N 223 
LEU CG   C N N 224 
LEU CD1  C N N 225 
LEU CD2  C N N 226 
LEU OXT  O N N 227 
LEU H    H N N 228 
LEU H2   H N N 229 
LEU HA   H N N 230 
LEU HB2  H N N 231 
LEU HB3  H N N 232 
LEU HG   H N N 233 
LEU HD11 H N N 234 
LEU HD12 H N N 235 
LEU HD13 H N N 236 
LEU HD21 H N N 237 
LEU HD22 H N N 238 
LEU HD23 H N N 239 
LEU HXT  H N N 240 
LYS N    N N N 241 
LYS CA   C N S 242 
LYS C    C N N 243 
LYS O    O N N 244 
LYS CB   C N N 245 
LYS CG   C N N 246 
LYS CD   C N N 247 
LYS CE   C N N 248 
LYS NZ   N N N 249 
LYS OXT  O N N 250 
LYS H    H N N 251 
LYS H2   H N N 252 
LYS HA   H N N 253 
LYS HB2  H N N 254 
LYS HB3  H N N 255 
LYS HG2  H N N 256 
LYS HG3  H N N 257 
LYS HD2  H N N 258 
LYS HD3  H N N 259 
LYS HE2  H N N 260 
LYS HE3  H N N 261 
LYS HZ1  H N N 262 
LYS HZ2  H N N 263 
LYS HZ3  H N N 264 
LYS HXT  H N N 265 
MET N    N N N 266 
MET CA   C N S 267 
MET C    C N N 268 
MET O    O N N 269 
MET CB   C N N 270 
MET CG   C N N 271 
MET SD   S N N 272 
MET CE   C N N 273 
MET OXT  O N N 274 
MET H    H N N 275 
MET H2   H N N 276 
MET HA   H N N 277 
MET HB2  H N N 278 
MET HB3  H N N 279 
MET HG2  H N N 280 
MET HG3  H N N 281 
MET HE1  H N N 282 
MET HE2  H N N 283 
MET HE3  H N N 284 
MET HXT  H N N 285 
PHE N    N N N 286 
PHE CA   C N S 287 
PHE C    C N N 288 
PHE O    O N N 289 
PHE CB   C N N 290 
PHE CG   C Y N 291 
PHE CD1  C Y N 292 
PHE CD2  C Y N 293 
PHE CE1  C Y N 294 
PHE CE2  C Y N 295 
PHE CZ   C Y N 296 
PHE OXT  O N N 297 
PHE H    H N N 298 
PHE H2   H N N 299 
PHE HA   H N N 300 
PHE HB2  H N N 301 
PHE HB3  H N N 302 
PHE HD1  H N N 303 
PHE HD2  H N N 304 
PHE HE1  H N N 305 
PHE HE2  H N N 306 
PHE HZ   H N N 307 
PHE HXT  H N N 308 
PO4 P    P N N 309 
PO4 O1   O N N 310 
PO4 O2   O N N 311 
PO4 O3   O N N 312 
PO4 O4   O N N 313 
PRO N    N N N 314 
PRO CA   C N S 315 
PRO C    C N N 316 
PRO O    O N N 317 
PRO CB   C N N 318 
PRO CG   C N N 319 
PRO CD   C N N 320 
PRO OXT  O N N 321 
PRO H    H N N 322 
PRO HA   H N N 323 
PRO HB2  H N N 324 
PRO HB3  H N N 325 
PRO HG2  H N N 326 
PRO HG3  H N N 327 
PRO HD2  H N N 328 
PRO HD3  H N N 329 
PRO HXT  H N N 330 
SER N    N N N 331 
SER CA   C N S 332 
SER C    C N N 333 
SER O    O N N 334 
SER CB   C N N 335 
SER OG   O N N 336 
SER OXT  O N N 337 
SER H    H N N 338 
SER H2   H N N 339 
SER HA   H N N 340 
SER HB2  H N N 341 
SER HB3  H N N 342 
SER HG   H N N 343 
SER HXT  H N N 344 
THR N    N N N 345 
THR CA   C N S 346 
THR C    C N N 347 
THR O    O N N 348 
THR CB   C N R 349 
THR OG1  O N N 350 
THR CG2  C N N 351 
THR OXT  O N N 352 
THR H    H N N 353 
THR H2   H N N 354 
THR HA   H N N 355 
THR HB   H N N 356 
THR HG1  H N N 357 
THR HG21 H N N 358 
THR HG22 H N N 359 
THR HG23 H N N 360 
THR HXT  H N N 361 
TRP N    N N N 362 
TRP CA   C N S 363 
TRP C    C N N 364 
TRP O    O N N 365 
TRP CB   C N N 366 
TRP CG   C Y N 367 
TRP CD1  C Y N 368 
TRP CD2  C Y N 369 
TRP NE1  N Y N 370 
TRP CE2  C Y N 371 
TRP CE3  C Y N 372 
TRP CZ2  C Y N 373 
TRP CZ3  C Y N 374 
TRP CH2  C Y N 375 
TRP OXT  O N N 376 
TRP H    H N N 377 
TRP H2   H N N 378 
TRP HA   H N N 379 
TRP HB2  H N N 380 
TRP HB3  H N N 381 
TRP HD1  H N N 382 
TRP HE1  H N N 383 
TRP HE3  H N N 384 
TRP HZ2  H N N 385 
TRP HZ3  H N N 386 
TRP HH2  H N N 387 
TRP HXT  H N N 388 
TYR N    N N N 389 
TYR CA   C N S 390 
TYR C    C N N 391 
TYR O    O N N 392 
TYR CB   C N N 393 
TYR CG   C Y N 394 
TYR CD1  C Y N 395 
TYR CD2  C Y N 396 
TYR CE1  C Y N 397 
TYR CE2  C Y N 398 
TYR CZ   C Y N 399 
TYR OH   O N N 400 
TYR OXT  O N N 401 
TYR H    H N N 402 
TYR H2   H N N 403 
TYR HA   H N N 404 
TYR HB2  H N N 405 
TYR HB3  H N N 406 
TYR HD1  H N N 407 
TYR HD2  H N N 408 
TYR HE1  H N N 409 
TYR HE2  H N N 410 
TYR HH   H N N 411 
TYR HXT  H N N 412 
VAL N    N N N 413 
VAL CA   C N S 414 
VAL C    C N N 415 
VAL O    O N N 416 
VAL CB   C N N 417 
VAL CG1  C N N 418 
VAL CG2  C N N 419 
VAL OXT  O N N 420 
VAL H    H N N 421 
VAL H2   H N N 422 
VAL HA   H N N 423 
VAL HB   H N N 424 
VAL HG11 H N N 425 
VAL HG12 H N N 426 
VAL HG13 H N N 427 
VAL HG21 H N N 428 
VAL HG22 H N N 429 
VAL HG23 H N N 430 
VAL HXT  H N N 431 
# 
loop_
_chem_comp_bond.comp_id 
_chem_comp_bond.atom_id_1 
_chem_comp_bond.atom_id_2 
_chem_comp_bond.value_order 
_chem_comp_bond.pdbx_aromatic_flag 
_chem_comp_bond.pdbx_stereo_config 
_chem_comp_bond.pdbx_ordinal 
ALA N   CA   sing N N 1   
ALA N   H    sing N N 2   
ALA N   H2   sing N N 3   
ALA CA  C    sing N N 4   
ALA CA  CB   sing N N 5   
ALA CA  HA   sing N N 6   
ALA C   O    doub N N 7   
ALA C   OXT  sing N N 8   
ALA CB  HB1  sing N N 9   
ALA CB  HB2  sing N N 10  
ALA CB  HB3  sing N N 11  
ALA OXT HXT  sing N N 12  
ARG N   CA   sing N N 13  
ARG N   H    sing N N 14  
ARG N   H2   sing N N 15  
ARG CA  C    sing N N 16  
ARG CA  CB   sing N N 17  
ARG CA  HA   sing N N 18  
ARG C   O    doub N N 19  
ARG C   OXT  sing N N 20  
ARG CB  CG   sing N N 21  
ARG CB  HB2  sing N N 22  
ARG CB  HB3  sing N N 23  
ARG CG  CD   sing N N 24  
ARG CG  HG2  sing N N 25  
ARG CG  HG3  sing N N 26  
ARG CD  NE   sing N N 27  
ARG CD  HD2  sing N N 28  
ARG CD  HD3  sing N N 29  
ARG NE  CZ   sing N N 30  
ARG NE  HE   sing N N 31  
ARG CZ  NH1  sing N N 32  
ARG CZ  NH2  doub N N 33  
ARG NH1 HH11 sing N N 34  
ARG NH1 HH12 sing N N 35  
ARG NH2 HH21 sing N N 36  
ARG NH2 HH22 sing N N 37  
ARG OXT HXT  sing N N 38  
ASN N   CA   sing N N 39  
ASN N   H    sing N N 40  
ASN N   H2   sing N N 41  
ASN CA  C    sing N N 42  
ASN CA  CB   sing N N 43  
ASN CA  HA   sing N N 44  
ASN C   O    doub N N 45  
ASN C   OXT  sing N N 46  
ASN CB  CG   sing N N 47  
ASN CB  HB2  sing N N 48  
ASN CB  HB3  sing N N 49  
ASN CG  OD1  doub N N 50  
ASN CG  ND2  sing N N 51  
ASN ND2 HD21 sing N N 52  
ASN ND2 HD22 sing N N 53  
ASN OXT HXT  sing N N 54  
ASP N   CA   sing N N 55  
ASP N   H    sing N N 56  
ASP N   H2   sing N N 57  
ASP CA  C    sing N N 58  
ASP CA  CB   sing N N 59  
ASP CA  HA   sing N N 60  
ASP C   O    doub N N 61  
ASP C   OXT  sing N N 62  
ASP CB  CG   sing N N 63  
ASP CB  HB2  sing N N 64  
ASP CB  HB3  sing N N 65  
ASP CG  OD1  doub N N 66  
ASP CG  OD2  sing N N 67  
ASP OD2 HD2  sing N N 68  
ASP OXT HXT  sing N N 69  
CYS N   CA   sing N N 70  
CYS N   H    sing N N 71  
CYS N   H2   sing N N 72  
CYS CA  C    sing N N 73  
CYS CA  CB   sing N N 74  
CYS CA  HA   sing N N 75  
CYS C   O    doub N N 76  
CYS C   OXT  sing N N 77  
CYS CB  SG   sing N N 78  
CYS CB  HB2  sing N N 79  
CYS CB  HB3  sing N N 80  
CYS SG  HG   sing N N 81  
CYS OXT HXT  sing N N 82  
GLC C1  C2   sing N N 83  
GLC C1  O1   sing N N 84  
GLC C1  O5   sing N N 85  
GLC C1  H1   sing N N 86  
GLC C2  C3   sing N N 87  
GLC C2  O2   sing N N 88  
GLC C2  H2   sing N N 89  
GLC C3  C4   sing N N 90  
GLC C3  O3   sing N N 91  
GLC C3  H3   sing N N 92  
GLC C4  C5   sing N N 93  
GLC C4  O4   sing N N 94  
GLC C4  H4   sing N N 95  
GLC C5  C6   sing N N 96  
GLC C5  O5   sing N N 97  
GLC C5  H5   sing N N 98  
GLC C6  O6   sing N N 99  
GLC C6  H61  sing N N 100 
GLC C6  H62  sing N N 101 
GLC O1  HO1  sing N N 102 
GLC O2  HO2  sing N N 103 
GLC O3  HO3  sing N N 104 
GLC O4  HO4  sing N N 105 
GLC O6  HO6  sing N N 106 
GLN N   CA   sing N N 107 
GLN N   H    sing N N 108 
GLN N   H2   sing N N 109 
GLN CA  C    sing N N 110 
GLN CA  CB   sing N N 111 
GLN CA  HA   sing N N 112 
GLN C   O    doub N N 113 
GLN C   OXT  sing N N 114 
GLN CB  CG   sing N N 115 
GLN CB  HB2  sing N N 116 
GLN CB  HB3  sing N N 117 
GLN CG  CD   sing N N 118 
GLN CG  HG2  sing N N 119 
GLN CG  HG3  sing N N 120 
GLN CD  OE1  doub N N 121 
GLN CD  NE2  sing N N 122 
GLN NE2 HE21 sing N N 123 
GLN NE2 HE22 sing N N 124 
GLN OXT HXT  sing N N 125 
GLU N   CA   sing N N 126 
GLU N   H    sing N N 127 
GLU N   H2   sing N N 128 
GLU CA  C    sing N N 129 
GLU CA  CB   sing N N 130 
GLU CA  HA   sing N N 131 
GLU C   O    doub N N 132 
GLU C   OXT  sing N N 133 
GLU CB  CG   sing N N 134 
GLU CB  HB2  sing N N 135 
GLU CB  HB3  sing N N 136 
GLU CG  CD   sing N N 137 
GLU CG  HG2  sing N N 138 
GLU CG  HG3  sing N N 139 
GLU CD  OE1  doub N N 140 
GLU CD  OE2  sing N N 141 
GLU OE2 HE2  sing N N 142 
GLU OXT HXT  sing N N 143 
GLY N   CA   sing N N 144 
GLY N   H    sing N N 145 
GLY N   H2   sing N N 146 
GLY CA  C    sing N N 147 
GLY CA  HA2  sing N N 148 
GLY CA  HA3  sing N N 149 
GLY C   O    doub N N 150 
GLY C   OXT  sing N N 151 
GLY OXT HXT  sing N N 152 
HIS N   CA   sing N N 153 
HIS N   H    sing N N 154 
HIS N   H2   sing N N 155 
HIS CA  C    sing N N 156 
HIS CA  CB   sing N N 157 
HIS CA  HA   sing N N 158 
HIS C   O    doub N N 159 
HIS C   OXT  sing N N 160 
HIS CB  CG   sing N N 161 
HIS CB  HB2  sing N N 162 
HIS CB  HB3  sing N N 163 
HIS CG  ND1  sing Y N 164 
HIS CG  CD2  doub Y N 165 
HIS ND1 CE1  doub Y N 166 
HIS ND1 HD1  sing N N 167 
HIS CD2 NE2  sing Y N 168 
HIS CD2 HD2  sing N N 169 
HIS CE1 NE2  sing Y N 170 
HIS CE1 HE1  sing N N 171 
HIS NE2 HE2  sing N N 172 
HIS OXT HXT  sing N N 173 
HOH O   H1   sing N N 174 
HOH O   H2   sing N N 175 
ILE N   CA   sing N N 176 
ILE N   H    sing N N 177 
ILE N   H2   sing N N 178 
ILE CA  C    sing N N 179 
ILE CA  CB   sing N N 180 
ILE CA  HA   sing N N 181 
ILE C   O    doub N N 182 
ILE C   OXT  sing N N 183 
ILE CB  CG1  sing N N 184 
ILE CB  CG2  sing N N 185 
ILE CB  HB   sing N N 186 
ILE CG1 CD1  sing N N 187 
ILE CG1 HG12 sing N N 188 
ILE CG1 HG13 sing N N 189 
ILE CG2 HG21 sing N N 190 
ILE CG2 HG22 sing N N 191 
ILE CG2 HG23 sing N N 192 
ILE CD1 HD11 sing N N 193 
ILE CD1 HD12 sing N N 194 
ILE CD1 HD13 sing N N 195 
ILE OXT HXT  sing N N 196 
IPA C1  C2   sing N N 197 
IPA C1  H11  sing N N 198 
IPA C1  H12  sing N N 199 
IPA C1  H13  sing N N 200 
IPA C2  C3   sing N N 201 
IPA C2  O2   sing N N 202 
IPA C2  H2   sing N N 203 
IPA C3  H31  sing N N 204 
IPA C3  H32  sing N N 205 
IPA C3  H33  sing N N 206 
IPA O2  HO2  sing N N 207 
LEU N   CA   sing N N 208 
LEU N   H    sing N N 209 
LEU N   H2   sing N N 210 
LEU CA  C    sing N N 211 
LEU CA  CB   sing N N 212 
LEU CA  HA   sing N N 213 
LEU C   O    doub N N 214 
LEU C   OXT  sing N N 215 
LEU CB  CG   sing N N 216 
LEU CB  HB2  sing N N 217 
LEU CB  HB3  sing N N 218 
LEU CG  CD1  sing N N 219 
LEU CG  CD2  sing N N 220 
LEU CG  HG   sing N N 221 
LEU CD1 HD11 sing N N 222 
LEU CD1 HD12 sing N N 223 
LEU CD1 HD13 sing N N 224 
LEU CD2 HD21 sing N N 225 
LEU CD2 HD22 sing N N 226 
LEU CD2 HD23 sing N N 227 
LEU OXT HXT  sing N N 228 
LYS N   CA   sing N N 229 
LYS N   H    sing N N 230 
LYS N   H2   sing N N 231 
LYS CA  C    sing N N 232 
LYS CA  CB   sing N N 233 
LYS CA  HA   sing N N 234 
LYS C   O    doub N N 235 
LYS C   OXT  sing N N 236 
LYS CB  CG   sing N N 237 
LYS CB  HB2  sing N N 238 
LYS CB  HB3  sing N N 239 
LYS CG  CD   sing N N 240 
LYS CG  HG2  sing N N 241 
LYS CG  HG3  sing N N 242 
LYS CD  CE   sing N N 243 
LYS CD  HD2  sing N N 244 
LYS CD  HD3  sing N N 245 
LYS CE  NZ   sing N N 246 
LYS CE  HE2  sing N N 247 
LYS CE  HE3  sing N N 248 
LYS NZ  HZ1  sing N N 249 
LYS NZ  HZ2  sing N N 250 
LYS NZ  HZ3  sing N N 251 
LYS OXT HXT  sing N N 252 
MET N   CA   sing N N 253 
MET N   H    sing N N 254 
MET N   H2   sing N N 255 
MET CA  C    sing N N 256 
MET CA  CB   sing N N 257 
MET CA  HA   sing N N 258 
MET C   O    doub N N 259 
MET C   OXT  sing N N 260 
MET CB  CG   sing N N 261 
MET CB  HB2  sing N N 262 
MET CB  HB3  sing N N 263 
MET CG  SD   sing N N 264 
MET CG  HG2  sing N N 265 
MET CG  HG3  sing N N 266 
MET SD  CE   sing N N 267 
MET CE  HE1  sing N N 268 
MET CE  HE2  sing N N 269 
MET CE  HE3  sing N N 270 
MET OXT HXT  sing N N 271 
PHE N   CA   sing N N 272 
PHE N   H    sing N N 273 
PHE N   H2   sing N N 274 
PHE CA  C    sing N N 275 
PHE CA  CB   sing N N 276 
PHE CA  HA   sing N N 277 
PHE C   O    doub N N 278 
PHE C   OXT  sing N N 279 
PHE CB  CG   sing N N 280 
PHE CB  HB2  sing N N 281 
PHE CB  HB3  sing N N 282 
PHE CG  CD1  doub Y N 283 
PHE CG  CD2  sing Y N 284 
PHE CD1 CE1  sing Y N 285 
PHE CD1 HD1  sing N N 286 
PHE CD2 CE2  doub Y N 287 
PHE CD2 HD2  sing N N 288 
PHE CE1 CZ   doub Y N 289 
PHE CE1 HE1  sing N N 290 
PHE CE2 CZ   sing Y N 291 
PHE CE2 HE2  sing N N 292 
PHE CZ  HZ   sing N N 293 
PHE OXT HXT  sing N N 294 
PO4 P   O1   doub N N 295 
PO4 P   O2   sing N N 296 
PO4 P   O3   sing N N 297 
PO4 P   O4   sing N N 298 
PRO N   CA   sing N N 299 
PRO N   CD   sing N N 300 
PRO N   H    sing N N 301 
PRO CA  C    sing N N 302 
PRO CA  CB   sing N N 303 
PRO CA  HA   sing N N 304 
PRO C   O    doub N N 305 
PRO C   OXT  sing N N 306 
PRO CB  CG   sing N N 307 
PRO CB  HB2  sing N N 308 
PRO CB  HB3  sing N N 309 
PRO CG  CD   sing N N 310 
PRO CG  HG2  sing N N 311 
PRO CG  HG3  sing N N 312 
PRO CD  HD2  sing N N 313 
PRO CD  HD3  sing N N 314 
PRO OXT HXT  sing N N 315 
SER N   CA   sing N N 316 
SER N   H    sing N N 317 
SER N   H2   sing N N 318 
SER CA  C    sing N N 319 
SER CA  CB   sing N N 320 
SER CA  HA   sing N N 321 
SER C   O    doub N N 322 
SER C   OXT  sing N N 323 
SER CB  OG   sing N N 324 
SER CB  HB2  sing N N 325 
SER CB  HB3  sing N N 326 
SER OG  HG   sing N N 327 
SER OXT HXT  sing N N 328 
THR N   CA   sing N N 329 
THR N   H    sing N N 330 
THR N   H2   sing N N 331 
THR CA  C    sing N N 332 
THR CA  CB   sing N N 333 
THR CA  HA   sing N N 334 
THR C   O    doub N N 335 
THR C   OXT  sing N N 336 
THR CB  OG1  sing N N 337 
THR CB  CG2  sing N N 338 
THR CB  HB   sing N N 339 
THR OG1 HG1  sing N N 340 
THR CG2 HG21 sing N N 341 
THR CG2 HG22 sing N N 342 
THR CG2 HG23 sing N N 343 
THR OXT HXT  sing N N 344 
TRP N   CA   sing N N 345 
TRP N   H    sing N N 346 
TRP N   H2   sing N N 347 
TRP CA  C    sing N N 348 
TRP CA  CB   sing N N 349 
TRP CA  HA   sing N N 350 
TRP C   O    doub N N 351 
TRP C   OXT  sing N N 352 
TRP CB  CG   sing N N 353 
TRP CB  HB2  sing N N 354 
TRP CB  HB3  sing N N 355 
TRP CG  CD1  doub Y N 356 
TRP CG  CD2  sing Y N 357 
TRP CD1 NE1  sing Y N 358 
TRP CD1 HD1  sing N N 359 
TRP CD2 CE2  doub Y N 360 
TRP CD2 CE3  sing Y N 361 
TRP NE1 CE2  sing Y N 362 
TRP NE1 HE1  sing N N 363 
TRP CE2 CZ2  sing Y N 364 
TRP CE3 CZ3  doub Y N 365 
TRP CE3 HE3  sing N N 366 
TRP CZ2 CH2  doub Y N 367 
TRP CZ2 HZ2  sing N N 368 
TRP CZ3 CH2  sing Y N 369 
TRP CZ3 HZ3  sing N N 370 
TRP CH2 HH2  sing N N 371 
TRP OXT HXT  sing N N 372 
TYR N   CA   sing N N 373 
TYR N   H    sing N N 374 
TYR N   H2   sing N N 375 
TYR CA  C    sing N N 376 
TYR CA  CB   sing N N 377 
TYR CA  HA   sing N N 378 
TYR C   O    doub N N 379 
TYR C   OXT  sing N N 380 
TYR CB  CG   sing N N 381 
TYR CB  HB2  sing N N 382 
TYR CB  HB3  sing N N 383 
TYR CG  CD1  doub Y N 384 
TYR CG  CD2  sing Y N 385 
TYR CD1 CE1  sing Y N 386 
TYR CD1 HD1  sing N N 387 
TYR CD2 CE2  doub Y N 388 
TYR CD2 HD2  sing N N 389 
TYR CE1 CZ   doub Y N 390 
TYR CE1 HE1  sing N N 391 
TYR CE2 CZ   sing Y N 392 
TYR CE2 HE2  sing N N 393 
TYR CZ  OH   sing N N 394 
TYR OH  HH   sing N N 395 
TYR OXT HXT  sing N N 396 
VAL N   CA   sing N N 397 
VAL N   H    sing N N 398 
VAL N   H2   sing N N 399 
VAL CA  C    sing N N 400 
VAL CA  CB   sing N N 401 
VAL CA  HA   sing N N 402 
VAL C   O    doub N N 403 
VAL C   OXT  sing N N 404 
VAL CB  CG1  sing N N 405 
VAL CB  CG2  sing N N 406 
VAL CB  HB   sing N N 407 
VAL CG1 HG11 sing N N 408 
VAL CG1 HG12 sing N N 409 
VAL CG1 HG13 sing N N 410 
VAL CG2 HG21 sing N N 411 
VAL CG2 HG22 sing N N 412 
VAL CG2 HG23 sing N N 413 
VAL OXT HXT  sing N N 414 
# 
_pdbx_audit_support.funding_organization   'National research foundation of korea' 
_pdbx_audit_support.country                'Korea, Republic Of' 
_pdbx_audit_support.grant_number           2015R1D1A1A01057574 
_pdbx_audit_support.ordinal                1 
# 
loop_
_pdbx_chem_comp_identifier.comp_id 
_pdbx_chem_comp_identifier.type 
_pdbx_chem_comp_identifier.program 
_pdbx_chem_comp_identifier.program_version 
_pdbx_chem_comp_identifier.identifier 
GLC 'CONDENSED IUPAC CARBOHYDRATE SYMBOL' GMML     1.0 DGlcpa            
GLC 'COMMON NAME'                         GMML     1.0 a-D-glucopyranose 
GLC 'IUPAC CARBOHYDRATE SYMBOL'           PDB-CARE 1.0 a-D-Glcp          
GLC 'SNFG CARBOHYDRATE SYMBOL'            GMML     1.0 Glc               
# 
loop_
_pdbx_entity_nonpoly.entity_id 
_pdbx_entity_nonpoly.name 
_pdbx_entity_nonpoly.comp_id 
2 'PHOSPHATE ION'       PO4 
3 alpha-D-glucopyranose GLC 
4 'ISOPROPYL ALCOHOL'   IPA 
5 water                 HOH 
# 
_pdbx_initial_refinement_model.id               1 
_pdbx_initial_refinement_model.entity_id_list   ? 
_pdbx_initial_refinement_model.type             'experimental model' 
_pdbx_initial_refinement_model.source_name      PDB 
_pdbx_initial_refinement_model.accession_code   4EJO 
_pdbx_initial_refinement_model.details          ? 
# 
